data_2N2Y
#
_entry.id   2N2Y
#
_entity_poly.entity_id   1
_entity_poly.type   'polypeptide(L)'
_entity_poly.pdbx_seq_one_letter_code
;GSHMMATSDVKPKSISRAKKWSEEIENLYRFQQAGYRDEIEYKQVKQVAMVDRWPETGYVKKLQRRDNTFFYYNKERECE
DKEVHKVKVYVY
;
_entity_poly.pdbx_strand_id   A
#
# COMPACT_ATOMS: atom_id res chain seq x y z
N GLY A 1 2.45 -26.87 -19.43
CA GLY A 1 1.44 -26.97 -18.34
C GLY A 1 1.45 -25.68 -17.52
N SER A 2 1.64 -24.56 -18.19
CA SER A 2 1.68 -23.27 -17.52
C SER A 2 2.58 -23.33 -16.28
N HIS A 3 2.07 -22.81 -15.16
CA HIS A 3 2.85 -22.82 -13.93
C HIS A 3 1.92 -22.92 -12.72
N MET A 4 2.33 -23.70 -11.73
CA MET A 4 1.51 -23.88 -10.52
C MET A 4 1.25 -22.54 -9.85
N MET A 5 0.44 -22.56 -8.80
CA MET A 5 0.11 -21.33 -8.08
C MET A 5 1.26 -20.93 -7.16
N ALA A 6 1.51 -19.63 -7.08
CA ALA A 6 2.59 -19.11 -6.23
C ALA A 6 2.26 -19.35 -4.76
N THR A 7 3.29 -19.70 -3.99
CA THR A 7 3.09 -19.95 -2.56
C THR A 7 3.65 -18.80 -1.73
N SER A 8 4.56 -18.04 -2.31
CA SER A 8 5.16 -16.91 -1.62
C SER A 8 4.36 -15.64 -1.86
N ASP A 9 3.55 -15.65 -2.91
CA ASP A 9 2.73 -14.48 -3.24
C ASP A 9 1.26 -14.86 -3.27
N VAL A 10 0.43 -14.05 -2.61
CA VAL A 10 -1.00 -14.31 -2.57
C VAL A 10 -1.77 -13.16 -3.22
N LYS A 11 -2.54 -13.49 -4.25
CA LYS A 11 -3.33 -12.49 -4.96
C LYS A 11 -4.53 -12.06 -4.14
N PRO A 12 -5.00 -10.86 -4.36
CA PRO A 12 -6.18 -10.32 -3.62
C PRO A 12 -7.46 -11.10 -3.92
N LYS A 13 -8.27 -11.31 -2.88
CA LYS A 13 -9.51 -12.05 -3.04
C LYS A 13 -10.60 -11.16 -3.62
N SER A 14 -10.71 -9.95 -3.10
CA SER A 14 -11.72 -9.00 -3.56
C SER A 14 -11.35 -7.58 -3.17
N ILE A 15 -12.15 -6.62 -3.62
CA ILE A 15 -11.90 -5.21 -3.29
C ILE A 15 -13.13 -4.59 -2.64
N SER A 16 -12.93 -3.99 -1.48
CA SER A 16 -14.02 -3.34 -0.75
C SER A 16 -13.77 -1.85 -0.60
N ARG A 17 -14.72 -1.15 -0.02
CA ARG A 17 -14.60 0.29 0.18
C ARG A 17 -14.42 0.61 1.66
N ALA A 18 -13.39 1.39 1.98
CA ALA A 18 -13.12 1.76 3.36
C ALA A 18 -14.28 2.56 3.92
N LYS A 19 -14.60 2.33 5.20
CA LYS A 19 -15.70 3.03 5.85
C LYS A 19 -15.19 4.23 6.63
N LYS A 20 -14.08 4.04 7.34
CA LYS A 20 -13.48 5.12 8.13
C LYS A 20 -11.99 5.21 7.88
N TRP A 21 -11.31 6.03 8.67
CA TRP A 21 -9.87 6.19 8.55
C TRP A 21 -9.12 5.33 9.57
N SER A 22 -8.22 4.48 9.07
CA SER A 22 -7.45 3.60 9.94
C SER A 22 -6.12 3.23 9.27
N GLU A 23 -5.12 2.91 10.09
CA GLU A 23 -3.81 2.55 9.57
C GLU A 23 -3.95 1.61 8.38
N GLU A 24 -5.02 0.81 8.38
CA GLU A 24 -5.26 -0.12 7.28
C GLU A 24 -5.63 0.64 6.01
N ILE A 25 -6.45 1.67 6.15
CA ILE A 25 -6.88 2.46 5.00
C ILE A 25 -5.78 3.41 4.57
N GLU A 26 -5.41 4.32 5.46
CA GLU A 26 -4.36 5.30 5.14
C GLU A 26 -3.20 4.61 4.43
N ASN A 27 -2.77 3.48 4.98
CA ASN A 27 -1.67 2.73 4.37
C ASN A 27 -2.03 2.29 2.95
N LEU A 28 -3.21 1.67 2.80
CA LEU A 28 -3.64 1.21 1.49
C LEU A 28 -3.64 2.35 0.49
N TYR A 29 -4.05 3.52 0.93
CA TYR A 29 -4.06 4.69 0.06
C TYR A 29 -2.65 4.98 -0.46
N ARG A 30 -1.68 5.01 0.45
CA ARG A 30 -0.31 5.30 0.07
C ARG A 30 0.21 4.24 -0.90
N PHE A 31 0.03 2.97 -0.53
CA PHE A 31 0.48 1.87 -1.38
C PHE A 31 -0.27 1.86 -2.70
N GLN A 32 -1.59 1.93 -2.63
CA GLN A 32 -2.41 1.93 -3.84
C GLN A 32 -1.95 3.03 -4.78
N GLN A 33 -1.65 4.19 -4.24
CA GLN A 33 -1.19 5.32 -5.06
C GLN A 33 0.09 4.94 -5.80
N ALA A 34 0.99 4.25 -5.12
CA ALA A 34 2.25 3.84 -5.72
C ALA A 34 2.00 2.79 -6.80
N GLY A 35 0.81 2.20 -6.79
CA GLY A 35 0.45 1.19 -7.77
C GLY A 35 0.49 -0.21 -7.16
N TYR A 36 0.67 -0.28 -5.85
CA TYR A 36 0.71 -1.56 -5.16
C TYR A 36 -0.59 -1.80 -4.40
N ARG A 37 -0.99 -3.06 -4.32
CA ARG A 37 -2.22 -3.42 -3.61
C ARG A 37 -1.96 -3.50 -2.11
N ASP A 38 -0.77 -3.96 -1.74
CA ASP A 38 -0.41 -4.09 -0.34
C ASP A 38 1.11 -4.20 -0.19
N GLU A 39 1.58 -4.10 1.04
CA GLU A 39 3.01 -4.18 1.31
C GLU A 39 3.62 -5.38 0.59
N ILE A 40 2.85 -6.46 0.49
CA ILE A 40 3.34 -7.67 -0.15
C ILE A 40 3.85 -7.37 -1.56
N GLU A 41 3.03 -6.68 -2.33
CA GLU A 41 3.41 -6.34 -3.70
C GLU A 41 4.62 -5.41 -3.72
N TYR A 42 4.65 -4.48 -2.77
CA TYR A 42 5.76 -3.54 -2.67
C TYR A 42 7.07 -4.26 -2.40
N LYS A 43 7.06 -5.17 -1.43
CA LYS A 43 8.26 -5.89 -1.05
C LYS A 43 8.83 -6.66 -2.23
N GLN A 44 7.95 -7.27 -3.01
CA GLN A 44 8.37 -8.04 -4.16
C GLN A 44 9.08 -7.15 -5.18
N VAL A 45 8.56 -5.93 -5.36
CA VAL A 45 9.15 -5.00 -6.31
C VAL A 45 10.58 -4.66 -5.92
N LYS A 46 10.79 -4.39 -4.64
CA LYS A 46 12.12 -4.04 -4.15
C LYS A 46 12.79 -5.25 -3.50
N GLN A 47 12.12 -6.38 -3.56
CA GLN A 47 12.66 -7.60 -2.97
C GLN A 47 13.21 -7.34 -1.58
N VAL A 48 12.37 -6.79 -0.71
CA VAL A 48 12.77 -6.48 0.66
C VAL A 48 11.82 -7.14 1.66
N ALA A 49 11.99 -6.80 2.93
CA ALA A 49 11.14 -7.37 3.98
C ALA A 49 10.70 -6.29 4.95
N MET A 50 11.57 -5.31 5.19
CA MET A 50 11.26 -4.23 6.12
C MET A 50 10.95 -2.94 5.36
N VAL A 51 9.87 -2.28 5.77
CA VAL A 51 9.47 -1.03 5.12
C VAL A 51 9.77 0.15 6.04
N ASP A 52 10.30 1.23 5.47
CA ASP A 52 10.62 2.41 6.25
C ASP A 52 9.37 3.02 6.86
N ARG A 53 9.35 3.08 8.19
CA ARG A 53 8.20 3.64 8.89
C ARG A 53 8.66 4.47 10.08
N TRP A 54 7.78 5.37 10.55
CA TRP A 54 8.11 6.21 11.68
C TRP A 54 7.57 5.60 12.98
N PRO A 55 8.32 5.70 14.05
CA PRO A 55 7.89 5.15 15.37
C PRO A 55 6.69 5.90 15.94
N GLU A 56 6.60 7.18 15.63
CA GLU A 56 5.51 8.00 16.14
C GLU A 56 4.16 7.32 15.90
N THR A 57 3.91 6.93 14.66
CA THR A 57 2.65 6.27 14.31
C THR A 57 2.90 4.95 13.59
N GLY A 58 3.97 4.91 12.80
CA GLY A 58 4.31 3.70 12.07
C GLY A 58 3.87 3.78 10.62
N TYR A 59 3.68 5.01 10.14
CA TYR A 59 3.25 5.23 8.76
C TYR A 59 4.46 5.14 7.83
N VAL A 60 4.18 4.85 6.55
CA VAL A 60 5.25 4.73 5.57
C VAL A 60 5.92 6.07 5.33
N LYS A 61 7.25 6.10 5.44
CA LYS A 61 8.00 7.33 5.23
C LYS A 61 8.03 7.69 3.74
N LYS A 62 8.27 6.69 2.90
CA LYS A 62 8.32 6.91 1.46
C LYS A 62 8.04 5.62 0.71
N LEU A 63 7.50 5.75 -0.50
CA LEU A 63 7.19 4.58 -1.32
C LEU A 63 7.39 4.88 -2.80
N GLN A 64 8.10 3.99 -3.48
CA GLN A 64 8.36 4.16 -4.91
C GLN A 64 7.13 3.75 -5.71
N ARG A 65 6.72 4.61 -6.62
CA ARG A 65 5.52 4.36 -7.44
C ARG A 65 5.86 3.39 -8.59
N ARG A 66 4.82 3.00 -9.32
CA ARG A 66 5.01 2.10 -10.45
C ARG A 66 5.79 2.79 -11.57
N ASP A 67 5.87 4.11 -11.50
CA ASP A 67 6.58 4.88 -12.52
C ASP A 67 8.05 5.00 -12.18
N ASN A 68 8.46 4.36 -11.08
CA ASN A 68 9.85 4.39 -10.66
C ASN A 68 10.19 5.76 -10.07
N THR A 69 9.26 6.34 -9.34
CA THR A 69 9.47 7.64 -8.72
C THR A 69 9.24 7.57 -7.22
N PHE A 70 10.18 8.13 -6.45
CA PHE A 70 10.06 8.13 -5.00
C PHE A 70 9.06 9.19 -4.54
N PHE A 71 8.04 8.75 -3.79
CA PHE A 71 7.02 9.67 -3.30
C PHE A 71 7.06 9.74 -1.79
N TYR A 72 7.29 10.95 -1.26
CA TYR A 72 7.35 11.14 0.19
C TYR A 72 5.95 11.26 0.78
N TYR A 73 5.73 10.56 1.88
CA TYR A 73 4.42 10.58 2.54
C TYR A 73 4.50 11.32 3.87
N ASN A 74 3.38 11.91 4.29
CA ASN A 74 3.32 12.64 5.55
C ASN A 74 2.83 11.73 6.67
N LYS A 75 3.73 11.39 7.59
CA LYS A 75 3.36 10.55 8.72
C LYS A 75 2.26 11.20 9.55
N GLU A 76 2.20 12.52 9.51
CA GLU A 76 1.20 13.25 10.28
C GLU A 76 -0.17 13.10 9.63
N ARG A 77 -0.70 11.88 9.61
CA ARG A 77 -1.98 11.61 9.02
C ARG A 77 -2.21 12.51 7.80
N GLU A 78 -2.48 11.89 6.66
CA GLU A 78 -2.73 12.64 5.44
C GLU A 78 -4.09 12.28 4.84
N CYS A 79 -4.57 11.09 5.17
CA CYS A 79 -5.85 10.63 4.64
C CYS A 79 -7.01 11.21 5.43
N GLU A 80 -7.98 11.76 4.72
CA GLU A 80 -9.16 12.35 5.38
C GLU A 80 -10.41 11.54 5.06
N ASP A 81 -11.48 11.79 5.81
CA ASP A 81 -12.74 11.07 5.59
C ASP A 81 -13.09 11.08 4.11
N LYS A 82 -12.76 12.17 3.42
CA LYS A 82 -13.05 12.29 2.00
C LYS A 82 -12.27 11.23 1.21
N GLU A 83 -11.09 10.85 1.74
CA GLU A 83 -10.27 9.84 1.08
C GLU A 83 -10.75 8.45 1.43
N VAL A 84 -11.28 8.28 2.64
CA VAL A 84 -11.78 6.98 3.08
C VAL A 84 -12.79 6.46 2.05
N HIS A 85 -13.75 7.30 1.69
CA HIS A 85 -14.78 6.89 0.74
C HIS A 85 -14.17 6.69 -0.65
N LYS A 86 -13.27 7.59 -1.02
CA LYS A 86 -12.62 7.49 -2.33
C LYS A 86 -11.57 6.36 -2.34
N VAL A 87 -11.09 6.01 -1.16
CA VAL A 87 -10.08 4.97 -1.04
C VAL A 87 -10.72 3.59 -0.90
N LYS A 88 -10.16 2.62 -1.63
CA LYS A 88 -10.68 1.26 -1.59
C LYS A 88 -9.80 0.39 -0.69
N VAL A 89 -10.31 -0.78 -0.31
CA VAL A 89 -9.57 -1.69 0.55
C VAL A 89 -9.48 -3.07 -0.10
N TYR A 90 -8.26 -3.58 -0.19
CA TYR A 90 -8.04 -4.90 -0.80
C TYR A 90 -8.09 -5.99 0.28
N VAL A 91 -8.75 -7.10 -0.05
CA VAL A 91 -8.85 -8.21 0.89
C VAL A 91 -8.28 -9.48 0.28
N TYR A 92 -7.48 -10.19 1.06
CA TYR A 92 -6.88 -11.44 0.59
C TYR A 92 -7.68 -12.64 1.08
N GLY A 1 11.61 -30.81 -24.86
CA GLY A 1 11.48 -30.72 -23.38
C GLY A 1 10.44 -29.69 -23.01
N SER A 2 10.12 -29.59 -21.73
CA SER A 2 9.13 -28.63 -21.25
C SER A 2 9.57 -27.98 -19.96
N HIS A 3 9.62 -26.65 -19.95
CA HIS A 3 10.03 -25.91 -18.76
C HIS A 3 9.00 -24.84 -18.41
N MET A 4 8.43 -24.94 -17.22
CA MET A 4 7.43 -23.98 -16.78
C MET A 4 7.63 -23.63 -15.30
N MET A 5 7.62 -22.34 -14.99
CA MET A 5 7.80 -21.90 -13.61
C MET A 5 6.46 -21.91 -12.87
N ALA A 6 6.48 -22.44 -11.65
CA ALA A 6 5.27 -22.50 -10.84
C ALA A 6 4.78 -21.10 -10.47
N THR A 7 3.48 -20.91 -10.50
CA THR A 7 2.90 -19.61 -10.18
C THR A 7 2.91 -19.37 -8.67
N SER A 8 2.07 -20.10 -7.95
CA SER A 8 1.99 -19.97 -6.50
C SER A 8 1.88 -18.49 -6.11
N ASP A 9 1.55 -17.66 -7.08
CA ASP A 9 1.41 -16.22 -6.82
C ASP A 9 0.15 -15.94 -6.03
N VAL A 10 0.18 -14.88 -5.23
CA VAL A 10 -0.98 -14.52 -4.43
C VAL A 10 -1.76 -13.40 -5.10
N LYS A 11 -3.02 -13.68 -5.45
CA LYS A 11 -3.85 -12.70 -6.10
C LYS A 11 -5.06 -12.35 -5.23
N PRO A 12 -5.55 -11.14 -5.32
CA PRO A 12 -6.74 -10.69 -4.53
C PRO A 12 -8.02 -11.41 -4.93
N LYS A 13 -8.91 -11.59 -3.96
CA LYS A 13 -10.17 -12.26 -4.23
C LYS A 13 -11.28 -11.25 -4.48
N SER A 14 -11.16 -10.07 -3.88
CA SER A 14 -12.16 -9.03 -4.05
C SER A 14 -11.67 -7.71 -3.47
N ILE A 15 -12.48 -6.67 -3.61
CA ILE A 15 -12.12 -5.35 -3.09
C ILE A 15 -13.33 -4.70 -2.42
N SER A 16 -13.11 -4.14 -1.22
CA SER A 16 -14.18 -3.48 -0.48
C SER A 16 -13.84 -2.02 -0.24
N ARG A 17 -14.76 -1.30 0.39
CA ARG A 17 -14.55 0.11 0.69
C ARG A 17 -14.48 0.34 2.19
N ALA A 18 -13.47 1.07 2.61
CA ALA A 18 -13.27 1.36 4.03
C ALA A 18 -14.41 2.21 4.56
N LYS A 19 -14.68 2.10 5.85
CA LYS A 19 -15.76 2.87 6.46
C LYS A 19 -15.25 4.16 7.09
N LYS A 20 -14.09 4.06 7.74
CA LYS A 20 -13.49 5.22 8.39
C LYS A 20 -11.98 5.16 8.32
N TRP A 21 -11.35 6.33 8.26
CA TRP A 21 -9.89 6.41 8.18
C TRP A 21 -9.24 5.62 9.29
N SER A 22 -8.17 4.91 8.97
CA SER A 22 -7.45 4.11 9.94
C SER A 22 -6.08 3.70 9.41
N GLU A 23 -5.18 3.33 10.31
CA GLU A 23 -3.84 2.94 9.91
C GLU A 23 -3.90 1.98 8.73
N GLU A 24 -4.93 1.15 8.70
CA GLU A 24 -5.08 0.20 7.61
C GLU A 24 -5.36 0.92 6.29
N ILE A 25 -6.27 1.88 6.34
CA ILE A 25 -6.63 2.62 5.13
C ILE A 25 -5.45 3.44 4.66
N GLU A 26 -4.95 4.30 5.55
CA GLU A 26 -3.82 5.15 5.21
C GLU A 26 -2.82 4.37 4.39
N ASN A 27 -2.49 3.17 4.84
CA ASN A 27 -1.53 2.35 4.13
C ASN A 27 -2.02 2.05 2.72
N LEU A 28 -3.25 1.59 2.60
CA LEU A 28 -3.80 1.25 1.30
C LEU A 28 -3.66 2.41 0.34
N TYR A 29 -4.06 3.59 0.77
CA TYR A 29 -3.97 4.77 -0.08
C TYR A 29 -2.53 5.03 -0.49
N ARG A 30 -1.62 5.03 0.48
CA ARG A 30 -0.22 5.29 0.19
C ARG A 30 0.34 4.26 -0.78
N PHE A 31 0.09 2.98 -0.51
CA PHE A 31 0.59 1.93 -1.39
C PHE A 31 -0.11 1.99 -2.75
N GLN A 32 -1.43 2.17 -2.71
CA GLN A 32 -2.21 2.26 -3.93
C GLN A 32 -1.67 3.36 -4.82
N GLN A 33 -1.30 4.48 -4.20
CA GLN A 33 -0.72 5.59 -4.94
C GLN A 33 0.62 5.19 -5.55
N ALA A 34 1.38 4.39 -4.81
CA ALA A 34 2.69 3.93 -5.28
C ALA A 34 2.51 3.00 -6.49
N GLY A 35 1.30 2.49 -6.66
CA GLY A 35 1.02 1.58 -7.76
C GLY A 35 0.94 0.14 -7.28
N TYR A 36 0.95 -0.06 -5.97
CA TYR A 36 0.90 -1.38 -5.38
C TYR A 36 -0.45 -1.62 -4.70
N ARG A 37 -0.91 -2.86 -4.74
CA ARG A 37 -2.18 -3.21 -4.12
C ARG A 37 -2.02 -3.28 -2.61
N ASP A 38 -0.87 -3.75 -2.16
CA ASP A 38 -0.58 -3.86 -0.73
C ASP A 38 0.91 -4.02 -0.49
N GLU A 39 1.30 -3.95 0.77
CA GLU A 39 2.70 -4.08 1.14
C GLU A 39 3.31 -5.32 0.50
N ILE A 40 2.48 -6.34 0.26
CA ILE A 40 2.97 -7.57 -0.34
C ILE A 40 3.61 -7.31 -1.70
N GLU A 41 2.90 -6.58 -2.55
CA GLU A 41 3.40 -6.26 -3.87
C GLU A 41 4.64 -5.36 -3.79
N TYR A 42 4.61 -4.41 -2.86
CA TYR A 42 5.72 -3.50 -2.69
C TYR A 42 7.00 -4.25 -2.34
N LYS A 43 6.92 -5.17 -1.39
CA LYS A 43 8.07 -5.94 -0.97
C LYS A 43 8.65 -6.73 -2.14
N GLN A 44 7.76 -7.30 -2.95
CA GLN A 44 8.20 -8.08 -4.10
C GLN A 44 8.97 -7.21 -5.09
N VAL A 45 8.48 -5.99 -5.32
CA VAL A 45 9.12 -5.08 -6.25
C VAL A 45 10.52 -4.70 -5.77
N LYS A 46 10.63 -4.40 -4.49
CA LYS A 46 11.92 -4.02 -3.91
C LYS A 46 12.64 -5.24 -3.36
N GLN A 47 12.00 -6.41 -3.47
CA GLN A 47 12.60 -7.63 -2.97
C GLN A 47 13.08 -7.46 -1.54
N VAL A 48 12.23 -6.92 -0.69
CA VAL A 48 12.57 -6.69 0.72
C VAL A 48 11.51 -7.30 1.63
N ALA A 49 11.65 -7.07 2.93
CA ALA A 49 10.70 -7.60 3.90
C ALA A 49 10.43 -6.59 5.00
N MET A 50 10.64 -5.32 4.69
CA MET A 50 10.42 -4.25 5.67
C MET A 50 10.21 -2.91 4.97
N VAL A 51 9.27 -2.12 5.48
CA VAL A 51 9.00 -0.81 4.89
C VAL A 51 9.41 0.29 5.86
N ASP A 52 10.09 1.31 5.34
CA ASP A 52 10.55 2.41 6.16
C ASP A 52 9.37 3.22 6.70
N ARG A 53 9.24 3.25 8.02
CA ARG A 53 8.13 3.98 8.64
C ARG A 53 8.64 4.77 9.85
N TRP A 54 7.80 5.69 10.33
CA TRP A 54 8.19 6.51 11.47
C TRP A 54 7.64 5.92 12.78
N PRO A 55 8.40 5.95 13.84
CA PRO A 55 7.96 5.39 15.15
C PRO A 55 6.79 6.17 15.76
N GLU A 56 6.74 7.46 15.46
CA GLU A 56 5.69 8.30 16.01
C GLU A 56 4.32 7.71 15.75
N THR A 57 4.07 7.33 14.50
CA THR A 57 2.78 6.74 14.14
C THR A 57 2.98 5.39 13.45
N GLY A 58 4.10 5.24 12.74
CA GLY A 58 4.37 4.00 12.03
C GLY A 58 3.91 4.05 10.59
N TYR A 59 3.71 5.26 10.08
CA TYR A 59 3.26 5.44 8.70
C TYR A 59 4.43 5.33 7.74
N VAL A 60 4.12 5.02 6.48
CA VAL A 60 5.15 4.86 5.47
C VAL A 60 5.92 6.16 5.28
N LYS A 61 7.23 6.10 5.48
CA LYS A 61 8.08 7.28 5.32
C LYS A 61 8.24 7.63 3.85
N LYS A 62 8.49 6.62 3.04
CA LYS A 62 8.65 6.83 1.60
C LYS A 62 8.26 5.59 0.82
N LEU A 63 7.83 5.78 -0.41
CA LEU A 63 7.43 4.66 -1.25
C LEU A 63 7.78 4.92 -2.71
N GLN A 64 8.29 3.90 -3.39
CA GLN A 64 8.66 4.03 -4.79
C GLN A 64 7.43 3.77 -5.68
N ARG A 65 7.23 4.66 -6.64
CA ARG A 65 6.09 4.52 -7.55
C ARG A 65 6.35 3.44 -8.59
N ARG A 66 5.29 3.03 -9.28
CA ARG A 66 5.40 2.01 -10.31
C ARG A 66 6.25 2.53 -11.47
N ASP A 67 6.59 3.81 -11.42
CA ASP A 67 7.39 4.42 -12.47
C ASP A 67 8.83 4.58 -12.04
N ASN A 68 9.18 3.99 -10.88
CA ASN A 68 10.54 4.06 -10.37
C ASN A 68 10.80 5.40 -9.69
N THR A 69 9.80 6.28 -9.73
CA THR A 69 9.93 7.58 -9.11
C THR A 69 9.69 7.49 -7.61
N PHE A 70 10.63 7.99 -6.82
CA PHE A 70 10.50 7.95 -5.37
C PHE A 70 9.44 8.95 -4.90
N PHE A 71 8.53 8.47 -4.05
CA PHE A 71 7.47 9.33 -3.53
C PHE A 71 7.56 9.42 -2.01
N TYR A 72 7.81 10.61 -1.51
CA TYR A 72 7.90 10.82 -0.07
C TYR A 72 6.52 10.97 0.54
N TYR A 73 6.33 10.36 1.71
CA TYR A 73 5.05 10.44 2.42
C TYR A 73 5.20 11.20 3.73
N ASN A 74 4.12 11.85 4.16
CA ASN A 74 4.13 12.60 5.40
C ASN A 74 3.54 11.77 6.54
N LYS A 75 4.30 11.60 7.61
CA LYS A 75 3.83 10.84 8.75
C LYS A 75 2.64 11.53 9.41
N GLU A 76 2.45 12.80 9.10
CA GLU A 76 1.35 13.56 9.67
C GLU A 76 0.07 13.29 8.90
N ARG A 77 -0.31 12.01 8.83
CA ARG A 77 -1.51 11.62 8.10
C ARG A 77 -2.60 12.69 8.21
N GLU A 78 -3.16 13.05 7.05
CA GLU A 78 -4.22 14.06 7.01
C GLU A 78 -5.40 13.54 6.19
N CYS A 79 -5.70 12.26 6.35
CA CYS A 79 -6.81 11.64 5.63
C CYS A 79 -8.11 11.78 6.41
N GLU A 80 -9.21 11.92 5.68
CA GLU A 80 -10.53 12.06 6.29
C GLU A 80 -11.52 11.09 5.67
N ASP A 81 -12.72 11.04 6.22
CA ASP A 81 -13.76 10.14 5.72
C ASP A 81 -13.91 10.31 4.21
N LYS A 82 -13.52 11.47 3.71
CA LYS A 82 -13.61 11.75 2.28
C LYS A 82 -12.70 10.81 1.50
N GLU A 83 -11.53 10.50 2.04
CA GLU A 83 -10.59 9.60 1.37
C GLU A 83 -11.00 8.16 1.59
N VAL A 84 -11.60 7.87 2.74
CA VAL A 84 -12.03 6.52 3.03
C VAL A 84 -13.01 6.03 1.96
N HIS A 85 -13.90 6.92 1.56
CA HIS A 85 -14.89 6.57 0.53
C HIS A 85 -14.21 6.40 -0.83
N LYS A 86 -13.26 7.29 -1.13
CA LYS A 86 -12.53 7.22 -2.39
C LYS A 86 -11.50 6.09 -2.35
N VAL A 87 -11.01 5.79 -1.15
CA VAL A 87 -10.00 4.73 -0.98
C VAL A 87 -10.67 3.38 -0.78
N LYS A 88 -10.15 2.36 -1.47
CA LYS A 88 -10.71 1.02 -1.36
C LYS A 88 -9.71 0.09 -0.68
N VAL A 89 -10.21 -1.00 -0.11
CA VAL A 89 -9.36 -1.96 0.57
C VAL A 89 -9.46 -3.33 -0.10
N TYR A 90 -8.33 -3.86 -0.55
CA TYR A 90 -8.29 -5.15 -1.20
C TYR A 90 -8.36 -6.27 -0.17
N VAL A 91 -8.96 -7.40 -0.55
CA VAL A 91 -9.07 -8.54 0.34
C VAL A 91 -8.57 -9.81 -0.35
N TYR A 92 -7.63 -10.49 0.29
CA TYR A 92 -7.07 -11.72 -0.26
C TYR A 92 -7.46 -12.92 0.61
N GLY A 1 22.54 -19.50 -13.81
CA GLY A 1 22.28 -18.37 -14.74
C GLY A 1 21.98 -17.10 -13.95
N SER A 2 20.86 -17.11 -13.23
CA SER A 2 20.47 -15.96 -12.43
C SER A 2 20.03 -14.80 -13.33
N HIS A 3 20.04 -15.04 -14.64
CA HIS A 3 19.65 -14.01 -15.60
C HIS A 3 18.24 -14.27 -16.11
N MET A 4 17.55 -15.23 -15.49
CA MET A 4 16.20 -15.56 -15.90
C MET A 4 15.56 -16.53 -14.90
N MET A 5 14.72 -16.01 -14.01
CA MET A 5 14.06 -16.84 -13.02
C MET A 5 12.56 -16.65 -13.08
N ALA A 6 11.82 -17.74 -12.85
CA ALA A 6 10.36 -17.68 -12.88
C ALA A 6 9.83 -16.85 -11.73
N THR A 7 8.70 -16.17 -11.94
CA THR A 7 8.10 -15.33 -10.92
C THR A 7 6.62 -15.65 -10.76
N SER A 8 6.03 -15.23 -9.66
CA SER A 8 4.61 -15.47 -9.41
C SER A 8 3.95 -14.23 -8.83
N ASP A 9 2.65 -14.09 -9.06
CA ASP A 9 1.90 -12.95 -8.55
C ASP A 9 0.45 -13.33 -8.29
N VAL A 10 0.08 -13.35 -7.01
CA VAL A 10 -1.29 -13.71 -6.64
C VAL A 10 -2.21 -12.51 -6.83
N LYS A 11 -3.24 -12.70 -7.65
CA LYS A 11 -4.20 -11.63 -7.92
C LYS A 11 -5.21 -11.53 -6.78
N PRO A 12 -5.78 -10.37 -6.59
CA PRO A 12 -6.79 -10.14 -5.52
C PRO A 12 -8.07 -10.93 -5.77
N LYS A 13 -8.83 -11.15 -4.70
CA LYS A 13 -10.08 -11.91 -4.81
C LYS A 13 -11.27 -10.97 -4.93
N SER A 14 -11.24 -9.88 -4.17
CA SER A 14 -12.33 -8.91 -4.20
C SER A 14 -11.86 -7.56 -3.65
N ILE A 15 -12.67 -6.54 -3.85
CA ILE A 15 -12.34 -5.20 -3.37
C ILE A 15 -13.54 -4.59 -2.65
N SER A 16 -13.29 -4.02 -1.48
CA SER A 16 -14.34 -3.40 -0.68
C SER A 16 -14.00 -1.94 -0.38
N ARG A 17 -14.91 -1.27 0.32
CA ARG A 17 -14.71 0.13 0.68
C ARG A 17 -14.63 0.30 2.19
N ALA A 18 -13.59 1.01 2.65
CA ALA A 18 -13.41 1.25 4.06
C ALA A 18 -14.55 2.08 4.64
N LYS A 19 -14.85 1.87 5.92
CA LYS A 19 -15.93 2.60 6.56
C LYS A 19 -15.38 3.85 7.24
N LYS A 20 -14.22 3.72 7.86
CA LYS A 20 -13.59 4.84 8.55
C LYS A 20 -12.11 4.93 8.22
N TRP A 21 -11.41 5.82 8.91
CA TRP A 21 -9.97 6.00 8.70
C TRP A 21 -9.15 5.21 9.69
N SER A 22 -8.26 4.36 9.18
CA SER A 22 -7.40 3.55 10.03
C SER A 22 -6.05 3.29 9.37
N GLU A 23 -5.03 3.09 10.18
CA GLU A 23 -3.69 2.84 9.65
C GLU A 23 -3.78 1.88 8.47
N GLU A 24 -4.81 1.05 8.46
CA GLU A 24 -4.99 0.09 7.38
C GLU A 24 -5.38 0.81 6.08
N ILE A 25 -6.24 1.82 6.20
CA ILE A 25 -6.68 2.57 5.02
C ILE A 25 -5.55 3.44 4.52
N GLU A 26 -5.07 4.34 5.37
CA GLU A 26 -4.00 5.24 4.99
C GLU A 26 -2.92 4.49 4.25
N ASN A 27 -2.52 3.36 4.81
CA ASN A 27 -1.47 2.56 4.19
C ASN A 27 -1.87 2.10 2.79
N LEU A 28 -3.05 1.51 2.68
CA LEU A 28 -3.50 1.03 1.38
C LEU A 28 -3.51 2.15 0.37
N TYR A 29 -3.93 3.33 0.79
CA TYR A 29 -3.95 4.48 -0.11
C TYR A 29 -2.55 4.79 -0.61
N ARG A 30 -1.60 4.88 0.32
CA ARG A 30 -0.23 5.19 -0.04
C ARG A 30 0.35 4.13 -0.98
N PHE A 31 0.16 2.86 -0.62
CA PHE A 31 0.66 1.77 -1.46
C PHE A 31 -0.07 1.75 -2.80
N GLN A 32 -1.39 1.85 -2.76
CA GLN A 32 -2.20 1.85 -3.97
C GLN A 32 -1.74 2.94 -4.91
N GLN A 33 -1.42 4.10 -4.34
CA GLN A 33 -0.93 5.21 -5.16
C GLN A 33 0.36 4.81 -5.87
N ALA A 34 1.22 4.09 -5.16
CA ALA A 34 2.48 3.65 -5.73
C ALA A 34 2.24 2.61 -6.82
N GLY A 35 1.03 2.04 -6.83
CA GLY A 35 0.67 1.03 -7.83
C GLY A 35 0.68 -0.37 -7.22
N TYR A 36 0.87 -0.44 -5.90
CA TYR A 36 0.90 -1.73 -5.22
C TYR A 36 -0.38 -1.96 -4.44
N ARG A 37 -0.79 -3.22 -4.37
CA ARG A 37 -2.00 -3.57 -3.64
C ARG A 37 -1.75 -3.56 -2.14
N ASP A 38 -0.54 -3.97 -1.75
CA ASP A 38 -0.17 -4.02 -0.35
C ASP A 38 1.34 -4.14 -0.19
N GLU A 39 1.83 -4.03 1.04
CA GLU A 39 3.24 -4.12 1.30
C GLU A 39 3.84 -5.36 0.63
N ILE A 40 3.04 -6.42 0.53
CA ILE A 40 3.53 -7.66 -0.08
C ILE A 40 4.06 -7.41 -1.48
N GLU A 41 3.26 -6.74 -2.30
CA GLU A 41 3.68 -6.44 -3.67
C GLU A 41 4.90 -5.52 -3.68
N TYR A 42 4.89 -4.55 -2.78
CA TYR A 42 6.00 -3.61 -2.68
C TYR A 42 7.30 -4.33 -2.37
N LYS A 43 7.26 -5.25 -1.40
CA LYS A 43 8.45 -5.98 -1.02
C LYS A 43 9.03 -6.74 -2.20
N GLN A 44 8.17 -7.31 -3.03
CA GLN A 44 8.63 -8.06 -4.20
C GLN A 44 9.41 -7.14 -5.14
N VAL A 45 8.90 -5.94 -5.35
CA VAL A 45 9.56 -4.99 -6.25
C VAL A 45 10.95 -4.63 -5.73
N LYS A 46 11.05 -4.38 -4.43
CA LYS A 46 12.33 -4.02 -3.83
C LYS A 46 13.02 -5.25 -3.25
N GLN A 47 12.36 -6.40 -3.37
CA GLN A 47 12.94 -7.64 -2.85
C GLN A 47 13.43 -7.46 -1.42
N VAL A 48 12.57 -6.94 -0.56
CA VAL A 48 12.93 -6.71 0.84
C VAL A 48 11.91 -7.35 1.76
N ALA A 49 12.07 -7.13 3.06
CA ALA A 49 11.16 -7.70 4.04
C ALA A 49 10.81 -6.68 5.13
N MET A 50 10.86 -5.41 4.76
CA MET A 50 10.54 -4.34 5.70
C MET A 50 10.27 -3.03 4.95
N VAL A 51 9.44 -2.17 5.56
CA VAL A 51 9.11 -0.89 4.95
C VAL A 51 9.43 0.25 5.91
N ASP A 52 10.07 1.29 5.41
CA ASP A 52 10.44 2.43 6.24
C ASP A 52 9.20 3.07 6.86
N ARG A 53 9.23 3.26 8.17
CA ARG A 53 8.10 3.86 8.88
C ARG A 53 8.59 4.74 10.02
N TRP A 54 7.75 5.68 10.44
CA TRP A 54 8.12 6.57 11.53
C TRP A 54 7.58 6.07 12.87
N PRO A 55 8.33 6.19 13.93
CA PRO A 55 7.89 5.71 15.28
C PRO A 55 6.70 6.52 15.82
N GLU A 56 6.60 7.77 15.38
CA GLU A 56 5.53 8.64 15.86
C GLU A 56 4.17 7.98 15.66
N THR A 57 3.90 7.54 14.43
CA THR A 57 2.64 6.89 14.13
C THR A 57 2.86 5.54 13.47
N GLY A 58 3.94 5.43 12.69
CA GLY A 58 4.24 4.17 12.00
C GLY A 58 3.81 4.23 10.54
N TYR A 59 3.65 5.44 10.02
CA TYR A 59 3.23 5.60 8.63
C TYR A 59 4.42 5.43 7.69
N VAL A 60 4.13 5.05 6.45
CA VAL A 60 5.18 4.85 5.45
C VAL A 60 5.94 6.14 5.20
N LYS A 61 7.26 6.07 5.32
CA LYS A 61 8.10 7.24 5.10
C LYS A 61 8.17 7.58 3.61
N LYS A 62 8.43 6.55 2.81
CA LYS A 62 8.53 6.76 1.36
C LYS A 62 8.20 5.47 0.62
N LEU A 63 7.70 5.61 -0.60
CA LEU A 63 7.36 4.45 -1.40
C LEU A 63 7.58 4.74 -2.89
N GLN A 64 8.28 3.83 -3.57
CA GLN A 64 8.56 4.00 -4.98
C GLN A 64 7.34 3.63 -5.82
N ARG A 65 7.03 4.47 -6.79
CA ARG A 65 5.87 4.22 -7.65
C ARG A 65 6.17 3.14 -8.67
N ARG A 66 5.13 2.72 -9.38
CA ARG A 66 5.29 1.68 -10.40
C ARG A 66 6.08 2.21 -11.58
N ASP A 67 6.37 3.51 -11.55
CA ASP A 67 7.12 4.14 -12.62
C ASP A 67 8.58 4.31 -12.23
N ASN A 68 8.99 3.70 -11.12
CA ASN A 68 10.37 3.80 -10.66
C ASN A 68 10.67 5.20 -10.15
N THR A 69 9.70 5.80 -9.48
CA THR A 69 9.88 7.14 -8.93
C THR A 69 9.68 7.12 -7.41
N PHE A 70 10.66 7.69 -6.69
CA PHE A 70 10.58 7.73 -5.24
C PHE A 70 9.59 8.78 -4.78
N PHE A 71 8.61 8.35 -3.98
CA PHE A 71 7.60 9.27 -3.47
C PHE A 71 7.66 9.33 -1.94
N TYR A 72 7.82 10.54 -1.40
CA TYR A 72 7.89 10.71 0.04
C TYR A 72 6.51 11.02 0.60
N TYR A 73 6.16 10.32 1.68
CA TYR A 73 4.86 10.52 2.32
C TYR A 73 5.02 11.29 3.63
N ASN A 74 3.95 11.96 4.05
CA ASN A 74 3.98 12.73 5.28
C ASN A 74 3.39 11.92 6.43
N LYS A 75 4.15 11.80 7.51
CA LYS A 75 3.69 11.06 8.68
C LYS A 75 2.54 11.79 9.37
N GLU A 76 2.44 13.09 9.12
CA GLU A 76 1.37 13.87 9.73
C GLU A 76 0.05 13.60 9.04
N ARG A 77 -0.35 12.33 9.02
CA ARG A 77 -1.59 11.94 8.37
C ARG A 77 -2.67 13.01 8.56
N GLU A 78 -3.36 13.34 7.47
CA GLU A 78 -4.41 14.34 7.51
C GLU A 78 -5.59 13.91 6.65
N CYS A 79 -5.91 12.62 6.73
CA CYS A 79 -7.04 12.10 5.95
C CYS A 79 -8.34 12.23 6.73
N GLU A 80 -9.45 12.33 6.00
CA GLU A 80 -10.77 12.47 6.60
C GLU A 80 -11.76 11.51 5.95
N ASP A 81 -12.97 11.46 6.50
CA ASP A 81 -14.00 10.58 5.96
C ASP A 81 -14.06 10.71 4.44
N LYS A 82 -13.58 11.83 3.93
CA LYS A 82 -13.56 12.07 2.49
C LYS A 82 -12.62 11.09 1.78
N GLU A 83 -11.50 10.77 2.44
CA GLU A 83 -10.54 9.85 1.87
C GLU A 83 -10.97 8.40 2.07
N VAL A 84 -11.60 8.13 3.21
CA VAL A 84 -12.04 6.77 3.48
C VAL A 84 -13.02 6.31 2.40
N HIS A 85 -13.93 7.20 2.00
CA HIS A 85 -14.93 6.85 1.00
C HIS A 85 -14.33 6.69 -0.39
N LYS A 86 -13.43 7.59 -0.76
CA LYS A 86 -12.80 7.51 -2.08
C LYS A 86 -11.70 6.44 -2.10
N VAL A 87 -11.22 6.07 -0.92
CA VAL A 87 -10.18 5.06 -0.82
C VAL A 87 -10.79 3.67 -0.85
N LYS A 88 -10.18 2.77 -1.61
CA LYS A 88 -10.68 1.40 -1.72
C LYS A 88 -9.76 0.45 -0.99
N VAL A 89 -10.30 -0.71 -0.59
CA VAL A 89 -9.50 -1.69 0.13
C VAL A 89 -9.59 -3.05 -0.56
N TYR A 90 -8.43 -3.61 -0.90
CA TYR A 90 -8.39 -4.90 -1.57
C TYR A 90 -8.32 -6.04 -0.56
N VAL A 91 -8.95 -7.17 -0.89
CA VAL A 91 -8.94 -8.32 -0.01
C VAL A 91 -8.53 -9.58 -0.77
N TYR A 92 -7.50 -10.25 -0.28
CA TYR A 92 -7.03 -11.48 -0.92
C TYR A 92 -7.61 -12.70 -0.24
N GLY A 1 9.92 -5.97 -12.81
CA GLY A 1 8.57 -6.21 -12.25
C GLY A 1 7.98 -7.49 -12.84
N SER A 2 6.82 -7.89 -12.35
CA SER A 2 6.16 -9.09 -12.83
C SER A 2 4.77 -8.77 -13.36
N HIS A 3 4.67 -8.54 -14.66
CA HIS A 3 3.38 -8.23 -15.28
C HIS A 3 2.40 -9.38 -15.08
N MET A 4 2.88 -10.61 -15.31
CA MET A 4 2.03 -11.79 -15.15
C MET A 4 2.89 -13.04 -14.99
N MET A 5 3.08 -13.45 -13.74
CA MET A 5 3.88 -14.64 -13.45
C MET A 5 3.07 -15.63 -12.62
N ALA A 6 2.98 -16.86 -13.12
CA ALA A 6 2.25 -17.91 -12.41
C ALA A 6 3.01 -18.37 -11.18
N THR A 7 2.28 -18.85 -10.17
CA THR A 7 2.91 -19.33 -8.95
C THR A 7 3.60 -18.18 -8.22
N SER A 8 3.18 -16.96 -8.51
CA SER A 8 3.76 -15.78 -7.87
C SER A 8 2.77 -14.62 -7.90
N ASP A 9 2.09 -14.44 -9.03
CA ASP A 9 1.12 -13.37 -9.18
C ASP A 9 -0.23 -13.78 -8.61
N VAL A 10 -0.61 -13.16 -7.49
CA VAL A 10 -1.89 -13.48 -6.85
C VAL A 10 -2.89 -12.35 -7.09
N LYS A 11 -4.07 -12.73 -7.58
CA LYS A 11 -5.10 -11.75 -7.85
C LYS A 11 -6.13 -11.71 -6.71
N PRO A 12 -6.74 -10.57 -6.50
CA PRO A 12 -7.76 -10.39 -5.42
C PRO A 12 -9.04 -11.19 -5.70
N LYS A 13 -9.85 -11.38 -4.66
CA LYS A 13 -11.10 -12.12 -4.81
C LYS A 13 -12.28 -11.17 -4.86
N SER A 14 -12.19 -10.08 -4.11
CA SER A 14 -13.26 -9.10 -4.06
C SER A 14 -12.73 -7.75 -3.60
N ILE A 15 -13.50 -6.69 -3.84
CA ILE A 15 -13.11 -5.34 -3.44
C ILE A 15 -14.23 -4.66 -2.67
N SER A 16 -13.89 -4.04 -1.55
CA SER A 16 -14.87 -3.35 -0.72
C SER A 16 -14.46 -1.90 -0.49
N ARG A 17 -15.31 -1.17 0.23
CA ARG A 17 -15.03 0.23 0.52
C ARG A 17 -14.90 0.45 2.02
N ALA A 18 -13.85 1.18 2.42
CA ALA A 18 -13.61 1.45 3.82
C ALA A 18 -14.69 2.36 4.38
N LYS A 19 -15.00 2.20 5.67
CA LYS A 19 -16.02 3.01 6.32
C LYS A 19 -15.40 3.83 7.45
N LYS A 20 -14.07 3.91 7.47
CA LYS A 20 -13.38 4.68 8.49
C LYS A 20 -11.90 4.83 8.14
N TRP A 21 -11.23 5.74 8.82
CA TRP A 21 -9.80 5.96 8.59
C TRP A 21 -8.95 5.18 9.57
N SER A 22 -8.05 4.35 9.05
CA SER A 22 -7.17 3.56 9.89
C SER A 22 -5.88 3.21 9.14
N GLU A 23 -4.82 2.94 9.89
CA GLU A 23 -3.54 2.60 9.28
C GLU A 23 -3.76 1.60 8.16
N GLU A 24 -4.82 0.81 8.26
CA GLU A 24 -5.12 -0.19 7.22
C GLU A 24 -5.57 0.50 5.94
N ILE A 25 -6.47 1.48 6.07
CA ILE A 25 -6.99 2.18 4.90
C ILE A 25 -5.93 3.14 4.37
N GLU A 26 -5.53 4.11 5.18
CA GLU A 26 -4.56 5.09 4.76
C GLU A 26 -3.41 4.39 4.05
N ASN A 27 -2.90 3.33 4.65
CA ASN A 27 -1.79 2.61 4.05
C ASN A 27 -2.14 2.14 2.65
N LEU A 28 -3.31 1.51 2.50
CA LEU A 28 -3.71 1.02 1.20
C LEU A 28 -3.71 2.15 0.18
N TYR A 29 -4.13 3.32 0.59
CA TYR A 29 -4.11 4.48 -0.30
C TYR A 29 -2.69 4.79 -0.75
N ARG A 30 -1.77 4.84 0.21
CA ARG A 30 -0.38 5.15 -0.09
C ARG A 30 0.20 4.11 -1.06
N PHE A 31 0.01 2.85 -0.76
CA PHE A 31 0.51 1.79 -1.63
C PHE A 31 -0.23 1.78 -2.96
N GLN A 32 -1.56 1.90 -2.90
CA GLN A 32 -2.37 1.91 -4.10
C GLN A 32 -1.93 3.03 -5.02
N GLN A 33 -1.75 4.22 -4.46
CA GLN A 33 -1.34 5.37 -5.26
C GLN A 33 0.05 5.16 -5.84
N ALA A 34 0.81 4.25 -5.21
CA ALA A 34 2.16 3.97 -5.66
C ALA A 34 2.14 2.94 -6.79
N GLY A 35 0.98 2.32 -6.98
CA GLY A 35 0.84 1.31 -8.03
C GLY A 35 0.89 -0.10 -7.45
N TYR A 36 1.05 -0.20 -6.13
CA TYR A 36 1.12 -1.49 -5.48
C TYR A 36 -0.20 -1.81 -4.78
N ARG A 37 -0.54 -3.08 -4.75
CA ARG A 37 -1.78 -3.52 -4.09
C ARG A 37 -1.58 -3.56 -2.59
N ASP A 38 -0.40 -3.97 -2.15
CA ASP A 38 -0.09 -4.03 -0.73
C ASP A 38 1.42 -4.14 -0.52
N GLU A 39 1.85 -4.03 0.73
CA GLU A 39 3.27 -4.10 1.05
C GLU A 39 3.91 -5.30 0.37
N ILE A 40 3.12 -6.35 0.16
CA ILE A 40 3.64 -7.56 -0.45
C ILE A 40 4.27 -7.26 -1.81
N GLU A 41 3.53 -6.55 -2.65
CA GLU A 41 4.03 -6.21 -3.98
C GLU A 41 5.24 -5.27 -3.87
N TYR A 42 5.17 -4.34 -2.92
CA TYR A 42 6.25 -3.38 -2.72
C TYR A 42 7.55 -4.10 -2.39
N LYS A 43 7.47 -5.06 -1.47
CA LYS A 43 8.65 -5.80 -1.07
C LYS A 43 9.27 -6.54 -2.24
N GLN A 44 8.43 -7.12 -3.09
CA GLN A 44 8.92 -7.86 -4.24
C GLN A 44 9.75 -6.97 -5.17
N VAL A 45 9.24 -5.78 -5.45
CA VAL A 45 9.96 -4.84 -6.30
C VAL A 45 11.26 -4.39 -5.68
N LYS A 46 11.21 -4.14 -4.37
CA LYS A 46 12.41 -3.70 -3.65
C LYS A 46 13.18 -4.89 -3.13
N GLN A 47 12.63 -6.08 -3.30
CA GLN A 47 13.30 -7.29 -2.84
C GLN A 47 13.72 -7.15 -1.38
N VAL A 48 12.81 -6.69 -0.54
CA VAL A 48 13.11 -6.49 0.89
C VAL A 48 12.04 -7.17 1.74
N ALA A 49 12.13 -6.96 3.05
CA ALA A 49 11.17 -7.56 3.98
C ALA A 49 10.79 -6.57 5.07
N MET A 50 11.03 -5.30 4.81
CA MET A 50 10.70 -4.25 5.78
C MET A 50 10.56 -2.90 5.09
N VAL A 51 9.74 -2.03 5.68
CA VAL A 51 9.52 -0.70 5.12
C VAL A 51 9.84 0.37 6.15
N ASP A 52 10.56 1.41 5.72
CA ASP A 52 10.92 2.49 6.63
C ASP A 52 9.69 3.27 7.08
N ARG A 53 9.57 3.49 8.39
CA ARG A 53 8.44 4.22 8.92
C ARG A 53 8.89 5.13 10.06
N TRP A 54 8.00 6.05 10.46
CA TRP A 54 8.33 6.97 11.54
C TRP A 54 7.79 6.47 12.87
N PRO A 55 8.53 6.61 13.94
CA PRO A 55 8.09 6.16 15.29
C PRO A 55 6.89 6.94 15.80
N GLU A 56 6.76 8.18 15.36
CA GLU A 56 5.67 9.04 15.82
C GLU A 56 4.33 8.32 15.66
N THR A 57 4.06 7.83 14.46
CA THR A 57 2.81 7.10 14.19
C THR A 57 3.09 5.74 13.58
N GLY A 58 4.21 5.64 12.85
CA GLY A 58 4.56 4.37 12.22
C GLY A 58 4.07 4.33 10.78
N TYR A 59 3.88 5.49 10.17
CA TYR A 59 3.42 5.56 8.80
C TYR A 59 4.57 5.36 7.83
N VAL A 60 4.24 5.02 6.59
CA VAL A 60 5.27 4.79 5.57
C VAL A 60 6.11 6.04 5.38
N LYS A 61 7.43 5.90 5.54
CA LYS A 61 8.33 7.02 5.36
C LYS A 61 8.57 7.32 3.88
N LYS A 62 8.89 6.26 3.14
CA LYS A 62 9.14 6.42 1.71
C LYS A 62 8.59 5.22 0.94
N LEU A 63 8.09 5.48 -0.25
CA LEU A 63 7.54 4.41 -1.08
C LEU A 63 7.78 4.69 -2.57
N GLN A 64 8.47 3.76 -3.23
CA GLN A 64 8.76 3.92 -4.64
C GLN A 64 7.56 3.52 -5.49
N ARG A 65 7.23 4.34 -6.47
CA ARG A 65 6.08 4.09 -7.33
C ARG A 65 6.39 2.96 -8.32
N ARG A 66 5.36 2.50 -9.01
CA ARG A 66 5.53 1.44 -10.00
C ARG A 66 6.29 1.97 -11.21
N ASP A 67 6.55 3.28 -11.21
CA ASP A 67 7.26 3.91 -12.30
C ASP A 67 8.72 4.13 -11.93
N ASN A 68 9.15 3.52 -10.81
CA ASN A 68 10.52 3.66 -10.36
C ASN A 68 10.82 5.10 -9.93
N THR A 69 9.82 5.74 -9.32
CA THR A 69 9.98 7.11 -8.84
C THR A 69 9.84 7.16 -7.32
N PHE A 70 10.83 7.73 -6.66
CA PHE A 70 10.79 7.83 -5.20
C PHE A 70 9.73 8.82 -4.75
N PHE A 71 8.78 8.34 -3.94
CA PHE A 71 7.71 9.20 -3.45
C PHE A 71 7.69 9.19 -1.93
N TYR A 72 8.01 10.32 -1.32
CA TYR A 72 8.04 10.42 0.14
C TYR A 72 6.64 10.67 0.69
N TYR A 73 6.30 9.98 1.77
CA TYR A 73 5.00 10.14 2.41
C TYR A 73 5.13 10.94 3.70
N ASN A 74 4.05 11.61 4.09
CA ASN A 74 4.07 12.40 5.31
C ASN A 74 3.47 11.62 6.48
N LYS A 75 4.12 11.71 7.64
CA LYS A 75 3.64 11.02 8.83
C LYS A 75 2.47 11.78 9.46
N GLU A 76 2.43 13.07 9.24
CA GLU A 76 1.35 13.90 9.78
C GLU A 76 0.07 13.61 9.02
N ARG A 77 -0.30 12.34 8.92
CA ARG A 77 -1.50 11.93 8.22
C ARG A 77 -2.58 13.01 8.28
N GLU A 78 -3.12 13.37 7.12
CA GLU A 78 -4.16 14.38 7.05
C GLU A 78 -5.37 13.82 6.30
N CYS A 79 -5.64 12.54 6.51
CA CYS A 79 -6.75 11.88 5.85
C CYS A 79 -8.06 12.07 6.62
N GLU A 80 -9.16 12.25 5.88
CA GLU A 80 -10.46 12.43 6.51
C GLU A 80 -11.47 11.47 5.92
N ASP A 81 -12.67 11.45 6.50
CA ASP A 81 -13.72 10.55 6.04
C ASP A 81 -13.89 10.67 4.52
N LYS A 82 -13.48 11.81 3.98
CA LYS A 82 -13.60 12.04 2.54
C LYS A 82 -12.75 11.03 1.77
N GLU A 83 -11.59 10.68 2.32
CA GLU A 83 -10.70 9.72 1.68
C GLU A 83 -11.13 8.30 1.99
N VAL A 84 -11.70 8.10 3.17
CA VAL A 84 -12.13 6.78 3.57
C VAL A 84 -13.11 6.21 2.55
N HIS A 85 -14.08 7.02 2.17
CA HIS A 85 -15.09 6.59 1.20
C HIS A 85 -14.50 6.47 -0.19
N LYS A 86 -13.66 7.44 -0.56
CA LYS A 86 -13.03 7.43 -1.87
C LYS A 86 -12.00 6.31 -1.97
N VAL A 87 -11.46 5.90 -0.83
CA VAL A 87 -10.47 4.83 -0.79
C VAL A 87 -11.15 3.47 -0.73
N LYS A 88 -10.63 2.51 -1.51
CA LYS A 88 -11.19 1.17 -1.54
C LYS A 88 -10.27 0.20 -0.80
N VAL A 89 -10.83 -0.94 -0.38
CA VAL A 89 -10.05 -1.94 0.31
C VAL A 89 -10.18 -3.30 -0.39
N TYR A 90 -9.08 -3.76 -0.97
CA TYR A 90 -9.08 -5.04 -1.67
C TYR A 90 -8.93 -6.19 -0.69
N VAL A 91 -9.63 -7.29 -0.94
CA VAL A 91 -9.56 -8.45 -0.06
C VAL A 91 -9.26 -9.71 -0.87
N TYR A 92 -8.17 -10.39 -0.50
CA TYR A 92 -7.78 -11.61 -1.20
C TYR A 92 -8.28 -12.83 -0.45
N GLY A 1 19.62 -27.39 -11.72
CA GLY A 1 18.23 -26.86 -11.59
C GLY A 1 18.28 -25.39 -11.19
N SER A 2 18.80 -24.56 -12.08
CA SER A 2 18.90 -23.12 -11.82
C SER A 2 17.51 -22.52 -11.60
N HIS A 3 16.54 -22.97 -12.39
CA HIS A 3 15.18 -22.48 -12.27
C HIS A 3 14.39 -23.31 -11.26
N MET A 4 14.00 -22.67 -10.16
CA MET A 4 13.25 -23.35 -9.12
C MET A 4 12.43 -22.37 -8.31
N MET A 5 11.67 -21.53 -8.99
CA MET A 5 10.85 -20.53 -8.31
C MET A 5 9.63 -20.17 -9.15
N ALA A 6 8.53 -19.84 -8.48
CA ALA A 6 7.31 -19.47 -9.18
C ALA A 6 7.41 -18.05 -9.73
N THR A 7 6.90 -17.84 -10.94
CA THR A 7 6.93 -16.52 -11.56
C THR A 7 5.56 -15.88 -11.53
N SER A 8 4.55 -16.67 -11.20
CA SER A 8 3.17 -16.17 -11.13
C SER A 8 2.96 -15.34 -9.87
N ASP A 9 2.09 -14.35 -9.96
CA ASP A 9 1.80 -13.49 -8.81
C ASP A 9 0.50 -13.93 -8.14
N VAL A 10 0.18 -13.27 -7.02
CA VAL A 10 -1.04 -13.60 -6.28
C VAL A 10 -2.11 -12.54 -6.52
N LYS A 11 -3.24 -12.97 -7.07
CA LYS A 11 -4.32 -12.04 -7.35
C LYS A 11 -5.27 -11.94 -6.16
N PRO A 12 -5.88 -10.79 -5.97
CA PRO A 12 -6.85 -10.57 -4.85
C PRO A 12 -8.12 -11.41 -5.00
N LYS A 13 -8.82 -11.62 -3.89
CA LYS A 13 -10.04 -12.40 -3.91
C LYS A 13 -11.26 -11.49 -4.09
N SER A 14 -11.25 -10.38 -3.38
CA SER A 14 -12.35 -9.42 -3.47
C SER A 14 -11.90 -8.03 -3.04
N ILE A 15 -12.70 -7.02 -3.39
CA ILE A 15 -12.38 -5.65 -3.04
C ILE A 15 -13.57 -4.98 -2.36
N SER A 16 -13.31 -4.33 -1.22
CA SER A 16 -14.36 -3.65 -0.48
C SER A 16 -14.06 -2.16 -0.37
N ARG A 17 -14.99 -1.41 0.22
CA ARG A 17 -14.82 0.03 0.37
C ARG A 17 -14.63 0.39 1.83
N ALA A 18 -13.59 1.18 2.10
CA ALA A 18 -13.29 1.60 3.46
C ALA A 18 -14.45 2.41 4.03
N LYS A 19 -14.71 2.25 5.33
CA LYS A 19 -15.79 2.99 5.97
C LYS A 19 -15.27 4.20 6.73
N LYS A 20 -14.15 4.01 7.42
CA LYS A 20 -13.54 5.11 8.18
C LYS A 20 -12.05 5.20 7.90
N TRP A 21 -11.38 6.08 8.63
CA TRP A 21 -9.94 6.27 8.47
C TRP A 21 -9.14 5.50 9.53
N SER A 22 -8.14 4.74 9.08
CA SER A 22 -7.31 3.98 10.00
C SER A 22 -5.99 3.60 9.33
N GLU A 23 -4.99 3.30 10.14
CA GLU A 23 -3.68 2.91 9.62
C GLU A 23 -3.85 1.94 8.45
N GLU A 24 -4.90 1.14 8.50
CA GLU A 24 -5.16 0.19 7.42
C GLU A 24 -5.56 0.90 6.14
N ILE A 25 -6.43 1.90 6.26
CA ILE A 25 -6.88 2.64 5.09
C ILE A 25 -5.82 3.62 4.64
N GLU A 26 -5.49 4.57 5.51
CA GLU A 26 -4.49 5.58 5.18
C GLU A 26 -3.32 4.92 4.49
N ASN A 27 -2.85 3.83 5.05
CA ASN A 27 -1.73 3.09 4.46
C ASN A 27 -2.07 2.63 3.04
N LEU A 28 -3.24 2.01 2.88
CA LEU A 28 -3.65 1.51 1.58
C LEU A 28 -3.62 2.64 0.57
N TYR A 29 -4.05 3.81 0.98
CA TYR A 29 -4.04 4.97 0.08
C TYR A 29 -2.63 5.26 -0.40
N ARG A 30 -1.68 5.30 0.53
CA ARG A 30 -0.29 5.59 0.18
C ARG A 30 0.25 4.53 -0.78
N PHE A 31 0.06 3.26 -0.43
CA PHE A 31 0.54 2.17 -1.28
C PHE A 31 -0.19 2.18 -2.62
N GLN A 32 -1.51 2.29 -2.57
CA GLN A 32 -2.33 2.29 -3.78
C GLN A 32 -1.84 3.38 -4.73
N GLN A 33 -1.53 4.54 -4.17
CA GLN A 33 -1.01 5.64 -4.98
C GLN A 33 0.29 5.24 -5.66
N ALA A 34 1.12 4.50 -4.93
CA ALA A 34 2.39 4.04 -5.47
C ALA A 34 2.16 3.02 -6.58
N GLY A 35 0.96 2.43 -6.59
CA GLY A 35 0.62 1.43 -7.59
C GLY A 35 0.61 0.03 -7.00
N TYR A 36 0.72 -0.06 -5.67
CA TYR A 36 0.73 -1.34 -4.98
C TYR A 36 -0.54 -1.52 -4.17
N ARG A 37 -0.99 -2.76 -4.07
CA ARG A 37 -2.20 -3.07 -3.32
C ARG A 37 -1.91 -3.10 -1.82
N ASP A 38 -0.71 -3.56 -1.47
CA ASP A 38 -0.30 -3.65 -0.07
C ASP A 38 1.20 -3.86 0.04
N GLU A 39 1.69 -3.85 1.26
CA GLU A 39 3.12 -4.02 1.50
C GLU A 39 3.65 -5.22 0.72
N ILE A 40 2.83 -6.26 0.63
CA ILE A 40 3.23 -7.47 -0.08
C ILE A 40 3.79 -7.14 -1.46
N GLU A 41 2.97 -6.50 -2.29
CA GLU A 41 3.39 -6.15 -3.64
C GLU A 41 4.61 -5.23 -3.61
N TYR A 42 4.61 -4.30 -2.66
CA TYR A 42 5.73 -3.37 -2.53
C TYR A 42 7.03 -4.11 -2.26
N LYS A 43 7.00 -5.07 -1.35
CA LYS A 43 8.19 -5.82 -1.01
C LYS A 43 8.74 -6.55 -2.23
N GLN A 44 7.85 -7.12 -3.02
CA GLN A 44 8.27 -7.84 -4.22
C GLN A 44 9.04 -6.92 -5.17
N VAL A 45 8.51 -5.72 -5.35
CA VAL A 45 9.14 -4.76 -6.26
C VAL A 45 10.55 -4.41 -5.77
N LYS A 46 10.69 -4.18 -4.48
CA LYS A 46 11.98 -3.83 -3.91
C LYS A 46 12.69 -5.09 -3.40
N GLN A 47 12.06 -6.24 -3.57
CA GLN A 47 12.65 -7.49 -3.12
C GLN A 47 13.20 -7.35 -1.70
N VAL A 48 12.38 -6.84 -0.80
CA VAL A 48 12.79 -6.65 0.60
C VAL A 48 11.75 -7.25 1.54
N ALA A 49 11.94 -7.02 2.84
CA ALA A 49 11.02 -7.55 3.84
C ALA A 49 10.85 -6.55 4.98
N MET A 50 10.97 -5.26 4.66
CA MET A 50 10.81 -4.23 5.68
C MET A 50 10.55 -2.87 5.03
N VAL A 51 9.48 -2.20 5.46
CA VAL A 51 9.14 -0.90 4.91
C VAL A 51 9.49 0.20 5.91
N ASP A 52 10.19 1.22 5.45
CA ASP A 52 10.60 2.33 6.33
C ASP A 52 9.38 3.02 6.91
N ARG A 53 9.36 3.15 8.24
CA ARG A 53 8.24 3.77 8.91
C ARG A 53 8.73 4.59 10.11
N TRP A 54 7.89 5.53 10.56
CA TRP A 54 8.28 6.37 11.69
C TRP A 54 7.80 5.75 13.01
N PRO A 55 8.59 5.77 14.04
CA PRO A 55 8.22 5.16 15.36
C PRO A 55 7.04 5.86 16.01
N GLU A 56 6.91 7.16 15.79
CA GLU A 56 5.83 7.93 16.40
C GLU A 56 4.48 7.28 16.11
N THR A 57 4.25 6.94 14.86
CA THR A 57 2.99 6.31 14.48
C THR A 57 3.24 5.00 13.73
N GLY A 58 4.26 4.98 12.90
CA GLY A 58 4.57 3.77 12.13
C GLY A 58 4.08 3.89 10.70
N TYR A 59 3.82 5.12 10.25
CA TYR A 59 3.34 5.34 8.89
C TYR A 59 4.49 5.24 7.90
N VAL A 60 4.16 5.07 6.63
CA VAL A 60 5.18 4.94 5.60
C VAL A 60 5.96 6.24 5.42
N LYS A 61 7.27 6.18 5.59
CA LYS A 61 8.11 7.35 5.43
C LYS A 61 8.26 7.72 3.97
N LYS A 62 8.63 6.74 3.15
CA LYS A 62 8.80 6.97 1.72
C LYS A 62 8.38 5.73 0.94
N LEU A 63 7.90 5.95 -0.29
CA LEU A 63 7.48 4.83 -1.12
C LEU A 63 7.73 5.13 -2.60
N GLN A 64 8.16 4.11 -3.33
CA GLN A 64 8.43 4.27 -4.75
C GLN A 64 7.22 3.91 -5.58
N ARG A 65 6.89 4.73 -6.56
CA ARG A 65 5.74 4.49 -7.41
C ARG A 65 6.06 3.41 -8.45
N ARG A 66 5.03 2.97 -9.15
CA ARG A 66 5.20 1.94 -10.18
C ARG A 66 5.99 2.50 -11.35
N ASP A 67 6.20 3.82 -11.34
CA ASP A 67 6.94 4.47 -12.41
C ASP A 67 8.39 4.68 -12.02
N ASN A 68 8.80 4.13 -10.88
CA ASN A 68 10.17 4.25 -10.40
C ASN A 68 10.39 5.60 -9.76
N THR A 69 9.40 6.47 -9.85
CA THR A 69 9.50 7.79 -9.25
C THR A 69 9.35 7.70 -7.75
N PHE A 70 10.32 8.23 -7.02
CA PHE A 70 10.28 8.19 -5.56
C PHE A 70 9.27 9.21 -5.03
N PHE A 71 8.37 8.75 -4.15
CA PHE A 71 7.37 9.63 -3.58
C PHE A 71 7.44 9.58 -2.06
N TYR A 72 7.77 10.72 -1.45
CA TYR A 72 7.88 10.79 0.01
C TYR A 72 6.50 10.96 0.63
N TYR A 73 6.30 10.33 1.79
CA TYR A 73 5.02 10.42 2.50
C TYR A 73 5.21 11.07 3.86
N ASN A 74 4.15 11.69 4.35
CA ASN A 74 4.21 12.36 5.64
C ASN A 74 3.67 11.45 6.73
N LYS A 75 4.45 11.23 7.78
CA LYS A 75 4.02 10.36 8.86
C LYS A 75 2.71 10.87 9.47
N GLU A 76 2.46 12.15 9.33
CA GLU A 76 1.26 12.75 9.89
C GLU A 76 0.04 12.33 9.07
N ARG A 77 -1.10 12.34 9.72
CA ARG A 77 -2.32 11.97 9.04
C ARG A 77 -2.53 12.84 7.81
N GLU A 78 -2.82 12.20 6.68
CA GLU A 78 -3.07 12.92 5.44
C GLU A 78 -4.39 12.50 4.79
N CYS A 79 -4.83 11.27 5.09
CA CYS A 79 -6.08 10.76 4.53
C CYS A 79 -7.28 11.28 5.31
N GLU A 80 -8.28 11.78 4.59
CA GLU A 80 -9.48 12.30 5.22
C GLU A 80 -10.69 11.42 4.90
N ASP A 81 -11.76 11.63 5.65
CA ASP A 81 -12.97 10.84 5.46
C ASP A 81 -13.34 10.79 3.98
N LYS A 82 -13.05 11.87 3.28
CA LYS A 82 -13.34 11.93 1.86
C LYS A 82 -12.54 10.87 1.09
N GLU A 83 -11.38 10.51 1.63
CA GLU A 83 -10.55 9.50 0.99
C GLU A 83 -11.04 8.12 1.35
N VAL A 84 -11.62 7.97 2.53
CA VAL A 84 -12.13 6.67 2.95
C VAL A 84 -13.12 6.16 1.91
N HIS A 85 -14.05 7.03 1.52
CA HIS A 85 -15.05 6.65 0.53
C HIS A 85 -14.40 6.37 -0.82
N LYS A 86 -13.44 7.22 -1.21
CA LYS A 86 -12.75 7.05 -2.48
C LYS A 86 -11.74 5.90 -2.40
N VAL A 87 -11.28 5.62 -1.19
CA VAL A 87 -10.29 4.55 -0.98
C VAL A 87 -10.97 3.18 -0.87
N LYS A 88 -10.43 2.22 -1.63
CA LYS A 88 -10.98 0.87 -1.61
C LYS A 88 -10.00 -0.07 -0.93
N VAL A 89 -10.53 -1.03 -0.17
CA VAL A 89 -9.69 -1.98 0.54
C VAL A 89 -9.75 -3.35 -0.11
N TYR A 90 -8.59 -3.88 -0.47
CA TYR A 90 -8.53 -5.20 -1.09
C TYR A 90 -8.37 -6.29 -0.04
N VAL A 91 -8.95 -7.45 -0.31
CA VAL A 91 -8.86 -8.57 0.62
C VAL A 91 -8.39 -9.83 -0.10
N TYR A 92 -7.36 -10.47 0.45
CA TYR A 92 -6.81 -11.68 -0.17
C TYR A 92 -7.22 -12.91 0.65
N GLY A 1 3.38 -4.02 -26.41
CA GLY A 1 4.23 -4.86 -25.52
C GLY A 1 3.66 -6.28 -25.47
N SER A 2 2.65 -6.47 -24.63
CA SER A 2 2.03 -7.78 -24.50
C SER A 2 3.08 -8.86 -24.27
N HIS A 3 2.70 -10.12 -24.49
CA HIS A 3 3.63 -11.23 -24.31
C HIS A 3 4.36 -11.11 -22.99
N MET A 4 3.63 -10.73 -21.93
CA MET A 4 4.22 -10.58 -20.61
C MET A 4 3.30 -11.15 -19.54
N MET A 5 2.89 -12.40 -19.73
CA MET A 5 2.01 -13.06 -18.77
C MET A 5 2.76 -13.34 -17.47
N ALA A 6 2.08 -13.13 -16.34
CA ALA A 6 2.71 -13.37 -15.05
C ALA A 6 2.90 -14.87 -14.81
N THR A 7 4.15 -15.26 -14.55
CA THR A 7 4.46 -16.67 -14.31
C THR A 7 3.72 -17.17 -13.07
N SER A 8 3.79 -16.41 -11.99
CA SER A 8 3.11 -16.78 -10.76
C SER A 8 3.02 -15.58 -9.82
N ASP A 9 1.80 -15.25 -9.40
CA ASP A 9 1.58 -14.12 -8.51
C ASP A 9 0.25 -14.26 -7.78
N VAL A 10 -0.07 -13.28 -6.94
CA VAL A 10 -1.33 -13.30 -6.20
C VAL A 10 -2.28 -12.24 -6.72
N LYS A 11 -3.43 -12.68 -7.20
CA LYS A 11 -4.42 -11.75 -7.74
C LYS A 11 -5.50 -11.45 -6.68
N PRO A 12 -6.06 -10.28 -6.70
CA PRO A 12 -7.13 -9.87 -5.75
C PRO A 12 -8.43 -10.64 -5.96
N LYS A 13 -9.18 -10.82 -4.89
CA LYS A 13 -10.46 -11.53 -4.98
C LYS A 13 -11.62 -10.56 -5.10
N SER A 14 -11.55 -9.46 -4.36
CA SER A 14 -12.60 -8.46 -4.40
C SER A 14 -12.12 -7.13 -3.83
N ILE A 15 -12.92 -6.09 -4.00
CA ILE A 15 -12.57 -4.77 -3.49
C ILE A 15 -13.74 -4.18 -2.69
N SER A 16 -13.44 -3.73 -1.47
CA SER A 16 -14.47 -3.15 -0.61
C SER A 16 -14.12 -1.71 -0.28
N ARG A 17 -15.02 -1.04 0.43
CA ARG A 17 -14.81 0.35 0.81
C ARG A 17 -14.73 0.50 2.33
N ALA A 18 -13.72 1.22 2.79
CA ALA A 18 -13.54 1.44 4.22
C ALA A 18 -14.62 2.34 4.78
N LYS A 19 -14.93 2.17 6.05
CA LYS A 19 -15.97 2.97 6.70
C LYS A 19 -15.35 4.16 7.43
N LYS A 20 -14.21 3.91 8.07
CA LYS A 20 -13.53 4.99 8.80
C LYS A 20 -12.04 5.02 8.44
N TRP A 21 -11.29 5.88 9.12
CA TRP A 21 -9.86 6.00 8.87
C TRP A 21 -9.04 5.16 9.84
N SER A 22 -8.18 4.31 9.30
CA SER A 22 -7.34 3.45 10.13
C SER A 22 -6.03 3.15 9.42
N GLU A 23 -4.98 2.91 10.20
CA GLU A 23 -3.67 2.62 9.64
C GLU A 23 -3.81 1.67 8.44
N GLU A 24 -4.87 0.87 8.46
CA GLU A 24 -5.10 -0.07 7.37
C GLU A 24 -5.49 0.68 6.10
N ILE A 25 -6.32 1.71 6.25
CA ILE A 25 -6.77 2.47 5.10
C ILE A 25 -5.64 3.33 4.56
N GLU A 26 -5.13 4.21 5.40
CA GLU A 26 -4.07 5.10 4.98
C GLU A 26 -2.98 4.32 4.27
N ASN A 27 -2.55 3.22 4.87
CA ASN A 27 -1.51 2.42 4.25
C ASN A 27 -1.90 1.97 2.85
N LEU A 28 -3.08 1.38 2.72
CA LEU A 28 -3.53 0.91 1.42
C LEU A 28 -3.50 2.04 0.41
N TYR A 29 -3.91 3.22 0.85
CA TYR A 29 -3.91 4.37 -0.03
C TYR A 29 -2.48 4.67 -0.49
N ARG A 30 -1.56 4.71 0.46
CA ARG A 30 -0.16 5.00 0.12
C ARG A 30 0.41 3.95 -0.82
N PHE A 31 0.24 2.68 -0.47
CA PHE A 31 0.75 1.60 -1.31
C PHE A 31 0.06 1.62 -2.67
N GLN A 32 -1.26 1.72 -2.65
CA GLN A 32 -2.04 1.75 -3.88
C GLN A 32 -1.54 2.88 -4.77
N GLN A 33 -1.24 4.01 -4.16
CA GLN A 33 -0.72 5.16 -4.90
C GLN A 33 0.64 4.81 -5.50
N ALA A 34 1.45 4.07 -4.75
CA ALA A 34 2.77 3.68 -5.23
C ALA A 34 2.65 2.69 -6.38
N GLY A 35 1.47 2.09 -6.52
CA GLY A 35 1.24 1.12 -7.57
C GLY A 35 1.22 -0.31 -7.02
N TYR A 36 1.25 -0.44 -5.70
CA TYR A 36 1.25 -1.74 -5.07
C TYR A 36 -0.06 -1.96 -4.32
N ARG A 37 -0.51 -3.22 -4.29
CA ARG A 37 -1.75 -3.56 -3.60
C ARG A 37 -1.54 -3.60 -2.09
N ASP A 38 -0.36 -4.03 -1.68
CA ASP A 38 -0.03 -4.12 -0.27
C ASP A 38 1.46 -4.32 -0.07
N GLU A 39 1.88 -4.34 1.18
CA GLU A 39 3.30 -4.49 1.50
C GLU A 39 3.88 -5.68 0.74
N ILE A 40 3.09 -6.73 0.60
CA ILE A 40 3.56 -7.93 -0.10
C ILE A 40 4.10 -7.57 -1.48
N GLU A 41 3.28 -6.93 -2.30
CA GLU A 41 3.70 -6.56 -3.64
C GLU A 41 4.91 -5.64 -3.59
N TYR A 42 4.90 -4.71 -2.63
CA TYR A 42 6.00 -3.77 -2.48
C TYR A 42 7.30 -4.48 -2.18
N LYS A 43 7.26 -5.43 -1.23
CA LYS A 43 8.46 -6.14 -0.85
C LYS A 43 9.04 -6.91 -2.03
N GLN A 44 8.17 -7.52 -2.82
CA GLN A 44 8.61 -8.28 -3.98
C GLN A 44 9.32 -7.37 -4.98
N VAL A 45 8.76 -6.18 -5.20
CA VAL A 45 9.36 -5.25 -6.14
C VAL A 45 10.75 -4.81 -5.69
N LYS A 46 10.88 -4.49 -4.42
CA LYS A 46 12.16 -4.07 -3.87
C LYS A 46 12.91 -5.24 -3.26
N GLN A 47 12.35 -6.43 -3.40
CA GLN A 47 13.00 -7.62 -2.88
C GLN A 47 13.50 -7.39 -1.45
N VAL A 48 12.62 -6.88 -0.60
CA VAL A 48 12.97 -6.60 0.79
C VAL A 48 11.97 -7.25 1.74
N ALA A 49 12.08 -6.93 3.01
CA ALA A 49 11.18 -7.50 4.01
C ALA A 49 10.88 -6.48 5.11
N MET A 50 11.05 -5.20 4.78
CA MET A 50 10.78 -4.14 5.75
C MET A 50 10.58 -2.80 5.04
N VAL A 51 9.67 -1.99 5.55
CA VAL A 51 9.40 -0.69 4.96
C VAL A 51 9.75 0.43 5.94
N ASP A 52 10.38 1.48 5.45
CA ASP A 52 10.77 2.61 6.29
C ASP A 52 9.53 3.37 6.76
N ARG A 53 9.35 3.45 8.07
CA ARG A 53 8.19 4.14 8.62
C ARG A 53 8.61 5.01 9.80
N TRP A 54 7.72 5.91 10.22
CA TRP A 54 8.03 6.79 11.33
C TRP A 54 7.51 6.22 12.65
N PRO A 55 8.25 6.34 13.72
CA PRO A 55 7.83 5.80 15.05
C PRO A 55 6.60 6.52 15.61
N GLU A 56 6.46 7.80 15.27
CA GLU A 56 5.35 8.58 15.77
C GLU A 56 4.02 7.94 15.43
N THR A 57 3.84 7.59 14.16
CA THR A 57 2.60 6.96 13.74
C THR A 57 2.86 5.58 13.16
N GLY A 58 4.02 5.41 12.54
CA GLY A 58 4.37 4.12 11.95
C GLY A 58 3.92 4.05 10.49
N TYR A 59 3.67 5.20 9.90
CA TYR A 59 3.25 5.25 8.50
C TYR A 59 4.44 5.20 7.56
N VAL A 60 4.18 4.82 6.31
CA VAL A 60 5.23 4.71 5.33
C VAL A 60 5.94 6.04 5.15
N LYS A 61 7.26 6.02 5.33
CA LYS A 61 8.05 7.23 5.18
C LYS A 61 8.29 7.55 3.71
N LYS A 62 8.71 6.54 2.96
CA LYS A 62 8.98 6.71 1.54
C LYS A 62 8.53 5.50 0.75
N LEU A 63 8.06 5.75 -0.47
CA LEU A 63 7.62 4.65 -1.33
C LEU A 63 7.93 4.94 -2.79
N GLN A 64 8.41 3.93 -3.50
CA GLN A 64 8.72 4.08 -4.91
C GLN A 64 7.51 3.76 -5.78
N ARG A 65 7.21 4.65 -6.72
CA ARG A 65 6.06 4.46 -7.60
C ARG A 65 6.34 3.37 -8.62
N ARG A 66 5.28 2.89 -9.27
CA ARG A 66 5.43 1.85 -10.28
C ARG A 66 6.21 2.39 -11.48
N ASP A 67 6.49 3.69 -11.46
CA ASP A 67 7.23 4.31 -12.54
C ASP A 67 8.68 4.50 -12.16
N ASN A 68 9.08 3.94 -11.02
CA ASN A 68 10.46 4.04 -10.54
C ASN A 68 10.69 5.39 -9.88
N THR A 69 9.69 6.28 -9.97
CA THR A 69 9.82 7.59 -9.37
C THR A 69 9.63 7.50 -7.86
N PHE A 70 10.61 8.02 -7.11
CA PHE A 70 10.55 8.00 -5.66
C PHE A 70 9.48 8.95 -5.14
N PHE A 71 8.61 8.44 -4.28
CA PHE A 71 7.54 9.25 -3.72
C PHE A 71 7.63 9.26 -2.19
N TYR A 72 7.94 10.43 -1.63
CA TYR A 72 8.06 10.56 -0.19
C TYR A 72 6.68 10.77 0.43
N TYR A 73 6.47 10.16 1.60
CA TYR A 73 5.20 10.29 2.31
C TYR A 73 5.37 11.04 3.62
N ASN A 74 4.31 11.72 4.05
CA ASN A 74 4.34 12.47 5.30
C ASN A 74 3.69 11.66 6.42
N LYS A 75 4.42 11.46 7.50
CA LYS A 75 3.90 10.70 8.63
C LYS A 75 2.59 11.33 9.13
N GLU A 76 2.37 12.57 8.76
CA GLU A 76 1.16 13.27 9.19
C GLU A 76 -0.02 12.79 8.35
N ARG A 77 -1.19 12.67 8.97
CA ARG A 77 -2.37 12.25 8.28
C ARG A 77 -3.45 13.31 8.24
N GLU A 78 -3.79 13.76 7.03
CA GLU A 78 -4.82 14.75 6.84
C GLU A 78 -6.00 14.12 6.11
N CYS A 79 -6.23 12.84 6.37
CA CYS A 79 -7.33 12.10 5.75
C CYS A 79 -8.61 12.24 6.57
N GLU A 80 -9.74 12.35 5.87
CA GLU A 80 -11.04 12.49 6.53
C GLU A 80 -12.03 11.48 5.96
N ASP A 81 -13.21 11.42 6.55
CA ASP A 81 -14.24 10.49 6.10
C ASP A 81 -14.39 10.56 4.58
N LYS A 82 -14.00 11.70 4.01
CA LYS A 82 -14.09 11.88 2.56
C LYS A 82 -13.10 10.97 1.85
N GLU A 83 -11.97 10.69 2.50
CA GLU A 83 -10.95 9.84 1.90
C GLU A 83 -11.28 8.37 2.15
N VAL A 84 -11.86 8.06 3.30
CA VAL A 84 -12.21 6.70 3.62
C VAL A 84 -13.13 6.13 2.54
N HIS A 85 -14.10 6.93 2.14
CA HIS A 85 -15.05 6.49 1.11
C HIS A 85 -14.38 6.43 -0.25
N LYS A 86 -13.54 7.42 -0.55
CA LYS A 86 -12.83 7.45 -1.83
C LYS A 86 -11.76 6.36 -1.89
N VAL A 87 -11.23 6.00 -0.72
CA VAL A 87 -10.20 4.98 -0.64
C VAL A 87 -10.82 3.59 -0.75
N LYS A 88 -10.20 2.73 -1.56
CA LYS A 88 -10.70 1.38 -1.74
C LYS A 88 -9.79 0.37 -1.04
N VAL A 89 -10.39 -0.67 -0.48
CA VAL A 89 -9.62 -1.68 0.22
C VAL A 89 -9.74 -3.02 -0.51
N TYR A 90 -8.63 -3.51 -1.03
CA TYR A 90 -8.63 -4.78 -1.75
C TYR A 90 -8.47 -5.95 -0.80
N VAL A 91 -9.04 -7.10 -1.18
CA VAL A 91 -8.94 -8.28 -0.35
C VAL A 91 -8.46 -9.48 -1.17
N TYR A 92 -7.36 -10.08 -0.73
CA TYR A 92 -6.80 -11.23 -1.43
C TYR A 92 -7.90 -12.23 -1.78
N GLY A 1 6.66 -25.17 -9.60
CA GLY A 1 6.67 -26.29 -10.57
C GLY A 1 6.64 -25.73 -11.98
N SER A 2 5.43 -25.58 -12.53
CA SER A 2 5.27 -25.05 -13.88
C SER A 2 5.70 -23.59 -13.94
N HIS A 3 5.69 -22.92 -12.79
CA HIS A 3 6.08 -21.52 -12.72
C HIS A 3 7.57 -21.40 -12.45
N MET A 4 8.08 -20.17 -12.56
CA MET A 4 9.50 -19.93 -12.31
C MET A 4 9.71 -18.53 -11.74
N MET A 5 8.61 -17.87 -11.38
CA MET A 5 8.69 -16.53 -10.81
C MET A 5 7.57 -16.31 -9.80
N ALA A 6 7.79 -15.39 -8.88
CA ALA A 6 6.79 -15.08 -7.86
C ALA A 6 5.53 -14.50 -8.49
N THR A 7 4.38 -14.88 -7.95
CA THR A 7 3.10 -14.41 -8.48
C THR A 7 3.03 -14.62 -9.99
N SER A 8 2.93 -15.89 -10.39
CA SER A 8 2.84 -16.22 -11.80
C SER A 8 1.57 -15.65 -12.42
N ASP A 9 0.46 -15.74 -11.69
CA ASP A 9 -0.81 -15.23 -12.17
C ASP A 9 -1.87 -15.32 -11.08
N VAL A 10 -1.70 -14.54 -10.02
CA VAL A 10 -2.64 -14.54 -8.90
C VAL A 10 -3.27 -13.17 -8.74
N LYS A 11 -4.61 -13.14 -8.71
CA LYS A 11 -5.31 -11.89 -8.55
C LYS A 11 -6.10 -11.87 -7.23
N PRO A 12 -6.29 -10.73 -6.66
CA PRO A 12 -7.07 -10.57 -5.38
C PRO A 12 -8.38 -11.35 -5.42
N LYS A 13 -8.99 -11.51 -4.24
CA LYS A 13 -10.27 -12.22 -4.15
C LYS A 13 -11.41 -11.27 -4.48
N SER A 14 -11.31 -10.04 -3.96
CA SER A 14 -12.36 -9.06 -4.18
C SER A 14 -11.92 -7.68 -3.70
N ILE A 15 -12.75 -6.67 -3.95
CA ILE A 15 -12.44 -5.31 -3.53
C ILE A 15 -13.63 -4.67 -2.83
N SER A 16 -13.38 -4.10 -1.66
CA SER A 16 -14.44 -3.46 -0.88
C SER A 16 -14.11 -2.00 -0.61
N ARG A 17 -15.02 -1.31 0.07
CA ARG A 17 -14.81 0.10 0.40
C ARG A 17 -14.71 0.29 1.92
N ALA A 18 -13.70 1.03 2.34
CA ALA A 18 -13.49 1.28 3.77
C ALA A 18 -14.61 2.16 4.31
N LYS A 19 -14.90 2.02 5.61
CA LYS A 19 -15.95 2.80 6.23
C LYS A 19 -15.39 4.05 6.90
N LYS A 20 -14.23 3.89 7.53
CA LYS A 20 -13.58 5.01 8.21
C LYS A 20 -12.08 5.01 7.93
N TRP A 21 -11.38 5.86 8.64
CA TRP A 21 -9.92 5.96 8.49
C TRP A 21 -9.18 5.14 9.54
N SER A 22 -8.19 4.38 9.10
CA SER A 22 -7.38 3.59 10.02
C SER A 22 -6.02 3.27 9.41
N GLU A 23 -5.03 3.02 10.25
CA GLU A 23 -3.68 2.71 9.78
C GLU A 23 -3.75 1.77 8.59
N GLU A 24 -4.81 0.96 8.53
CA GLU A 24 -4.98 0.03 7.44
C GLU A 24 -5.30 0.78 6.14
N ILE A 25 -6.19 1.76 6.23
CA ILE A 25 -6.57 2.51 5.05
C ILE A 25 -5.45 3.45 4.62
N GLU A 26 -5.09 4.38 5.51
CA GLU A 26 -4.04 5.35 5.20
C GLU A 26 -2.93 4.67 4.41
N ASN A 27 -2.53 3.50 4.86
CA ASN A 27 -1.48 2.74 4.16
C ASN A 27 -1.94 2.37 2.76
N LEU A 28 -3.17 1.86 2.65
CA LEU A 28 -3.71 1.47 1.36
C LEU A 28 -3.65 2.62 0.37
N TYR A 29 -4.06 3.80 0.80
CA TYR A 29 -4.03 4.97 -0.05
C TYR A 29 -2.62 5.21 -0.59
N ARG A 30 -1.65 5.22 0.31
CA ARG A 30 -0.26 5.44 -0.09
C ARG A 30 0.19 4.38 -1.08
N PHE A 31 -0.11 3.11 -0.77
CA PHE A 31 0.26 2.01 -1.64
C PHE A 31 -0.43 2.14 -2.99
N GLN A 32 -1.75 2.35 -2.95
CA GLN A 32 -2.53 2.49 -4.18
C GLN A 32 -1.95 3.59 -5.05
N GLN A 33 -1.57 4.71 -4.42
CA GLN A 33 -0.99 5.82 -5.15
C GLN A 33 0.34 5.41 -5.79
N ALA A 34 1.12 4.61 -5.06
CA ALA A 34 2.41 4.15 -5.56
C ALA A 34 2.21 3.09 -6.64
N GLY A 35 1.03 2.50 -6.67
CA GLY A 35 0.74 1.46 -7.66
C GLY A 35 0.78 0.07 -7.03
N TYR A 36 0.96 0.03 -5.71
CA TYR A 36 0.99 -1.23 -4.99
C TYR A 36 -0.32 -1.48 -4.27
N ARG A 37 -0.67 -2.75 -4.12
CA ARG A 37 -1.91 -3.13 -3.45
C ARG A 37 -1.69 -3.21 -1.94
N ASP A 38 -0.54 -3.74 -1.54
CA ASP A 38 -0.23 -3.87 -0.12
C ASP A 38 1.24 -4.19 0.07
N GLU A 39 1.68 -4.21 1.33
CA GLU A 39 3.09 -4.49 1.64
C GLU A 39 3.61 -5.64 0.78
N ILE A 40 2.74 -6.61 0.51
CA ILE A 40 3.15 -7.77 -0.25
C ILE A 40 3.78 -7.36 -1.58
N GLU A 41 3.12 -6.49 -2.31
CA GLU A 41 3.63 -6.05 -3.60
C GLU A 41 4.89 -5.20 -3.44
N TYR A 42 4.87 -4.31 -2.45
CA TYR A 42 6.01 -3.44 -2.22
C TYR A 42 7.26 -4.23 -1.93
N LYS A 43 7.16 -5.22 -1.04
CA LYS A 43 8.29 -6.02 -0.68
C LYS A 43 8.85 -6.77 -1.88
N GLN A 44 7.95 -7.30 -2.70
CA GLN A 44 8.38 -8.03 -3.88
C GLN A 44 9.13 -7.13 -4.85
N VAL A 45 8.64 -5.91 -5.03
CA VAL A 45 9.29 -4.97 -5.93
C VAL A 45 10.70 -4.65 -5.49
N LYS A 46 10.87 -4.37 -4.20
CA LYS A 46 12.17 -4.04 -3.66
C LYS A 46 12.86 -5.29 -3.10
N GLN A 47 12.19 -6.43 -3.21
CA GLN A 47 12.74 -7.68 -2.71
C GLN A 47 13.27 -7.51 -1.29
N VAL A 48 12.43 -6.98 -0.41
CA VAL A 48 12.83 -6.77 0.98
C VAL A 48 11.77 -7.33 1.92
N ALA A 49 11.94 -7.09 3.21
CA ALA A 49 11.00 -7.58 4.21
C ALA A 49 10.71 -6.51 5.25
N MET A 50 11.19 -5.31 5.01
CA MET A 50 10.99 -4.19 5.94
C MET A 50 10.67 -2.91 5.19
N VAL A 51 9.69 -2.17 5.69
CA VAL A 51 9.29 -0.91 5.06
C VAL A 51 9.72 0.27 5.92
N ASP A 52 10.24 1.31 5.28
CA ASP A 52 10.69 2.50 6.00
C ASP A 52 9.49 3.27 6.54
N ARG A 53 9.44 3.39 7.86
CA ARG A 53 8.33 4.10 8.50
C ARG A 53 8.84 4.94 9.67
N TRP A 54 8.00 5.86 10.14
CA TRP A 54 8.39 6.71 11.25
C TRP A 54 7.93 6.12 12.58
N PRO A 55 8.70 6.26 13.62
CA PRO A 55 8.34 5.72 14.96
C PRO A 55 7.14 6.42 15.58
N GLU A 56 7.01 7.70 15.30
CA GLU A 56 5.91 8.49 15.85
C GLU A 56 4.59 7.74 15.70
N THR A 57 4.33 7.23 14.51
CA THR A 57 3.10 6.48 14.26
C THR A 57 3.39 5.15 13.56
N GLY A 58 4.40 5.16 12.69
CA GLY A 58 4.76 3.94 11.96
C GLY A 58 4.21 3.99 10.55
N TYR A 59 3.93 5.19 10.05
CA TYR A 59 3.40 5.34 8.70
C TYR A 59 4.52 5.26 7.68
N VAL A 60 4.16 4.95 6.44
CA VAL A 60 5.15 4.82 5.38
C VAL A 60 5.88 6.14 5.17
N LYS A 61 7.20 6.11 5.35
CA LYS A 61 8.00 7.31 5.16
C LYS A 61 8.17 7.63 3.67
N LYS A 62 8.55 6.61 2.90
CA LYS A 62 8.73 6.79 1.47
C LYS A 62 8.27 5.55 0.72
N LEU A 63 7.77 5.74 -0.49
CA LEU A 63 7.31 4.63 -1.30
C LEU A 63 7.55 4.88 -2.79
N GLN A 64 8.15 3.90 -3.45
CA GLN A 64 8.44 4.02 -4.88
C GLN A 64 7.20 3.71 -5.71
N ARG A 65 6.92 4.56 -6.69
CA ARG A 65 5.75 4.37 -7.54
C ARG A 65 5.97 3.24 -8.54
N ARG A 66 4.90 2.83 -9.19
CA ARG A 66 5.01 1.76 -10.19
C ARG A 66 5.79 2.25 -11.41
N ASP A 67 6.10 3.55 -11.42
CA ASP A 67 6.84 4.14 -12.54
C ASP A 67 8.30 4.30 -12.18
N ASN A 68 8.72 3.69 -11.06
CA ASN A 68 10.10 3.77 -10.63
C ASN A 68 10.44 5.18 -10.16
N THR A 69 9.48 5.84 -9.50
CA THR A 69 9.71 7.18 -8.99
C THR A 69 9.52 7.21 -7.47
N PHE A 70 10.49 7.78 -6.77
CA PHE A 70 10.43 7.84 -5.32
C PHE A 70 9.47 8.94 -4.87
N PHE A 71 8.46 8.56 -4.07
CA PHE A 71 7.49 9.52 -3.58
C PHE A 71 7.46 9.52 -2.05
N TYR A 72 7.74 10.69 -1.48
CA TYR A 72 7.76 10.80 -0.02
C TYR A 72 6.35 11.00 0.51
N TYR A 73 6.03 10.31 1.59
CA TYR A 73 4.70 10.40 2.20
C TYR A 73 4.78 11.16 3.52
N ASN A 74 3.64 11.73 3.94
CA ASN A 74 3.60 12.48 5.19
C ASN A 74 3.22 11.55 6.35
N LYS A 75 4.03 11.57 7.40
CA LYS A 75 3.77 10.75 8.57
C LYS A 75 2.68 11.38 9.44
N GLU A 76 2.38 12.63 9.18
CA GLU A 76 1.36 13.33 9.96
C GLU A 76 -0.02 13.03 9.43
N ARG A 77 -0.46 11.80 9.61
CA ARG A 77 -1.77 11.40 9.16
C ARG A 77 -2.72 12.59 9.21
N GLU A 78 -3.31 12.93 8.07
CA GLU A 78 -4.29 14.02 8.04
C GLU A 78 -5.38 13.71 7.01
N CYS A 79 -5.78 12.44 6.93
CA CYS A 79 -6.83 12.03 6.00
C CYS A 79 -8.20 12.15 6.64
N GLU A 80 -9.23 12.30 5.81
CA GLU A 80 -10.60 12.43 6.28
C GLU A 80 -11.50 11.42 5.59
N ASP A 81 -12.74 11.31 6.09
CA ASP A 81 -13.69 10.37 5.52
C ASP A 81 -13.76 10.53 4.01
N LYS A 82 -13.30 11.67 3.51
CA LYS A 82 -13.31 11.93 2.08
C LYS A 82 -12.39 10.94 1.34
N GLU A 83 -11.24 10.63 1.95
CA GLU A 83 -10.30 9.71 1.35
C GLU A 83 -10.73 8.27 1.60
N VAL A 84 -11.37 8.04 2.75
CA VAL A 84 -11.81 6.70 3.10
C VAL A 84 -12.75 6.15 2.03
N HIS A 85 -13.68 6.98 1.59
CA HIS A 85 -14.65 6.57 0.57
C HIS A 85 -13.97 6.43 -0.79
N LYS A 86 -13.05 7.36 -1.09
CA LYS A 86 -12.34 7.32 -2.36
C LYS A 86 -11.36 6.15 -2.39
N VAL A 87 -10.88 5.74 -1.22
CA VAL A 87 -9.93 4.65 -1.12
C VAL A 87 -10.66 3.30 -1.03
N LYS A 88 -10.18 2.33 -1.80
CA LYS A 88 -10.78 1.00 -1.80
C LYS A 88 -9.79 -0.02 -1.24
N VAL A 89 -10.26 -0.85 -0.31
CA VAL A 89 -9.38 -1.85 0.28
C VAL A 89 -9.60 -3.21 -0.37
N TYR A 90 -8.52 -3.78 -0.89
CA TYR A 90 -8.59 -5.08 -1.55
C TYR A 90 -8.52 -6.20 -0.52
N VAL A 91 -9.10 -7.36 -0.86
CA VAL A 91 -9.09 -8.50 0.04
C VAL A 91 -8.53 -9.74 -0.67
N TYR A 92 -7.53 -10.37 -0.06
CA TYR A 92 -6.91 -11.55 -0.64
C TYR A 92 -7.26 -12.79 0.19
N GLY A 1 9.96 -6.12 -19.46
CA GLY A 1 10.27 -5.62 -20.83
C GLY A 1 9.03 -5.72 -21.71
N SER A 2 9.23 -5.79 -23.02
CA SER A 2 8.11 -5.88 -23.95
C SER A 2 7.30 -7.14 -23.68
N HIS A 3 7.98 -8.25 -23.49
CA HIS A 3 7.31 -9.52 -23.22
C HIS A 3 7.99 -10.26 -22.08
N MET A 4 7.36 -10.27 -20.92
CA MET A 4 7.91 -10.94 -19.75
C MET A 4 6.94 -10.88 -18.58
N MET A 5 6.48 -12.06 -18.14
CA MET A 5 5.54 -12.12 -17.03
C MET A 5 6.24 -12.59 -15.75
N ALA A 6 6.08 -11.83 -14.68
CA ALA A 6 6.71 -12.17 -13.41
C ALA A 6 6.03 -13.39 -12.78
N THR A 7 6.82 -14.21 -12.10
CA THR A 7 6.28 -15.40 -11.46
C THR A 7 5.59 -15.05 -10.14
N SER A 8 5.79 -13.81 -9.70
CA SER A 8 5.19 -13.35 -8.45
C SER A 8 4.02 -12.40 -8.72
N ASP A 9 2.99 -12.91 -9.39
CA ASP A 9 1.81 -12.11 -9.70
C ASP A 9 0.54 -12.77 -9.17
N VAL A 10 0.26 -12.54 -7.90
CA VAL A 10 -0.94 -13.11 -7.29
C VAL A 10 -2.07 -12.11 -7.27
N LYS A 11 -3.18 -12.46 -7.93
CA LYS A 11 -4.33 -11.57 -7.96
C LYS A 11 -5.08 -11.60 -6.64
N PRO A 12 -5.71 -10.51 -6.27
CA PRO A 12 -6.50 -10.43 -5.00
C PRO A 12 -7.76 -11.27 -5.04
N LYS A 13 -8.33 -11.53 -3.86
CA LYS A 13 -9.54 -12.32 -3.77
C LYS A 13 -10.77 -11.47 -4.06
N SER A 14 -10.86 -10.34 -3.37
CA SER A 14 -11.99 -9.43 -3.55
C SER A 14 -11.59 -8.01 -3.17
N ILE A 15 -12.41 -7.04 -3.58
CA ILE A 15 -12.13 -5.63 -3.28
C ILE A 15 -13.29 -5.03 -2.50
N SER A 16 -12.98 -4.38 -1.38
CA SER A 16 -14.00 -3.75 -0.54
C SER A 16 -13.72 -2.28 -0.37
N ARG A 17 -14.64 -1.57 0.28
CA ARG A 17 -14.48 -0.14 0.51
C ARG A 17 -14.32 0.14 2.01
N ALA A 18 -13.28 0.89 2.35
CA ALA A 18 -13.02 1.23 3.73
C ALA A 18 -14.20 1.99 4.34
N LYS A 19 -14.38 1.86 5.65
CA LYS A 19 -15.49 2.53 6.32
C LYS A 19 -15.02 3.81 7.00
N LYS A 20 -13.86 3.75 7.63
CA LYS A 20 -13.31 4.92 8.32
C LYS A 20 -11.79 4.92 8.24
N TRP A 21 -11.21 6.12 8.21
CA TRP A 21 -9.77 6.26 8.11
C TRP A 21 -9.06 5.53 9.24
N SER A 22 -7.98 4.84 8.90
CA SER A 22 -7.23 4.09 9.89
C SER A 22 -5.89 3.65 9.32
N GLU A 23 -4.98 3.24 10.20
CA GLU A 23 -3.66 2.80 9.76
C GLU A 23 -3.78 1.86 8.57
N GLU A 24 -4.83 1.05 8.57
CA GLU A 24 -5.05 0.12 7.47
C GLU A 24 -5.33 0.88 6.18
N ILE A 25 -6.24 1.85 6.25
CA ILE A 25 -6.59 2.63 5.06
C ILE A 25 -5.41 3.48 4.63
N GLU A 26 -4.95 4.32 5.53
CA GLU A 26 -3.82 5.19 5.22
C GLU A 26 -2.81 4.45 4.37
N ASN A 27 -2.49 3.23 4.76
CA ASN A 27 -1.54 2.42 4.01
C ASN A 27 -2.04 2.14 2.61
N LEU A 28 -3.28 1.70 2.50
CA LEU A 28 -3.86 1.37 1.21
C LEU A 28 -3.72 2.54 0.25
N TYR A 29 -4.08 3.73 0.71
CA TYR A 29 -3.99 4.92 -0.13
C TYR A 29 -2.55 5.12 -0.59
N ARG A 30 -1.62 5.09 0.35
CA ARG A 30 -0.21 5.29 -0.01
C ARG A 30 0.24 4.24 -1.01
N PHE A 31 -0.06 2.98 -0.76
CA PHE A 31 0.34 1.91 -1.66
C PHE A 31 -0.33 2.08 -3.01
N GLN A 32 -1.64 2.31 -2.99
CA GLN A 32 -2.38 2.50 -4.24
C GLN A 32 -1.77 3.62 -5.05
N GLN A 33 -1.42 4.72 -4.39
CA GLN A 33 -0.79 5.83 -5.07
C GLN A 33 0.55 5.42 -5.67
N ALA A 34 1.30 4.62 -4.92
CA ALA A 34 2.60 4.15 -5.40
C ALA A 34 2.43 3.14 -6.52
N GLY A 35 1.24 2.54 -6.60
CA GLY A 35 0.97 1.56 -7.63
C GLY A 35 0.90 0.15 -7.05
N TYR A 36 1.04 0.04 -5.74
CA TYR A 36 1.00 -1.25 -5.07
C TYR A 36 -0.32 -1.42 -4.36
N ARG A 37 -0.78 -2.68 -4.25
CA ARG A 37 -2.04 -2.96 -3.58
C ARG A 37 -1.83 -3.11 -2.08
N ASP A 38 -0.68 -3.67 -1.70
CA ASP A 38 -0.37 -3.88 -0.28
C ASP A 38 1.06 -4.41 -0.12
N GLU A 39 1.43 -4.71 1.11
CA GLU A 39 2.76 -5.23 1.40
C GLU A 39 3.16 -6.27 0.38
N ILE A 40 2.23 -7.14 0.02
CA ILE A 40 2.53 -8.20 -0.94
C ILE A 40 3.22 -7.65 -2.17
N GLU A 41 2.52 -6.80 -2.91
CA GLU A 41 3.09 -6.22 -4.12
C GLU A 41 4.30 -5.36 -3.81
N TYR A 42 4.20 -4.57 -2.76
CA TYR A 42 5.29 -3.68 -2.43
C TYR A 42 6.58 -4.47 -2.18
N LYS A 43 6.52 -5.48 -1.33
CA LYS A 43 7.70 -6.27 -1.02
C LYS A 43 8.24 -6.96 -2.25
N GLN A 44 7.35 -7.47 -3.08
CA GLN A 44 7.78 -8.15 -4.29
C GLN A 44 8.51 -7.21 -5.23
N VAL A 45 8.01 -5.99 -5.37
CA VAL A 45 8.62 -5.02 -6.27
C VAL A 45 10.07 -4.72 -5.86
N LYS A 46 10.27 -4.48 -4.57
CA LYS A 46 11.60 -4.18 -4.07
C LYS A 46 12.24 -5.41 -3.44
N GLN A 47 11.51 -6.52 -3.45
CA GLN A 47 12.03 -7.75 -2.86
C GLN A 47 12.62 -7.49 -1.48
N VAL A 48 11.83 -6.87 -0.61
CA VAL A 48 12.29 -6.55 0.74
C VAL A 48 11.43 -7.27 1.77
N ALA A 49 11.60 -6.90 3.04
CA ALA A 49 10.85 -7.53 4.12
C ALA A 49 10.37 -6.49 5.12
N MET A 50 11.18 -5.45 5.34
CA MET A 50 10.83 -4.39 6.28
C MET A 50 10.54 -3.09 5.54
N VAL A 51 9.63 -2.30 6.10
CA VAL A 51 9.27 -1.02 5.49
C VAL A 51 9.73 0.13 6.36
N ASP A 52 10.30 1.16 5.73
CA ASP A 52 10.79 2.32 6.47
C ASP A 52 9.60 3.17 6.95
N ARG A 53 9.47 3.30 8.26
CA ARG A 53 8.38 4.07 8.83
C ARG A 53 8.88 4.92 10.00
N TRP A 54 8.02 5.81 10.48
CA TRP A 54 8.42 6.68 11.60
C TRP A 54 7.89 6.11 12.93
N PRO A 55 8.65 6.19 13.99
CA PRO A 55 8.23 5.66 15.32
C PRO A 55 7.04 6.42 15.90
N GLU A 56 6.91 7.69 15.56
CA GLU A 56 5.83 8.50 16.08
C GLU A 56 4.48 7.81 15.86
N THR A 57 4.24 7.39 14.63
CA THR A 57 2.99 6.71 14.31
C THR A 57 3.25 5.36 13.64
N GLY A 58 4.30 5.30 12.83
CA GLY A 58 4.63 4.05 12.14
C GLY A 58 4.13 4.07 10.70
N TYR A 59 3.98 5.26 10.14
CA TYR A 59 3.52 5.40 8.77
C TYR A 59 4.68 5.31 7.80
N VAL A 60 4.38 4.90 6.56
CA VAL A 60 5.41 4.76 5.54
C VAL A 60 6.15 6.08 5.36
N LYS A 61 7.47 6.03 5.51
CA LYS A 61 8.29 7.22 5.35
C LYS A 61 8.45 7.57 3.88
N LYS A 62 8.87 6.59 3.08
CA LYS A 62 9.05 6.81 1.65
C LYS A 62 8.61 5.60 0.86
N LEU A 63 8.11 5.83 -0.35
CA LEU A 63 7.65 4.73 -1.18
C LEU A 63 7.87 5.04 -2.66
N GLN A 64 8.40 4.06 -3.38
CA GLN A 64 8.66 4.23 -4.81
C GLN A 64 7.42 3.93 -5.62
N ARG A 65 7.14 4.78 -6.60
CA ARG A 65 5.96 4.59 -7.43
C ARG A 65 6.19 3.51 -8.49
N ARG A 66 5.12 3.09 -9.14
CA ARG A 66 5.22 2.06 -10.18
C ARG A 66 5.94 2.62 -11.39
N ASP A 67 6.22 3.92 -11.36
CA ASP A 67 6.92 4.56 -12.46
C ASP A 67 8.39 4.71 -12.15
N ASN A 68 8.83 4.14 -11.03
CA ASN A 68 10.23 4.21 -10.64
C ASN A 68 10.59 5.60 -10.12
N THR A 69 9.64 6.22 -9.41
CA THR A 69 9.88 7.56 -8.86
C THR A 69 9.72 7.52 -7.34
N PHE A 70 10.71 8.07 -6.65
CA PHE A 70 10.67 8.10 -5.19
C PHE A 70 9.68 9.14 -4.70
N PHE A 71 8.72 8.71 -3.89
CA PHE A 71 7.70 9.62 -3.36
C PHE A 71 7.72 9.60 -1.84
N TYR A 72 8.02 10.75 -1.24
CA TYR A 72 8.07 10.85 0.20
C TYR A 72 6.66 11.03 0.78
N TYR A 73 6.37 10.27 1.84
CA TYR A 73 5.07 10.36 2.49
C TYR A 73 5.17 11.08 3.82
N ASN A 74 4.07 11.69 4.25
CA ASN A 74 4.05 12.43 5.51
C ASN A 74 3.40 11.59 6.61
N LYS A 75 4.04 11.55 7.78
CA LYS A 75 3.49 10.81 8.91
C LYS A 75 2.25 11.49 9.46
N GLU A 76 2.22 12.81 9.37
CA GLU A 76 1.08 13.56 9.86
C GLU A 76 -0.11 13.40 8.94
N ARG A 77 -0.47 12.16 8.64
CA ARG A 77 -1.58 11.87 7.75
C ARG A 77 -2.67 12.93 7.88
N GLU A 78 -3.22 13.33 6.73
CA GLU A 78 -4.27 14.35 6.71
C GLU A 78 -5.48 13.83 5.93
N CYS A 79 -5.74 12.54 6.07
CA CYS A 79 -6.87 11.92 5.38
C CYS A 79 -8.15 12.00 6.21
N GLU A 80 -9.29 12.07 5.53
CA GLU A 80 -10.58 12.16 6.20
C GLU A 80 -11.58 11.20 5.57
N ASP A 81 -12.78 11.13 6.14
CA ASP A 81 -13.82 10.25 5.64
C ASP A 81 -13.95 10.41 4.12
N LYS A 82 -13.47 11.53 3.61
CA LYS A 82 -13.53 11.79 2.18
C LYS A 82 -12.62 10.83 1.42
N GLU A 83 -11.47 10.50 2.01
CA GLU A 83 -10.54 9.59 1.38
C GLU A 83 -10.98 8.15 1.58
N VAL A 84 -11.54 7.86 2.74
CA VAL A 84 -12.00 6.50 3.01
C VAL A 84 -13.04 6.08 1.99
N HIS A 85 -13.95 6.99 1.65
CA HIS A 85 -15.01 6.68 0.70
C HIS A 85 -14.46 6.48 -0.72
N LYS A 86 -13.53 7.34 -1.12
CA LYS A 86 -12.96 7.22 -2.47
C LYS A 86 -11.84 6.17 -2.50
N VAL A 87 -11.31 5.85 -1.32
CA VAL A 87 -10.24 4.87 -1.21
C VAL A 87 -10.82 3.46 -1.11
N LYS A 88 -10.21 2.52 -1.82
CA LYS A 88 -10.66 1.14 -1.79
C LYS A 88 -9.69 0.26 -1.02
N VAL A 89 -10.17 -0.89 -0.56
CA VAL A 89 -9.33 -1.81 0.20
C VAL A 89 -9.37 -3.20 -0.41
N TYR A 90 -8.20 -3.73 -0.75
CA TYR A 90 -8.13 -5.07 -1.33
C TYR A 90 -8.04 -6.12 -0.24
N VAL A 91 -8.71 -7.25 -0.48
CA VAL A 91 -8.69 -8.35 0.48
C VAL A 91 -8.33 -9.68 -0.20
N TYR A 92 -7.42 -10.42 0.42
CA TYR A 92 -7.01 -11.71 -0.12
C TYR A 92 -8.00 -12.79 0.28
N GLY A 1 16.64 -13.38 -11.54
CA GLY A 1 15.23 -12.98 -11.85
C GLY A 1 14.52 -14.13 -12.56
N SER A 2 13.47 -14.64 -11.93
CA SER A 2 12.70 -15.74 -12.52
C SER A 2 13.64 -16.84 -13.02
N HIS A 3 14.09 -17.69 -12.11
CA HIS A 3 14.97 -18.79 -12.48
C HIS A 3 14.28 -19.76 -13.42
N MET A 4 13.00 -20.01 -13.17
CA MET A 4 12.22 -20.91 -14.00
C MET A 4 10.86 -20.31 -14.32
N MET A 5 9.84 -21.16 -14.40
CA MET A 5 8.49 -20.71 -14.70
C MET A 5 7.64 -20.69 -13.44
N ALA A 6 6.87 -19.64 -13.26
CA ALA A 6 6.01 -19.51 -12.09
C ALA A 6 4.96 -20.61 -12.07
N THR A 7 4.73 -21.19 -10.89
CA THR A 7 3.74 -22.25 -10.76
C THR A 7 2.35 -21.67 -10.54
N SER A 8 2.29 -20.52 -9.89
CA SER A 8 1.01 -19.87 -9.61
C SER A 8 1.23 -18.41 -9.25
N ASP A 9 0.26 -17.56 -9.59
CA ASP A 9 0.34 -16.14 -9.28
C ASP A 9 -0.60 -15.79 -8.14
N VAL A 10 -0.16 -14.89 -7.26
CA VAL A 10 -0.97 -14.47 -6.13
C VAL A 10 -1.84 -13.29 -6.49
N LYS A 11 -3.15 -13.53 -6.60
CA LYS A 11 -4.08 -12.48 -6.96
C LYS A 11 -5.10 -12.25 -5.83
N PRO A 12 -5.59 -11.05 -5.68
CA PRO A 12 -6.59 -10.72 -4.63
C PRO A 12 -7.95 -11.37 -4.91
N LYS A 13 -8.73 -11.56 -3.85
CA LYS A 13 -10.05 -12.17 -3.99
C LYS A 13 -11.08 -11.15 -4.43
N SER A 14 -11.06 -9.98 -3.80
CA SER A 14 -12.00 -8.91 -4.13
C SER A 14 -11.55 -7.58 -3.54
N ILE A 15 -12.30 -6.53 -3.81
CA ILE A 15 -11.99 -5.21 -3.29
C ILE A 15 -13.23 -4.54 -2.70
N SER A 16 -13.10 -4.04 -1.48
CA SER A 16 -14.21 -3.38 -0.80
C SER A 16 -13.87 -1.92 -0.49
N ARG A 17 -14.83 -1.20 0.08
CA ARG A 17 -14.63 0.19 0.43
C ARG A 17 -14.58 0.37 1.93
N ALA A 18 -13.57 1.07 2.42
CA ALA A 18 -13.42 1.31 3.85
C ALA A 18 -14.54 2.22 4.35
N LYS A 19 -14.94 2.03 5.60
CA LYS A 19 -16.00 2.82 6.19
C LYS A 19 -15.43 3.99 6.98
N LYS A 20 -14.30 3.74 7.66
CA LYS A 20 -13.66 4.78 8.45
C LYS A 20 -12.16 4.84 8.15
N TRP A 21 -11.47 5.71 8.86
CA TRP A 21 -10.03 5.87 8.67
C TRP A 21 -9.22 5.09 9.69
N SER A 22 -8.20 4.38 9.22
CA SER A 22 -7.35 3.60 10.11
C SER A 22 -6.02 3.30 9.45
N GLU A 23 -5.03 2.97 10.26
CA GLU A 23 -3.70 2.66 9.74
C GLU A 23 -3.81 1.72 8.54
N GLU A 24 -4.86 0.92 8.53
CA GLU A 24 -5.08 -0.01 7.42
C GLU A 24 -5.42 0.75 6.14
N ILE A 25 -6.30 1.74 6.25
CA ILE A 25 -6.70 2.51 5.09
C ILE A 25 -5.57 3.40 4.64
N GLU A 26 -5.11 4.26 5.53
CA GLU A 26 -4.02 5.16 5.20
C GLU A 26 -2.97 4.43 4.39
N ASN A 27 -2.62 3.24 4.83
CA ASN A 27 -1.62 2.44 4.13
C ASN A 27 -2.07 2.15 2.71
N LEU A 28 -3.29 1.67 2.56
CA LEU A 28 -3.81 1.34 1.24
C LEU A 28 -3.69 2.52 0.30
N TYR A 29 -4.04 3.70 0.78
CA TYR A 29 -3.96 4.89 -0.04
C TYR A 29 -2.53 5.15 -0.51
N ARG A 30 -1.59 5.10 0.42
CA ARG A 30 -0.19 5.35 0.08
C ARG A 30 0.32 4.32 -0.93
N PHE A 31 0.09 3.05 -0.64
CA PHE A 31 0.54 1.98 -1.53
C PHE A 31 -0.18 2.07 -2.88
N GLN A 32 -1.50 2.23 -2.82
CA GLN A 32 -2.30 2.33 -4.04
C GLN A 32 -1.75 3.42 -4.94
N GLN A 33 -1.39 4.54 -4.34
CA GLN A 33 -0.82 5.65 -5.10
C GLN A 33 0.49 5.23 -5.76
N ALA A 34 1.26 4.40 -5.06
CA ALA A 34 2.53 3.93 -5.60
C ALA A 34 2.31 2.95 -6.75
N GLY A 35 1.09 2.42 -6.85
CA GLY A 35 0.77 1.47 -7.91
C GLY A 35 0.72 0.04 -7.38
N TYR A 36 0.71 -0.10 -6.06
CA TYR A 36 0.67 -1.42 -5.43
C TYR A 36 -0.64 -1.61 -4.68
N ARG A 37 -1.11 -2.86 -4.67
CA ARG A 37 -2.35 -3.18 -3.97
C ARG A 37 -2.11 -3.24 -2.47
N ASP A 38 -0.93 -3.74 -2.08
CA ASP A 38 -0.58 -3.85 -0.67
C ASP A 38 0.94 -3.99 -0.52
N GLU A 39 1.40 -3.90 0.72
CA GLU A 39 2.83 -4.01 1.00
C GLU A 39 3.41 -5.25 0.34
N ILE A 40 2.59 -6.29 0.20
CA ILE A 40 3.07 -7.53 -0.39
C ILE A 40 3.61 -7.27 -1.80
N GLU A 41 2.85 -6.56 -2.61
CA GLU A 41 3.26 -6.28 -3.98
C GLU A 41 4.52 -5.40 -3.97
N TYR A 42 4.55 -4.43 -3.06
CA TYR A 42 5.70 -3.53 -2.96
C TYR A 42 6.97 -4.29 -2.61
N LYS A 43 6.88 -5.19 -1.64
CA LYS A 43 8.04 -5.96 -1.22
C LYS A 43 8.60 -6.78 -2.38
N GLN A 44 7.72 -7.37 -3.17
CA GLN A 44 8.16 -8.17 -4.30
C GLN A 44 8.93 -7.31 -5.30
N VAL A 45 8.43 -6.11 -5.54
CA VAL A 45 9.07 -5.20 -6.49
C VAL A 45 10.49 -4.86 -6.04
N LYS A 46 10.64 -4.56 -4.76
CA LYS A 46 11.94 -4.21 -4.21
C LYS A 46 12.57 -5.40 -3.50
N GLN A 47 11.91 -6.56 -3.59
CA GLN A 47 12.42 -7.77 -2.95
C GLN A 47 13.05 -7.44 -1.60
N VAL A 48 12.26 -6.87 -0.70
CA VAL A 48 12.76 -6.51 0.63
C VAL A 48 12.10 -7.37 1.70
N ALA A 49 12.25 -6.96 2.96
CA ALA A 49 11.67 -7.70 4.07
C ALA A 49 10.82 -6.78 4.95
N MET A 50 11.17 -5.49 4.98
CA MET A 50 10.44 -4.53 5.78
C MET A 50 10.51 -3.15 5.16
N VAL A 51 9.63 -2.25 5.59
CA VAL A 51 9.60 -0.89 5.06
C VAL A 51 9.78 0.12 6.19
N ASP A 52 10.50 1.20 5.91
CA ASP A 52 10.74 2.23 6.91
C ASP A 52 9.43 2.95 7.27
N ARG A 53 9.33 3.34 8.53
CA ARG A 53 8.14 4.03 8.99
C ARG A 53 8.48 5.15 9.96
N TRP A 54 7.61 6.16 10.03
CA TRP A 54 7.85 7.28 10.91
C TRP A 54 7.53 6.99 12.37
N PRO A 55 8.28 7.56 13.28
CA PRO A 55 7.99 7.41 14.73
C PRO A 55 6.71 8.15 15.09
N GLU A 56 6.15 7.85 16.26
CA GLU A 56 4.93 8.51 16.71
C GLU A 56 3.72 7.86 16.10
N THR A 57 3.74 7.62 14.78
CA THR A 57 2.60 7.02 14.13
C THR A 57 2.96 5.70 13.47
N GLY A 58 4.15 5.63 12.91
CA GLY A 58 4.60 4.40 12.26
C GLY A 58 4.10 4.35 10.81
N TYR A 59 3.76 5.49 10.25
CA TYR A 59 3.27 5.54 8.88
C TYR A 59 4.39 5.27 7.90
N VAL A 60 4.04 4.94 6.67
CA VAL A 60 5.03 4.64 5.64
C VAL A 60 5.98 5.81 5.44
N LYS A 61 7.27 5.54 5.51
CA LYS A 61 8.27 6.58 5.33
C LYS A 61 8.36 7.01 3.87
N LYS A 62 8.50 6.05 2.98
CA LYS A 62 8.58 6.35 1.57
C LYS A 62 8.16 5.14 0.74
N LEU A 63 7.67 5.40 -0.47
CA LEU A 63 7.25 4.32 -1.34
C LEU A 63 7.56 4.64 -2.79
N GLN A 64 8.17 3.68 -3.49
CA GLN A 64 8.51 3.87 -4.90
C GLN A 64 7.30 3.64 -5.79
N ARG A 65 7.06 4.59 -6.68
CA ARG A 65 5.90 4.49 -7.58
C ARG A 65 6.17 3.48 -8.68
N ARG A 66 5.12 3.13 -9.41
CA ARG A 66 5.25 2.17 -10.50
C ARG A 66 6.12 2.75 -11.61
N ASP A 67 6.37 4.06 -11.51
CA ASP A 67 7.19 4.74 -12.51
C ASP A 67 8.64 4.78 -12.07
N ASN A 68 8.97 4.02 -11.04
CA ASN A 68 10.33 3.98 -10.51
C ASN A 68 10.73 5.31 -9.91
N THR A 69 9.78 5.97 -9.25
CA THR A 69 10.05 7.25 -8.61
C THR A 69 9.81 7.16 -7.11
N PHE A 70 10.79 7.60 -6.33
CA PHE A 70 10.68 7.56 -4.87
C PHE A 70 9.76 8.66 -4.38
N PHE A 71 8.68 8.27 -3.71
CA PHE A 71 7.72 9.24 -3.18
C PHE A 71 7.70 9.19 -1.66
N TYR A 72 8.11 10.29 -1.03
CA TYR A 72 8.15 10.36 0.42
C TYR A 72 6.76 10.69 0.96
N TYR A 73 6.41 10.09 2.09
CA TYR A 73 5.12 10.32 2.72
C TYR A 73 5.29 11.01 4.07
N ASN A 74 4.32 11.83 4.45
CA ASN A 74 4.37 12.54 5.71
C ASN A 74 3.68 11.74 6.82
N LYS A 75 4.21 11.84 8.03
CA LYS A 75 3.64 11.12 9.15
C LYS A 75 2.44 11.85 9.74
N GLU A 76 2.36 13.15 9.47
CA GLU A 76 1.28 13.96 9.99
C GLU A 76 0.00 13.62 9.27
N ARG A 77 -0.37 12.34 9.27
CA ARG A 77 -1.59 11.88 8.59
C ARG A 77 -2.27 12.97 7.76
N GLU A 78 -2.98 12.57 6.75
CA GLU A 78 -3.70 13.54 5.95
C GLU A 78 -4.97 12.95 5.35
N CYS A 79 -5.37 11.78 5.84
CA CYS A 79 -6.55 11.11 5.34
C CYS A 79 -7.78 11.44 6.18
N GLU A 80 -8.86 11.82 5.51
CA GLU A 80 -10.10 12.15 6.19
C GLU A 80 -11.21 11.20 5.75
N ASP A 81 -12.33 11.24 6.45
CA ASP A 81 -13.46 10.37 6.13
C ASP A 81 -13.77 10.44 4.63
N LYS A 82 -13.49 11.59 4.04
CA LYS A 82 -13.73 11.79 2.60
C LYS A 82 -12.84 10.85 1.79
N GLU A 83 -11.67 10.52 2.33
CA GLU A 83 -10.76 9.63 1.64
C GLU A 83 -11.13 8.18 1.88
N VAL A 84 -11.74 7.90 3.03
CA VAL A 84 -12.14 6.55 3.35
C VAL A 84 -13.07 6.02 2.26
N HIS A 85 -14.06 6.82 1.90
CA HIS A 85 -15.02 6.41 0.86
C HIS A 85 -14.34 6.36 -0.49
N LYS A 86 -13.49 7.34 -0.77
CA LYS A 86 -12.78 7.39 -2.05
C LYS A 86 -11.70 6.30 -2.11
N VAL A 87 -11.20 5.90 -0.94
CA VAL A 87 -10.17 4.89 -0.86
C VAL A 87 -10.78 3.50 -0.81
N LYS A 88 -10.13 2.54 -1.48
CA LYS A 88 -10.62 1.17 -1.51
C LYS A 88 -9.65 0.24 -0.78
N VAL A 89 -10.16 -0.91 -0.34
CA VAL A 89 -9.34 -1.88 0.37
C VAL A 89 -9.44 -3.25 -0.28
N TYR A 90 -8.29 -3.83 -0.62
CA TYR A 90 -8.26 -5.15 -1.24
C TYR A 90 -8.41 -6.25 -0.18
N VAL A 91 -9.10 -7.33 -0.55
CA VAL A 91 -9.30 -8.44 0.38
C VAL A 91 -8.85 -9.75 -0.26
N TYR A 92 -8.18 -10.57 0.54
CA TYR A 92 -7.69 -11.86 0.04
C TYR A 92 -8.66 -12.97 0.40
N GLY A 1 -5.10 -23.31 -30.24
CA GLY A 1 -3.71 -23.01 -29.80
C GLY A 1 -3.71 -21.84 -28.82
N SER A 2 -4.22 -22.08 -27.62
CA SER A 2 -4.28 -21.03 -26.61
C SER A 2 -2.87 -20.64 -26.15
N HIS A 3 -2.68 -19.37 -25.86
CA HIS A 3 -1.38 -18.87 -25.41
C HIS A 3 -1.28 -18.96 -23.89
N MET A 4 -0.04 -19.08 -23.40
CA MET A 4 0.18 -19.18 -21.96
C MET A 4 0.40 -17.79 -21.36
N MET A 5 0.04 -17.64 -20.09
CA MET A 5 0.20 -16.37 -19.41
C MET A 5 1.58 -16.28 -18.75
N ALA A 6 2.33 -15.25 -19.10
CA ALA A 6 3.66 -15.06 -18.54
C ALA A 6 3.57 -14.72 -17.06
N THR A 7 4.54 -15.18 -16.29
CA THR A 7 4.56 -14.92 -14.85
C THR A 7 3.26 -15.39 -14.20
N SER A 8 3.30 -15.57 -12.89
CA SER A 8 2.12 -16.03 -12.15
C SER A 8 1.96 -15.25 -10.86
N ASP A 9 1.42 -14.03 -10.96
CA ASP A 9 1.21 -13.19 -9.79
C ASP A 9 -0.06 -13.59 -9.05
N VAL A 10 -0.38 -12.86 -8.00
CA VAL A 10 -1.58 -13.14 -7.21
C VAL A 10 -2.64 -12.08 -7.45
N LYS A 11 -3.84 -12.52 -7.84
CA LYS A 11 -4.92 -11.59 -8.10
C LYS A 11 -5.85 -11.51 -6.89
N PRO A 12 -6.48 -10.38 -6.68
CA PRO A 12 -7.42 -10.18 -5.54
C PRO A 12 -8.68 -11.01 -5.66
N LYS A 13 -9.32 -11.27 -4.53
CA LYS A 13 -10.54 -12.07 -4.52
C LYS A 13 -11.77 -11.16 -4.51
N SER A 14 -11.71 -10.10 -3.71
CA SER A 14 -12.81 -9.16 -3.63
C SER A 14 -12.33 -7.79 -3.18
N ILE A 15 -13.17 -6.78 -3.41
CA ILE A 15 -12.83 -5.42 -3.01
C ILE A 15 -13.96 -4.79 -2.21
N SER A 16 -13.62 -4.14 -1.11
CA SER A 16 -14.61 -3.49 -0.25
C SER A 16 -14.25 -2.02 -0.03
N ARG A 17 -15.12 -1.32 0.68
CA ARG A 17 -14.89 0.10 0.97
C ARG A 17 -14.68 0.32 2.46
N ALA A 18 -13.62 1.04 2.78
CA ALA A 18 -13.29 1.33 4.16
C ALA A 18 -14.36 2.20 4.81
N LYS A 19 -14.47 2.08 6.13
CA LYS A 19 -15.46 2.87 6.87
C LYS A 19 -14.91 4.23 7.24
N LYS A 20 -13.62 4.28 7.59
CA LYS A 20 -12.99 5.53 7.95
C LYS A 20 -11.48 5.39 8.01
N TRP A 21 -10.82 6.52 8.20
CA TRP A 21 -9.35 6.56 8.25
C TRP A 21 -8.84 5.56 9.27
N SER A 22 -7.83 4.79 8.88
CA SER A 22 -7.26 3.80 9.77
C SER A 22 -5.90 3.36 9.26
N GLU A 23 -5.14 2.74 10.13
CA GLU A 23 -3.80 2.31 9.76
C GLU A 23 -3.87 1.39 8.55
N GLU A 24 -4.87 0.52 8.52
CA GLU A 24 -5.03 -0.38 7.39
C GLU A 24 -5.39 0.39 6.12
N ILE A 25 -6.33 1.31 6.24
CA ILE A 25 -6.76 2.09 5.07
C ILE A 25 -5.65 3.04 4.67
N GLU A 26 -5.25 3.90 5.60
CA GLU A 26 -4.20 4.86 5.33
C GLU A 26 -3.09 4.22 4.51
N ASN A 27 -2.65 3.06 4.96
CA ASN A 27 -1.59 2.34 4.24
C ASN A 27 -2.05 1.98 2.83
N LEU A 28 -3.26 1.45 2.71
CA LEU A 28 -3.77 1.06 1.40
C LEU A 28 -3.79 2.26 0.48
N TYR A 29 -4.18 3.42 1.00
CA TYR A 29 -4.20 4.62 0.20
C TYR A 29 -2.82 4.92 -0.34
N ARG A 30 -1.82 4.92 0.55
CA ARG A 30 -0.46 5.21 0.12
C ARG A 30 0.01 4.20 -0.90
N PHE A 31 -0.21 2.92 -0.62
CA PHE A 31 0.20 1.87 -1.54
C PHE A 31 -0.51 2.00 -2.88
N GLN A 32 -1.83 2.16 -2.83
CA GLN A 32 -2.62 2.27 -4.04
C GLN A 32 -2.14 3.44 -4.88
N GLN A 33 -1.83 4.55 -4.23
CA GLN A 33 -1.32 5.71 -4.93
C GLN A 33 0.01 5.39 -5.61
N ALA A 34 0.86 4.65 -4.91
CA ALA A 34 2.16 4.26 -5.46
C ALA A 34 1.99 3.21 -6.56
N GLY A 35 0.85 2.52 -6.55
CA GLY A 35 0.58 1.49 -7.54
C GLY A 35 0.68 0.09 -6.92
N TYR A 36 0.94 0.04 -5.63
CA TYR A 36 1.06 -1.22 -4.93
C TYR A 36 -0.24 -1.54 -4.18
N ARG A 37 -0.52 -2.83 -4.03
CA ARG A 37 -1.73 -3.25 -3.35
C ARG A 37 -1.49 -3.35 -1.85
N ASP A 38 -0.27 -3.77 -1.48
CA ASP A 38 0.08 -3.91 -0.07
C ASP A 38 1.57 -4.19 0.09
N GLU A 39 2.02 -4.36 1.34
CA GLU A 39 3.43 -4.62 1.64
C GLU A 39 3.99 -5.71 0.75
N ILE A 40 3.18 -6.71 0.45
CA ILE A 40 3.62 -7.81 -0.37
C ILE A 40 4.17 -7.32 -1.71
N GLU A 41 3.43 -6.45 -2.38
CA GLU A 41 3.87 -5.92 -3.67
C GLU A 41 5.10 -5.03 -3.50
N TYR A 42 5.08 -4.20 -2.47
CA TYR A 42 6.20 -3.29 -2.20
C TYR A 42 7.48 -4.06 -1.99
N LYS A 43 7.42 -5.10 -1.16
CA LYS A 43 8.60 -5.89 -0.89
C LYS A 43 9.15 -6.52 -2.15
N GLN A 44 8.28 -7.03 -3.01
CA GLN A 44 8.71 -7.65 -4.25
C GLN A 44 9.41 -6.64 -5.15
N VAL A 45 8.84 -5.44 -5.25
CA VAL A 45 9.41 -4.40 -6.09
C VAL A 45 10.81 -4.02 -5.64
N LYS A 46 10.97 -3.83 -4.34
CA LYS A 46 12.26 -3.45 -3.79
C LYS A 46 13.02 -4.69 -3.32
N GLN A 47 12.40 -5.86 -3.47
CA GLN A 47 13.06 -7.09 -3.06
C GLN A 47 13.58 -6.98 -1.62
N VAL A 48 12.72 -6.56 -0.71
CA VAL A 48 13.10 -6.42 0.70
C VAL A 48 12.10 -7.15 1.60
N ALA A 49 12.30 -7.03 2.90
CA ALA A 49 11.43 -7.70 3.87
C ALA A 49 11.07 -6.76 5.02
N MET A 50 11.22 -5.46 4.78
CA MET A 50 10.89 -4.47 5.80
C MET A 50 10.63 -3.11 5.16
N VAL A 51 9.67 -2.37 5.71
CA VAL A 51 9.33 -1.07 5.18
C VAL A 51 9.66 0.01 6.22
N ASP A 52 10.29 1.09 5.77
CA ASP A 52 10.65 2.18 6.68
C ASP A 52 9.40 2.91 7.17
N ARG A 53 9.35 3.19 8.47
CA ARG A 53 8.21 3.90 9.04
C ARG A 53 8.66 4.81 10.16
N TRP A 54 7.76 5.68 10.63
CA TRP A 54 8.12 6.59 11.72
C TRP A 54 7.68 6.02 13.07
N PRO A 55 8.47 6.16 14.10
CA PRO A 55 8.11 5.62 15.46
C PRO A 55 6.89 6.32 16.06
N GLU A 56 6.73 7.59 15.74
CA GLU A 56 5.62 8.36 16.31
C GLU A 56 4.27 7.73 15.97
N THR A 57 4.07 7.44 14.69
CA THR A 57 2.81 6.85 14.25
C THR A 57 3.02 5.48 13.63
N GLY A 58 4.18 5.27 13.01
CA GLY A 58 4.44 3.98 12.37
C GLY A 58 3.92 3.97 10.94
N TYR A 59 3.72 5.14 10.36
CA TYR A 59 3.24 5.20 8.98
C TYR A 59 4.37 5.02 7.99
N VAL A 60 4.02 4.74 6.74
CA VAL A 60 5.01 4.52 5.69
C VAL A 60 5.88 5.76 5.53
N LYS A 61 7.20 5.55 5.62
CA LYS A 61 8.14 6.64 5.48
C LYS A 61 8.29 7.04 4.01
N LYS A 62 8.61 6.06 3.18
CA LYS A 62 8.80 6.29 1.76
C LYS A 62 8.26 5.13 0.95
N LEU A 63 7.73 5.43 -0.22
CA LEU A 63 7.19 4.39 -1.08
C LEU A 63 7.41 4.76 -2.55
N GLN A 64 7.99 3.84 -3.31
CA GLN A 64 8.25 4.09 -4.71
C GLN A 64 6.99 3.84 -5.56
N ARG A 65 6.70 4.74 -6.47
CA ARG A 65 5.53 4.60 -7.31
C ARG A 65 5.76 3.57 -8.41
N ARG A 66 4.68 3.12 -9.05
CA ARG A 66 4.79 2.14 -10.12
C ARG A 66 5.56 2.73 -11.29
N ASP A 67 5.85 4.02 -11.19
CA ASP A 67 6.59 4.71 -12.24
C ASP A 67 8.06 4.82 -11.90
N ASN A 68 8.48 4.15 -10.82
CA ASN A 68 9.88 4.19 -10.40
C ASN A 68 10.20 5.51 -9.71
N THR A 69 9.23 6.41 -9.69
CA THR A 69 9.43 7.70 -9.05
C THR A 69 9.30 7.55 -7.54
N PHE A 70 10.29 8.07 -6.81
CA PHE A 70 10.27 7.98 -5.36
C PHE A 70 9.26 8.95 -4.77
N PHE A 71 8.35 8.45 -3.94
CA PHE A 71 7.33 9.29 -3.33
C PHE A 71 7.42 9.20 -1.81
N TYR A 72 7.81 10.30 -1.18
CA TYR A 72 7.92 10.33 0.27
C TYR A 72 6.57 10.60 0.90
N TYR A 73 6.25 9.86 1.96
CA TYR A 73 4.98 10.04 2.66
C TYR A 73 5.20 10.76 3.99
N ASN A 74 4.16 11.48 4.43
CA ASN A 74 4.24 12.20 5.69
C ASN A 74 3.47 11.48 6.80
N LYS A 75 4.15 11.18 7.89
CA LYS A 75 3.48 10.51 9.00
C LYS A 75 2.18 11.20 9.35
N GLU A 76 2.17 12.53 9.26
CA GLU A 76 0.95 13.29 9.54
C GLU A 76 0.07 13.35 8.29
N ARG A 77 -0.08 12.19 7.64
CA ARG A 77 -0.90 12.11 6.42
C ARG A 77 -2.07 13.07 6.48
N GLU A 78 -2.44 13.58 5.32
CA GLU A 78 -3.55 14.52 5.22
C GLU A 78 -4.77 13.82 4.64
N CYS A 79 -4.93 12.55 4.99
CA CYS A 79 -6.07 11.77 4.50
C CYS A 79 -7.25 11.92 5.45
N GLU A 80 -8.44 12.09 4.87
CA GLU A 80 -9.66 12.25 5.66
C GLU A 80 -10.75 11.31 5.17
N ASP A 81 -11.86 11.26 5.90
CA ASP A 81 -12.98 10.39 5.54
C ASP A 81 -13.31 10.52 4.06
N LYS A 82 -12.99 11.68 3.50
CA LYS A 82 -13.24 11.93 2.09
C LYS A 82 -12.45 10.97 1.20
N GLU A 83 -11.22 10.67 1.59
CA GLU A 83 -10.39 9.76 0.80
C GLU A 83 -10.75 8.32 1.13
N VAL A 84 -11.12 8.07 2.37
CA VAL A 84 -11.48 6.71 2.76
C VAL A 84 -12.64 6.21 1.91
N HIS A 85 -13.66 7.05 1.77
CA HIS A 85 -14.82 6.68 0.98
C HIS A 85 -14.41 6.44 -0.47
N LYS A 86 -13.58 7.32 -1.03
CA LYS A 86 -13.13 7.15 -2.40
C LYS A 86 -12.12 6.02 -2.50
N VAL A 87 -11.41 5.75 -1.41
CA VAL A 87 -10.41 4.69 -1.38
C VAL A 87 -11.06 3.31 -1.27
N LYS A 88 -10.59 2.38 -2.09
CA LYS A 88 -11.13 1.02 -2.07
C LYS A 88 -10.15 0.09 -1.37
N VAL A 89 -10.68 -0.85 -0.59
CA VAL A 89 -9.84 -1.78 0.14
C VAL A 89 -9.91 -3.16 -0.52
N TYR A 90 -8.76 -3.64 -0.98
CA TYR A 90 -8.70 -4.95 -1.64
C TYR A 90 -8.47 -6.05 -0.62
N VAL A 91 -9.13 -7.19 -0.81
CA VAL A 91 -8.96 -8.33 0.10
C VAL A 91 -8.64 -9.59 -0.68
N TYR A 92 -7.61 -10.30 -0.23
CA TYR A 92 -7.19 -11.54 -0.89
C TYR A 92 -7.82 -12.75 -0.21
N GLY A 1 7.71 -21.46 -7.62
CA GLY A 1 8.75 -22.40 -8.15
C GLY A 1 10.05 -21.63 -8.40
N SER A 2 10.14 -21.01 -9.57
CA SER A 2 11.34 -20.26 -9.93
C SER A 2 11.42 -18.98 -9.09
N HIS A 3 12.63 -18.42 -9.00
CA HIS A 3 12.83 -17.20 -8.23
C HIS A 3 12.01 -16.05 -8.81
N MET A 4 12.07 -15.90 -10.13
CA MET A 4 11.33 -14.84 -10.79
C MET A 4 9.87 -15.23 -10.99
N MET A 5 9.08 -14.32 -11.54
CA MET A 5 7.66 -14.58 -11.77
C MET A 5 6.94 -14.85 -10.44
N ALA A 6 5.84 -14.15 -10.23
CA ALA A 6 5.06 -14.31 -9.00
C ALA A 6 4.58 -15.75 -8.86
N THR A 7 4.50 -16.22 -7.61
CA THR A 7 4.05 -17.58 -7.36
C THR A 7 2.67 -17.81 -7.96
N SER A 8 2.64 -18.58 -9.04
CA SER A 8 1.38 -18.89 -9.72
C SER A 8 0.65 -17.60 -10.09
N ASP A 9 1.39 -16.49 -10.12
CA ASP A 9 0.80 -15.21 -10.47
C ASP A 9 -0.51 -15.00 -9.71
N VAL A 10 -0.49 -15.29 -8.42
CA VAL A 10 -1.69 -15.14 -7.60
C VAL A 10 -2.22 -13.73 -7.70
N LYS A 11 -3.52 -13.61 -8.00
CA LYS A 11 -4.14 -12.31 -8.12
C LYS A 11 -5.24 -12.13 -7.06
N PRO A 12 -5.51 -10.91 -6.66
CA PRO A 12 -6.57 -10.62 -5.65
C PRO A 12 -7.86 -11.38 -5.93
N LYS A 13 -8.66 -11.58 -4.88
CA LYS A 13 -9.92 -12.30 -5.02
C LYS A 13 -11.06 -11.32 -5.30
N SER A 14 -10.90 -10.08 -4.83
CA SER A 14 -11.93 -9.06 -5.03
C SER A 14 -11.44 -7.69 -4.57
N ILE A 15 -12.31 -6.69 -4.71
CA ILE A 15 -11.96 -5.34 -4.31
C ILE A 15 -13.11 -4.70 -3.52
N SER A 16 -12.78 -4.13 -2.37
CA SER A 16 -13.78 -3.48 -1.52
C SER A 16 -13.41 -2.03 -1.29
N ARG A 17 -14.29 -1.32 -0.57
CA ARG A 17 -14.06 0.10 -0.28
C ARG A 17 -13.89 0.33 1.21
N ALA A 18 -12.88 1.11 1.59
CA ALA A 18 -12.63 1.40 2.99
C ALA A 18 -13.92 1.82 3.68
N LYS A 19 -14.01 1.61 4.99
CA LYS A 19 -15.22 1.96 5.73
C LYS A 19 -15.01 3.23 6.54
N LYS A 20 -13.88 3.32 7.25
CA LYS A 20 -13.61 4.49 8.07
C LYS A 20 -12.15 4.87 8.00
N TRP A 21 -11.75 5.89 8.75
CA TRP A 21 -10.37 6.33 8.72
C TRP A 21 -9.54 5.62 9.77
N SER A 22 -8.51 4.90 9.32
CA SER A 22 -7.63 4.17 10.23
C SER A 22 -6.28 3.89 9.58
N GLU A 23 -5.28 3.68 10.42
CA GLU A 23 -3.92 3.41 9.92
C GLU A 23 -3.98 2.39 8.80
N GLU A 24 -4.99 1.53 8.84
CA GLU A 24 -5.13 0.52 7.81
C GLU A 24 -5.45 1.18 6.47
N ILE A 25 -6.44 2.07 6.46
CA ILE A 25 -6.82 2.75 5.23
C ILE A 25 -5.75 3.75 4.84
N GLU A 26 -5.47 4.69 5.72
CA GLU A 26 -4.48 5.72 5.43
C GLU A 26 -3.27 5.08 4.77
N ASN A 27 -2.78 4.01 5.36
CA ASN A 27 -1.63 3.31 4.80
C ASN A 27 -1.95 2.77 3.40
N LEU A 28 -3.09 2.10 3.27
CA LEU A 28 -3.48 1.53 1.99
C LEU A 28 -3.52 2.62 0.93
N TYR A 29 -3.94 3.81 1.33
CA TYR A 29 -3.98 4.92 0.40
C TYR A 29 -2.58 5.19 -0.15
N ARG A 30 -1.60 5.25 0.76
CA ARG A 30 -0.23 5.51 0.36
C ARG A 30 0.28 4.42 -0.59
N PHE A 31 0.09 3.15 -0.19
CA PHE A 31 0.52 2.03 -1.02
C PHE A 31 -0.24 2.02 -2.35
N GLN A 32 -1.56 2.14 -2.26
CA GLN A 32 -2.41 2.13 -3.45
C GLN A 32 -1.98 3.24 -4.41
N GLN A 33 -1.67 4.40 -3.86
CA GLN A 33 -1.23 5.51 -4.70
C GLN A 33 0.03 5.12 -5.47
N ALA A 34 0.91 4.39 -4.82
CA ALA A 34 2.13 3.94 -5.46
C ALA A 34 1.82 2.86 -6.50
N GLY A 35 0.60 2.31 -6.42
CA GLY A 35 0.18 1.27 -7.35
C GLY A 35 0.21 -0.11 -6.70
N TYR A 36 0.57 -0.16 -5.41
CA TYR A 36 0.66 -1.41 -4.69
C TYR A 36 -0.59 -1.62 -3.85
N ARG A 37 -0.99 -2.87 -3.71
CA ARG A 37 -2.18 -3.19 -2.93
C ARG A 37 -1.86 -3.19 -1.44
N ASP A 38 -0.68 -3.68 -1.10
CA ASP A 38 -0.24 -3.74 0.29
C ASP A 38 1.27 -3.91 0.37
N GLU A 39 1.79 -3.78 1.58
CA GLU A 39 3.23 -3.90 1.79
C GLU A 39 3.75 -5.18 1.14
N ILE A 40 2.88 -6.17 0.99
CA ILE A 40 3.27 -7.43 0.38
C ILE A 40 3.78 -7.22 -1.04
N GLU A 41 3.03 -6.48 -1.83
CA GLU A 41 3.41 -6.21 -3.21
C GLU A 41 4.69 -5.38 -3.25
N TYR A 42 4.78 -4.41 -2.36
CA TYR A 42 5.96 -3.55 -2.29
C TYR A 42 7.22 -4.35 -2.02
N LYS A 43 7.15 -5.24 -1.04
CA LYS A 43 8.30 -6.05 -0.69
C LYS A 43 8.74 -6.92 -1.86
N GLN A 44 7.78 -7.47 -2.59
CA GLN A 44 8.10 -8.33 -3.73
C GLN A 44 8.90 -7.57 -4.78
N VAL A 45 8.45 -6.36 -5.09
CA VAL A 45 9.14 -5.53 -6.09
C VAL A 45 10.55 -5.20 -5.64
N LYS A 46 10.71 -4.90 -4.37
CA LYS A 46 12.02 -4.55 -3.84
C LYS A 46 12.72 -5.78 -3.30
N GLN A 47 12.00 -6.90 -3.26
CA GLN A 47 12.59 -8.14 -2.76
C GLN A 47 13.23 -7.93 -1.39
N VAL A 48 12.47 -7.33 -0.47
CA VAL A 48 12.97 -7.08 0.87
C VAL A 48 11.97 -7.59 1.91
N ALA A 49 12.24 -7.29 3.18
CA ALA A 49 11.37 -7.72 4.26
C ALA A 49 11.20 -6.62 5.29
N MET A 50 11.23 -5.37 4.85
CA MET A 50 11.09 -4.24 5.74
C MET A 50 10.73 -2.98 4.97
N VAL A 51 9.99 -2.08 5.62
CA VAL A 51 9.59 -0.83 4.97
C VAL A 51 9.94 0.36 5.86
N ASP A 52 10.48 1.41 5.26
CA ASP A 52 10.87 2.61 6.01
C ASP A 52 9.63 3.27 6.62
N ARG A 53 9.69 3.54 7.92
CA ARG A 53 8.57 4.17 8.60
C ARG A 53 9.08 5.13 9.68
N TRP A 54 8.19 5.98 10.19
CA TRP A 54 8.58 6.94 11.21
C TRP A 54 8.17 6.44 12.60
N PRO A 55 8.99 6.67 13.61
CA PRO A 55 8.69 6.21 15.00
C PRO A 55 7.47 6.90 15.61
N GLU A 56 7.31 8.17 15.29
CA GLU A 56 6.20 8.95 15.83
C GLU A 56 4.92 8.12 15.83
N THR A 57 4.63 7.49 14.71
CA THR A 57 3.43 6.67 14.60
C THR A 57 3.73 5.33 13.93
N GLY A 58 4.62 5.37 12.93
CA GLY A 58 4.97 4.14 12.20
C GLY A 58 4.28 4.07 10.85
N TYR A 59 4.11 5.23 10.21
CA TYR A 59 3.48 5.27 8.89
C TYR A 59 4.55 5.18 7.81
N VAL A 60 4.11 4.91 6.58
CA VAL A 60 5.04 4.77 5.46
C VAL A 60 5.77 6.08 5.20
N LYS A 61 7.10 6.03 5.31
CA LYS A 61 7.92 7.21 5.06
C LYS A 61 8.00 7.52 3.58
N LYS A 62 8.31 6.50 2.78
CA LYS A 62 8.43 6.68 1.34
C LYS A 62 8.07 5.39 0.62
N LEU A 63 7.61 5.53 -0.62
CA LEU A 63 7.23 4.36 -1.41
C LEU A 63 7.42 4.64 -2.90
N GLN A 64 8.01 3.66 -3.59
CA GLN A 64 8.25 3.79 -5.02
C GLN A 64 6.95 3.55 -5.78
N ARG A 65 6.68 4.38 -6.77
CA ARG A 65 5.46 4.26 -7.56
C ARG A 65 5.61 3.19 -8.64
N ARG A 66 4.50 2.90 -9.30
CA ARG A 66 4.50 1.90 -10.36
C ARG A 66 5.25 2.42 -11.57
N ASP A 67 5.56 3.70 -11.56
CA ASP A 67 6.27 4.31 -12.66
C ASP A 67 7.76 4.39 -12.37
N ASN A 68 8.20 3.82 -11.23
CA ASN A 68 9.60 3.83 -10.85
C ASN A 68 9.98 5.15 -10.22
N THR A 69 9.01 6.06 -10.11
CA THR A 69 9.26 7.36 -9.50
C THR A 69 9.09 7.28 -8.00
N PHE A 70 10.06 7.82 -7.26
CA PHE A 70 10.00 7.80 -5.80
C PHE A 70 9.08 8.89 -5.29
N PHE A 71 8.19 8.54 -4.36
CA PHE A 71 7.26 9.51 -3.80
C PHE A 71 7.31 9.47 -2.28
N TYR A 72 7.67 10.60 -1.67
CA TYR A 72 7.75 10.68 -0.22
C TYR A 72 6.38 10.92 0.39
N TYR A 73 6.08 10.19 1.47
CA TYR A 73 4.79 10.33 2.15
C TYR A 73 4.97 11.06 3.47
N ASN A 74 3.86 11.55 4.02
CA ASN A 74 3.90 12.28 5.28
C ASN A 74 3.57 11.35 6.45
N LYS A 75 4.37 11.42 7.50
CA LYS A 75 4.13 10.59 8.68
C LYS A 75 2.91 11.09 9.44
N GLU A 76 2.55 12.35 9.23
CA GLU A 76 1.41 12.91 9.92
C GLU A 76 0.12 12.31 9.38
N ARG A 77 -0.88 12.16 10.23
CA ARG A 77 -2.14 11.60 9.83
C ARG A 77 -3.23 12.65 9.81
N GLU A 78 -3.65 13.02 8.60
CA GLU A 78 -4.69 14.00 8.44
C GLU A 78 -5.70 13.53 7.40
N CYS A 79 -5.89 12.21 7.28
CA CYS A 79 -6.85 11.69 6.32
C CYS A 79 -8.28 11.92 6.83
N GLU A 80 -9.19 12.23 5.92
CA GLU A 80 -10.59 12.47 6.30
C GLU A 80 -11.51 11.49 5.58
N ASP A 81 -12.75 11.42 6.06
CA ASP A 81 -13.73 10.51 5.47
C ASP A 81 -13.75 10.68 3.96
N LYS A 82 -13.19 11.79 3.48
CA LYS A 82 -13.13 12.04 2.05
C LYS A 82 -12.23 11.02 1.37
N GLU A 83 -11.16 10.61 2.06
CA GLU A 83 -10.25 9.62 1.50
C GLU A 83 -10.81 8.23 1.69
N VAL A 84 -11.44 7.99 2.82
CA VAL A 84 -12.03 6.67 3.07
C VAL A 84 -13.04 6.32 1.98
N HIS A 85 -13.81 7.31 1.55
CA HIS A 85 -14.83 7.07 0.51
C HIS A 85 -14.21 6.80 -0.85
N LYS A 86 -13.19 7.58 -1.22
CA LYS A 86 -12.56 7.42 -2.53
C LYS A 86 -11.52 6.29 -2.49
N VAL A 87 -11.04 5.97 -1.30
CA VAL A 87 -10.05 4.92 -1.14
C VAL A 87 -10.66 3.53 -1.31
N LYS A 88 -10.01 2.72 -2.14
CA LYS A 88 -10.49 1.36 -2.38
C LYS A 88 -9.48 0.36 -1.85
N VAL A 89 -9.95 -0.59 -1.04
CA VAL A 89 -9.07 -1.60 -0.46
C VAL A 89 -9.30 -2.96 -1.10
N TYR A 90 -8.22 -3.61 -1.52
CA TYR A 90 -8.31 -4.92 -2.14
C TYR A 90 -8.40 -6.03 -1.09
N VAL A 91 -8.95 -7.18 -1.49
CA VAL A 91 -9.08 -8.30 -0.57
C VAL A 91 -8.45 -9.56 -1.17
N TYR A 92 -7.62 -10.22 -0.38
CA TYR A 92 -6.96 -11.44 -0.84
C TYR A 92 -7.99 -12.50 -1.22
N GLY A 1 14.26 -32.26 2.39
CA GLY A 1 14.46 -32.26 0.91
C GLY A 1 13.74 -31.07 0.29
N SER A 2 14.24 -29.86 0.54
CA SER A 2 13.62 -28.66 0.01
C SER A 2 12.15 -28.62 0.37
N HIS A 3 11.50 -27.48 0.10
CA HIS A 3 10.09 -27.32 0.40
C HIS A 3 9.47 -26.25 -0.50
N MET A 4 8.15 -26.24 -0.58
CA MET A 4 7.43 -25.28 -1.41
C MET A 4 6.53 -24.40 -0.54
N MET A 5 6.15 -23.25 -1.09
CA MET A 5 5.28 -22.32 -0.36
C MET A 5 4.58 -21.37 -1.34
N ALA A 6 3.48 -20.77 -0.88
CA ALA A 6 2.73 -19.85 -1.71
C ALA A 6 3.62 -18.69 -2.17
N THR A 7 3.41 -18.23 -3.40
CA THR A 7 4.19 -17.13 -3.95
C THR A 7 3.71 -15.80 -3.37
N SER A 8 4.56 -14.77 -3.49
CA SER A 8 4.22 -13.46 -2.98
C SER A 8 3.29 -12.73 -3.95
N ASP A 9 3.15 -13.27 -5.16
CA ASP A 9 2.28 -12.66 -6.15
C ASP A 9 0.89 -13.27 -6.11
N VAL A 10 0.01 -12.65 -5.32
CA VAL A 10 -1.36 -13.14 -5.19
C VAL A 10 -2.34 -12.09 -5.70
N LYS A 11 -3.12 -12.47 -6.70
CA LYS A 11 -4.10 -11.55 -7.26
C LYS A 11 -5.28 -11.35 -6.31
N PRO A 12 -5.89 -10.19 -6.31
CA PRO A 12 -7.08 -9.90 -5.43
C PRO A 12 -8.31 -10.69 -5.85
N LYS A 13 -9.19 -10.95 -4.89
CA LYS A 13 -10.41 -11.69 -5.16
C LYS A 13 -11.61 -10.76 -5.17
N SER A 14 -11.56 -9.72 -4.35
CA SER A 14 -12.65 -8.75 -4.28
C SER A 14 -12.18 -7.44 -3.68
N ILE A 15 -12.99 -6.40 -3.84
CA ILE A 15 -12.65 -5.08 -3.30
C ILE A 15 -13.85 -4.48 -2.57
N SER A 16 -13.60 -3.92 -1.38
CA SER A 16 -14.66 -3.31 -0.59
C SER A 16 -14.32 -1.86 -0.30
N ARG A 17 -15.25 -1.16 0.36
CA ARG A 17 -15.04 0.25 0.69
C ARG A 17 -14.93 0.43 2.20
N ALA A 18 -13.89 1.13 2.62
CA ALA A 18 -13.66 1.37 4.04
C ALA A 18 -14.76 2.25 4.62
N LYS A 19 -15.04 2.07 5.91
CA LYS A 19 -16.07 2.85 6.58
C LYS A 19 -15.43 3.72 7.65
N LYS A 20 -14.12 3.84 7.60
CA LYS A 20 -13.39 4.67 8.53
C LYS A 20 -11.92 4.78 8.15
N TRP A 21 -11.21 5.66 8.87
CA TRP A 21 -9.79 5.88 8.62
C TRP A 21 -8.92 5.07 9.58
N SER A 22 -8.04 4.27 9.02
CA SER A 22 -7.14 3.47 9.84
C SER A 22 -5.86 3.18 9.09
N GLU A 23 -4.79 2.92 9.83
CA GLU A 23 -3.50 2.65 9.20
C GLU A 23 -3.67 1.69 8.03
N GLU A 24 -4.73 0.89 8.08
CA GLU A 24 -5.00 -0.06 7.01
C GLU A 24 -5.43 0.67 5.74
N ILE A 25 -6.28 1.69 5.90
CA ILE A 25 -6.76 2.44 4.73
C ILE A 25 -5.66 3.33 4.20
N GLU A 26 -5.16 4.21 5.04
CA GLU A 26 -4.13 5.13 4.59
C GLU A 26 -3.05 4.38 3.85
N ASN A 27 -2.58 3.29 4.42
CA ASN A 27 -1.53 2.51 3.77
C ASN A 27 -1.97 2.08 2.38
N LEU A 28 -3.18 1.55 2.27
CA LEU A 28 -3.68 1.10 0.99
C LEU A 28 -3.73 2.25 0.02
N TYR A 29 -4.14 3.42 0.49
CA TYR A 29 -4.16 4.58 -0.37
C TYR A 29 -2.77 4.90 -0.89
N ARG A 30 -1.81 4.94 0.02
CA ARG A 30 -0.44 5.24 -0.37
C ARG A 30 0.08 4.19 -1.35
N PHE A 31 -0.17 2.91 -1.03
CA PHE A 31 0.28 1.82 -1.89
C PHE A 31 -0.43 1.89 -3.25
N GLN A 32 -1.74 2.04 -3.20
CA GLN A 32 -2.53 2.11 -4.42
C GLN A 32 -2.07 3.27 -5.27
N GLN A 33 -1.75 4.38 -4.63
CA GLN A 33 -1.28 5.56 -5.36
C GLN A 33 0.01 5.21 -6.10
N ALA A 34 0.90 4.49 -5.43
CA ALA A 34 2.16 4.08 -6.04
C ALA A 34 1.94 2.99 -7.07
N GLY A 35 0.75 2.36 -7.00
CA GLY A 35 0.41 1.28 -7.93
C GLY A 35 0.59 -0.09 -7.28
N TYR A 36 0.95 -0.09 -6.00
CA TYR A 36 1.17 -1.34 -5.27
C TYR A 36 -0.10 -1.74 -4.53
N ARG A 37 -0.30 -3.03 -4.43
CA ARG A 37 -1.48 -3.57 -3.77
C ARG A 37 -1.31 -3.53 -2.26
N ASP A 38 -0.12 -3.90 -1.80
CA ASP A 38 0.16 -3.91 -0.37
C ASP A 38 1.65 -4.15 -0.12
N GLU A 39 2.02 -4.18 1.16
CA GLU A 39 3.42 -4.37 1.54
C GLU A 39 4.03 -5.51 0.76
N ILE A 40 3.21 -6.46 0.35
CA ILE A 40 3.71 -7.60 -0.40
C ILE A 40 4.40 -7.15 -1.69
N GLU A 41 3.76 -6.28 -2.45
CA GLU A 41 4.36 -5.79 -3.70
C GLU A 41 5.58 -4.92 -3.42
N TYR A 42 5.48 -4.05 -2.42
CA TYR A 42 6.58 -3.16 -2.10
C TYR A 42 7.83 -3.95 -1.74
N LYS A 43 7.67 -4.96 -0.90
CA LYS A 43 8.80 -5.78 -0.50
C LYS A 43 9.42 -6.48 -1.71
N GLN A 44 8.56 -6.94 -2.60
CA GLN A 44 9.04 -7.63 -3.80
C GLN A 44 9.88 -6.69 -4.66
N VAL A 45 9.42 -5.46 -4.81
CA VAL A 45 10.14 -4.48 -5.62
C VAL A 45 11.51 -4.18 -5.02
N LYS A 46 11.54 -4.00 -3.71
CA LYS A 46 12.79 -3.70 -3.03
C LYS A 46 13.47 -4.98 -2.56
N GLN A 47 12.81 -6.11 -2.77
CA GLN A 47 13.37 -7.39 -2.37
C GLN A 47 13.82 -7.35 -0.91
N VAL A 48 12.93 -6.86 -0.05
CA VAL A 48 13.22 -6.76 1.38
C VAL A 48 12.17 -7.51 2.19
N ALA A 49 12.24 -7.36 3.52
CA ALA A 49 11.29 -8.04 4.40
C ALA A 49 10.76 -7.08 5.45
N MET A 50 10.86 -5.79 5.18
CA MET A 50 10.38 -4.77 6.11
C MET A 50 10.12 -3.45 5.39
N VAL A 51 9.20 -2.66 5.93
CA VAL A 51 8.85 -1.38 5.34
C VAL A 51 9.33 -0.24 6.21
N ASP A 52 9.91 0.78 5.60
CA ASP A 52 10.41 1.93 6.34
C ASP A 52 9.26 2.82 6.80
N ARG A 53 9.18 3.05 8.10
CA ARG A 53 8.12 3.89 8.65
C ARG A 53 8.64 4.73 9.81
N TRP A 54 7.83 5.69 10.26
CA TRP A 54 8.25 6.54 11.38
C TRP A 54 7.71 6.02 12.72
N PRO A 55 8.46 6.13 13.78
CA PRO A 55 8.00 5.63 15.12
C PRO A 55 6.83 6.44 15.67
N GLU A 56 6.74 7.70 15.26
CA GLU A 56 5.68 8.57 15.74
C GLU A 56 4.31 7.94 15.51
N THR A 57 4.04 7.53 14.27
CA THR A 57 2.77 6.92 13.94
C THR A 57 2.96 5.55 13.29
N GLY A 58 4.10 5.37 12.61
CA GLY A 58 4.36 4.09 11.95
C GLY A 58 3.92 4.14 10.49
N TYR A 59 3.77 5.33 9.94
CA TYR A 59 3.35 5.48 8.55
C TYR A 59 4.54 5.33 7.61
N VAL A 60 4.25 4.89 6.40
CA VAL A 60 5.28 4.67 5.39
C VAL A 60 6.07 5.95 5.17
N LYS A 61 7.38 5.87 5.32
CA LYS A 61 8.24 7.01 5.13
C LYS A 61 8.40 7.34 3.65
N LYS A 62 8.72 6.32 2.86
CA LYS A 62 8.89 6.50 1.43
C LYS A 62 8.39 5.28 0.67
N LEU A 63 7.85 5.50 -0.51
CA LEU A 63 7.34 4.40 -1.32
C LEU A 63 7.59 4.66 -2.79
N GLN A 64 8.11 3.66 -3.49
CA GLN A 64 8.39 3.80 -4.92
C GLN A 64 7.15 3.51 -5.74
N ARG A 65 6.88 4.39 -6.70
CA ARG A 65 5.71 4.24 -7.56
C ARG A 65 5.96 3.18 -8.62
N ARG A 66 4.90 2.82 -9.33
CA ARG A 66 5.00 1.80 -10.38
C ARG A 66 5.83 2.33 -11.54
N ASP A 67 6.16 3.61 -11.47
CA ASP A 67 6.95 4.24 -12.51
C ASP A 67 8.42 4.33 -12.12
N ASN A 68 8.79 3.68 -11.00
CA ASN A 68 10.16 3.71 -10.52
C ASN A 68 10.49 5.03 -9.85
N THR A 69 9.54 5.96 -9.91
CA THR A 69 9.74 7.25 -9.29
C THR A 69 9.54 7.17 -7.78
N PHE A 70 10.51 7.68 -7.02
CA PHE A 70 10.40 7.64 -5.58
C PHE A 70 9.41 8.68 -5.09
N PHE A 71 8.44 8.24 -4.28
CA PHE A 71 7.43 9.14 -3.75
C PHE A 71 7.48 9.16 -2.23
N TYR A 72 7.82 10.31 -1.66
CA TYR A 72 7.91 10.44 -0.22
C TYR A 72 6.52 10.69 0.38
N TYR A 73 6.24 10.01 1.49
CA TYR A 73 4.94 10.16 2.17
C TYR A 73 5.11 10.92 3.48
N ASN A 74 4.04 11.60 3.90
CA ASN A 74 4.08 12.37 5.14
C ASN A 74 3.47 11.57 6.28
N LYS A 75 4.16 11.57 7.43
CA LYS A 75 3.67 10.85 8.59
C LYS A 75 2.52 11.61 9.25
N GLU A 76 2.53 12.94 9.11
CA GLU A 76 1.46 13.74 9.68
C GLU A 76 0.17 13.53 8.91
N ARG A 77 -0.27 12.28 8.82
CA ARG A 77 -1.49 11.95 8.09
C ARG A 77 -2.56 13.02 8.27
N GLU A 78 -3.19 13.39 7.16
CA GLU A 78 -4.26 14.40 7.18
C GLU A 78 -5.46 13.89 6.41
N CYS A 79 -5.77 12.61 6.60
CA CYS A 79 -6.91 12.00 5.93
C CYS A 79 -8.19 12.13 6.76
N GLU A 80 -9.30 12.29 6.06
CA GLU A 80 -10.61 12.43 6.72
C GLU A 80 -11.62 11.46 6.11
N ASP A 81 -12.80 11.41 6.71
CA ASP A 81 -13.85 10.51 6.24
C ASP A 81 -14.03 10.65 4.74
N LYS A 82 -13.62 11.80 4.21
CA LYS A 82 -13.71 12.06 2.78
C LYS A 82 -12.81 11.11 2.00
N GLU A 83 -11.66 10.79 2.56
CA GLU A 83 -10.74 9.88 1.90
C GLU A 83 -11.15 8.44 2.13
N VAL A 84 -11.73 8.16 3.29
CA VAL A 84 -12.15 6.80 3.60
C VAL A 84 -13.10 6.31 2.52
N HIS A 85 -14.05 7.16 2.15
CA HIS A 85 -15.02 6.80 1.12
C HIS A 85 -14.37 6.71 -0.25
N LYS A 86 -13.47 7.64 -0.55
CA LYS A 86 -12.78 7.65 -1.83
C LYS A 86 -11.79 6.48 -1.93
N VAL A 87 -11.26 6.07 -0.78
CA VAL A 87 -10.31 4.97 -0.73
C VAL A 87 -11.01 3.63 -0.59
N LYS A 88 -10.56 2.63 -1.34
CA LYS A 88 -11.15 1.31 -1.28
C LYS A 88 -10.18 0.32 -0.63
N VAL A 89 -10.71 -0.81 -0.17
CA VAL A 89 -9.88 -1.82 0.49
C VAL A 89 -9.94 -3.12 -0.30
N TYR A 90 -8.77 -3.63 -0.67
CA TYR A 90 -8.70 -4.87 -1.43
C TYR A 90 -8.61 -6.09 -0.50
N VAL A 91 -9.25 -7.19 -0.90
CA VAL A 91 -9.21 -8.40 -0.09
C VAL A 91 -8.83 -9.60 -0.94
N TYR A 92 -7.75 -10.28 -0.56
CA TYR A 92 -7.30 -11.44 -1.31
C TYR A 92 -7.91 -12.71 -0.72
N GLY A 1 -0.75 -22.06 -13.15
CA GLY A 1 0.01 -20.83 -13.49
C GLY A 1 1.23 -21.20 -14.34
N SER A 2 0.97 -21.57 -15.59
CA SER A 2 2.05 -21.94 -16.49
C SER A 2 2.91 -20.72 -16.83
N HIS A 3 4.21 -20.95 -17.02
CA HIS A 3 5.13 -19.87 -17.35
C HIS A 3 4.95 -18.69 -16.40
N MET A 4 4.69 -19.01 -15.13
CA MET A 4 4.50 -17.97 -14.12
C MET A 4 5.17 -18.37 -12.82
N MET A 5 4.93 -17.58 -11.77
CA MET A 5 5.52 -17.85 -10.46
C MET A 5 4.45 -17.86 -9.36
N ALA A 6 4.68 -18.64 -8.33
CA ALA A 6 3.72 -18.73 -7.23
C ALA A 6 3.48 -17.36 -6.63
N THR A 7 2.21 -17.09 -6.28
CA THR A 7 1.84 -15.81 -5.69
C THR A 7 1.73 -14.73 -6.78
N SER A 8 2.61 -14.81 -7.78
CA SER A 8 2.59 -13.84 -8.87
C SER A 8 1.36 -14.06 -9.75
N ASP A 9 0.89 -15.30 -9.79
CA ASP A 9 -0.28 -15.63 -10.61
C ASP A 9 -1.56 -15.58 -9.77
N VAL A 10 -1.48 -14.94 -8.60
CA VAL A 10 -2.63 -14.83 -7.72
C VAL A 10 -3.21 -13.43 -7.77
N LYS A 11 -4.50 -13.35 -8.06
CA LYS A 11 -5.18 -12.06 -8.14
C LYS A 11 -6.12 -11.87 -6.95
N PRO A 12 -6.46 -10.65 -6.66
CA PRO A 12 -7.37 -10.32 -5.51
C PRO A 12 -8.68 -11.07 -5.59
N LYS A 13 -9.32 -11.26 -4.43
CA LYS A 13 -10.60 -11.98 -4.39
C LYS A 13 -11.75 -11.01 -4.60
N SER A 14 -11.68 -9.85 -3.96
CA SER A 14 -12.74 -8.85 -4.07
C SER A 14 -12.24 -7.47 -3.63
N ILE A 15 -13.05 -6.45 -3.87
CA ILE A 15 -12.68 -5.09 -3.47
C ILE A 15 -13.84 -4.44 -2.71
N SER A 16 -13.53 -3.89 -1.54
CA SER A 16 -14.53 -3.24 -0.71
C SER A 16 -14.12 -1.80 -0.41
N ARG A 17 -14.97 -1.09 0.31
CA ARG A 17 -14.70 0.30 0.66
C ARG A 17 -14.56 0.47 2.16
N ALA A 18 -13.54 1.21 2.58
CA ALA A 18 -13.29 1.45 3.99
C ALA A 18 -14.42 2.27 4.60
N LYS A 19 -14.64 2.10 5.90
CA LYS A 19 -15.68 2.85 6.59
C LYS A 19 -15.13 4.11 7.25
N LYS A 20 -13.95 3.98 7.84
CA LYS A 20 -13.30 5.12 8.51
C LYS A 20 -11.79 5.03 8.39
N TRP A 21 -11.14 6.18 8.38
CA TRP A 21 -9.68 6.23 8.26
C TRP A 21 -9.03 5.37 9.32
N SER A 22 -8.04 4.60 8.91
CA SER A 22 -7.33 3.72 9.83
C SER A 22 -6.00 3.28 9.24
N GLU A 23 -5.10 2.80 10.10
CA GLU A 23 -3.80 2.36 9.63
C GLU A 23 -3.94 1.46 8.41
N GLU A 24 -5.01 0.67 8.38
CA GLU A 24 -5.25 -0.21 7.25
C GLU A 24 -5.55 0.61 5.99
N ILE A 25 -6.38 1.64 6.14
CA ILE A 25 -6.73 2.48 5.00
C ILE A 25 -5.55 3.32 4.58
N GLU A 26 -5.06 4.14 5.50
CA GLU A 26 -3.93 5.01 5.20
C GLU A 26 -2.89 4.28 4.36
N ASN A 27 -2.50 3.11 4.82
CA ASN A 27 -1.51 2.31 4.10
C ASN A 27 -1.99 1.97 2.70
N LEU A 28 -3.21 1.46 2.58
CA LEU A 28 -3.74 1.08 1.28
C LEU A 28 -3.75 2.28 0.36
N TYR A 29 -4.14 3.45 0.87
CA TYR A 29 -4.14 4.64 0.05
C TYR A 29 -2.75 4.92 -0.50
N ARG A 30 -1.75 4.90 0.38
CA ARG A 30 -0.37 5.16 -0.04
C ARG A 30 0.06 4.10 -1.05
N PHE A 31 -0.21 2.84 -0.76
CA PHE A 31 0.17 1.77 -1.67
C PHE A 31 -0.57 1.92 -3.02
N GLN A 32 -1.87 2.08 -2.95
CA GLN A 32 -2.68 2.21 -4.15
C GLN A 32 -2.22 3.39 -4.99
N GLN A 33 -2.01 4.53 -4.35
CA GLN A 33 -1.56 5.71 -5.07
C GLN A 33 -0.19 5.45 -5.68
N ALA A 34 0.55 4.50 -5.11
CA ALA A 34 1.88 4.18 -5.60
C ALA A 34 1.78 3.12 -6.70
N GLY A 35 0.64 2.44 -6.74
CA GLY A 35 0.42 1.39 -7.73
C GLY A 35 0.58 0.00 -7.11
N TYR A 36 0.87 -0.04 -5.82
CA TYR A 36 1.08 -1.30 -5.13
C TYR A 36 -0.21 -1.72 -4.42
N ARG A 37 -0.42 -3.02 -4.31
CA ARG A 37 -1.62 -3.54 -3.64
C ARG A 37 -1.42 -3.58 -2.14
N ASP A 38 -0.23 -3.98 -1.71
CA ASP A 38 0.07 -4.04 -0.28
C ASP A 38 1.56 -4.29 -0.07
N GLU A 39 1.96 -4.36 1.20
CA GLU A 39 3.37 -4.58 1.55
C GLU A 39 3.97 -5.68 0.70
N ILE A 40 3.15 -6.65 0.32
CA ILE A 40 3.63 -7.77 -0.48
C ILE A 40 4.28 -7.28 -1.76
N GLU A 41 3.62 -6.40 -2.48
CA GLU A 41 4.15 -5.88 -3.74
C GLU A 41 5.36 -5.01 -3.49
N TYR A 42 5.30 -4.19 -2.45
CA TYR A 42 6.40 -3.29 -2.17
C TYR A 42 7.71 -4.07 -1.98
N LYS A 43 7.67 -5.09 -1.12
CA LYS A 43 8.85 -5.88 -0.85
C LYS A 43 9.35 -6.59 -2.09
N GLN A 44 8.42 -7.12 -2.88
CA GLN A 44 8.78 -7.84 -4.09
C GLN A 44 9.52 -6.94 -5.08
N VAL A 45 9.01 -5.74 -5.27
CA VAL A 45 9.63 -4.80 -6.20
C VAL A 45 11.06 -4.49 -5.80
N LYS A 46 11.27 -4.25 -4.52
CA LYS A 46 12.61 -3.94 -4.03
C LYS A 46 13.28 -5.18 -3.46
N GLN A 47 12.58 -6.32 -3.52
CA GLN A 47 13.14 -7.55 -3.01
C GLN A 47 13.73 -7.35 -1.62
N VAL A 48 12.96 -6.75 -0.73
CA VAL A 48 13.42 -6.50 0.65
C VAL A 48 12.51 -7.22 1.65
N ALA A 49 12.70 -6.91 2.93
CA ALA A 49 11.91 -7.55 3.97
C ALA A 49 11.67 -6.58 5.12
N MET A 50 11.59 -5.29 4.79
CA MET A 50 11.37 -4.27 5.81
C MET A 50 10.89 -2.97 5.17
N VAL A 51 10.00 -2.26 5.87
CA VAL A 51 9.47 -0.99 5.36
C VAL A 51 9.84 0.15 6.29
N ASP A 52 10.38 1.23 5.71
CA ASP A 52 10.78 2.38 6.52
C ASP A 52 9.54 3.13 7.03
N ARG A 53 9.49 3.36 8.33
CA ARG A 53 8.36 4.06 8.92
C ARG A 53 8.83 4.97 10.05
N TRP A 54 7.94 5.86 10.50
CA TRP A 54 8.31 6.78 11.57
C TRP A 54 7.81 6.27 12.92
N PRO A 55 8.59 6.38 13.96
CA PRO A 55 8.20 5.88 15.31
C PRO A 55 7.00 6.65 15.89
N GLU A 56 6.85 7.90 15.47
CA GLU A 56 5.77 8.73 15.99
C GLU A 56 4.43 8.04 15.77
N THR A 57 4.16 7.61 14.55
CA THR A 57 2.90 6.93 14.24
C THR A 57 3.17 5.55 13.64
N GLY A 58 4.30 5.40 12.97
CA GLY A 58 4.64 4.11 12.36
C GLY A 58 4.11 4.01 10.94
N TYR A 59 3.86 5.16 10.32
CA TYR A 59 3.34 5.18 8.97
C TYR A 59 4.48 5.04 7.96
N VAL A 60 4.13 4.59 6.75
CA VAL A 60 5.13 4.39 5.71
C VAL A 60 5.91 5.68 5.47
N LYS A 61 7.23 5.60 5.57
CA LYS A 61 8.08 6.77 5.36
C LYS A 61 8.15 7.14 3.88
N LYS A 62 8.37 6.14 3.04
CA LYS A 62 8.47 6.36 1.61
C LYS A 62 8.11 5.10 0.83
N LEU A 63 7.63 5.30 -0.39
CA LEU A 63 7.27 4.17 -1.23
C LEU A 63 7.51 4.47 -2.70
N GLN A 64 8.18 3.55 -3.40
CA GLN A 64 8.46 3.74 -4.81
C GLN A 64 7.21 3.43 -5.63
N ARG A 65 6.92 4.30 -6.58
CA ARG A 65 5.75 4.13 -7.44
C ARG A 65 6.01 3.08 -8.51
N ARG A 66 4.93 2.65 -9.16
CA ARG A 66 5.06 1.65 -10.21
C ARG A 66 5.81 2.20 -11.41
N ASP A 67 6.08 3.50 -11.36
CA ASP A 67 6.80 4.16 -12.44
C ASP A 67 8.27 4.32 -12.09
N ASN A 68 8.69 3.71 -10.98
CA ASN A 68 10.09 3.79 -10.57
C ASN A 68 10.43 5.17 -10.03
N THR A 69 9.47 5.78 -9.34
CA THR A 69 9.67 7.11 -8.77
C THR A 69 9.50 7.06 -7.26
N PHE A 70 10.46 7.62 -6.52
CA PHE A 70 10.39 7.62 -5.07
C PHE A 70 9.47 8.73 -4.58
N PHE A 71 8.45 8.33 -3.81
CA PHE A 71 7.49 9.29 -3.28
C PHE A 71 7.51 9.28 -1.75
N TYR A 72 7.76 10.44 -1.16
CA TYR A 72 7.81 10.55 0.29
C TYR A 72 6.42 10.84 0.86
N TYR A 73 6.05 10.10 1.89
CA TYR A 73 4.75 10.28 2.52
C TYR A 73 4.88 11.05 3.84
N ASN A 74 3.79 11.68 4.27
CA ASN A 74 3.79 12.43 5.51
C ASN A 74 3.18 11.60 6.65
N LYS A 75 3.98 11.35 7.68
CA LYS A 75 3.50 10.57 8.82
C LYS A 75 2.24 11.20 9.41
N GLU A 76 2.14 12.52 9.32
CA GLU A 76 0.97 13.20 9.84
C GLU A 76 -0.16 13.17 8.82
N ARG A 77 -0.55 11.95 8.43
CA ARG A 77 -1.61 11.77 7.46
C ARG A 77 -2.64 12.89 7.55
N GLU A 78 -3.06 13.40 6.40
CA GLU A 78 -4.04 14.48 6.34
C GLU A 78 -5.29 14.00 5.62
N CYS A 79 -5.62 12.73 5.79
CA CYS A 79 -6.79 12.15 5.15
C CYS A 79 -8.03 12.29 6.04
N GLU A 80 -9.19 12.44 5.40
CA GLU A 80 -10.45 12.59 6.12
C GLU A 80 -11.49 11.60 5.58
N ASP A 81 -12.64 11.56 6.25
CA ASP A 81 -13.71 10.65 5.84
C ASP A 81 -13.92 10.73 4.32
N LYS A 82 -13.51 11.84 3.74
CA LYS A 82 -13.63 12.04 2.29
C LYS A 82 -12.71 11.09 1.54
N GLU A 83 -11.55 10.79 2.13
CA GLU A 83 -10.59 9.89 1.50
C GLU A 83 -10.98 8.44 1.74
N VAL A 84 -11.53 8.16 2.90
CA VAL A 84 -11.92 6.78 3.21
C VAL A 84 -12.98 6.30 2.22
N HIS A 85 -13.95 7.16 1.92
CA HIS A 85 -15.01 6.80 0.98
C HIS A 85 -14.51 6.62 -0.44
N LYS A 86 -13.64 7.53 -0.89
CA LYS A 86 -13.09 7.44 -2.24
C LYS A 86 -12.01 6.36 -2.32
N VAL A 87 -11.42 6.03 -1.18
CA VAL A 87 -10.39 5.02 -1.11
C VAL A 87 -11.02 3.63 -1.07
N LYS A 88 -10.45 2.70 -1.83
CA LYS A 88 -10.97 1.33 -1.87
C LYS A 88 -10.03 0.40 -1.13
N VAL A 89 -10.56 -0.74 -0.68
CA VAL A 89 -9.74 -1.71 0.04
C VAL A 89 -9.86 -3.09 -0.61
N TYR A 90 -8.73 -3.62 -1.05
CA TYR A 90 -8.73 -4.94 -1.70
C TYR A 90 -8.60 -6.04 -0.66
N VAL A 91 -9.21 -7.19 -0.95
CA VAL A 91 -9.14 -8.33 -0.03
C VAL A 91 -8.70 -9.59 -0.78
N TYR A 92 -7.69 -10.26 -0.24
CA TYR A 92 -7.19 -11.48 -0.87
C TYR A 92 -8.26 -12.58 -0.83
N GLY A 1 3.45 -24.75 -23.83
CA GLY A 1 3.78 -25.01 -22.40
C GLY A 1 4.67 -23.91 -21.87
N SER A 2 4.81 -23.85 -20.54
CA SER A 2 5.64 -22.84 -19.92
C SER A 2 7.11 -23.00 -20.36
N HIS A 3 7.78 -21.87 -20.57
CA HIS A 3 9.17 -21.90 -20.99
C HIS A 3 10.03 -22.61 -19.95
N MET A 4 9.83 -22.27 -18.69
CA MET A 4 10.58 -22.87 -17.61
C MET A 4 9.68 -23.21 -16.43
N MET A 5 9.34 -22.20 -15.64
CA MET A 5 8.47 -22.40 -14.49
C MET A 5 7.76 -21.09 -14.13
N ALA A 6 6.44 -21.17 -13.99
CA ALA A 6 5.65 -19.99 -13.64
C ALA A 6 5.77 -19.68 -12.15
N THR A 7 5.74 -18.39 -11.80
CA THR A 7 5.83 -17.99 -10.41
C THR A 7 4.55 -18.35 -9.66
N SER A 8 3.44 -18.42 -10.38
CA SER A 8 2.17 -18.77 -9.77
C SER A 8 1.77 -17.73 -8.73
N ASP A 9 1.45 -16.52 -9.19
CA ASP A 9 1.05 -15.46 -8.27
C ASP A 9 -0.40 -15.63 -7.85
N VAL A 10 -0.79 -14.90 -6.81
CA VAL A 10 -2.16 -14.99 -6.30
C VAL A 10 -2.85 -13.63 -6.39
N LYS A 11 -3.98 -13.59 -7.09
CA LYS A 11 -4.71 -12.35 -7.25
C LYS A 11 -5.70 -12.18 -6.09
N PRO A 12 -6.08 -10.95 -5.78
CA PRO A 12 -7.06 -10.66 -4.70
C PRO A 12 -8.38 -11.41 -4.89
N LYS A 13 -9.10 -11.61 -3.79
CA LYS A 13 -10.38 -12.31 -3.84
C LYS A 13 -11.49 -11.34 -4.20
N SER A 14 -11.36 -10.08 -3.76
CA SER A 14 -12.37 -9.07 -4.04
C SER A 14 -11.89 -7.70 -3.61
N ILE A 15 -12.71 -6.68 -3.85
CA ILE A 15 -12.37 -5.32 -3.48
C ILE A 15 -13.54 -4.63 -2.79
N SER A 16 -13.26 -3.99 -1.66
CA SER A 16 -14.30 -3.29 -0.91
C SER A 16 -13.90 -1.83 -0.70
N ARG A 17 -14.77 -1.09 -0.01
CA ARG A 17 -14.51 0.32 0.28
C ARG A 17 -14.35 0.56 1.76
N ALA A 18 -13.32 1.32 2.11
CA ALA A 18 -13.04 1.62 3.52
C ALA A 18 -14.22 2.35 4.15
N LYS A 19 -14.39 2.19 5.47
CA LYS A 19 -15.51 2.83 6.15
C LYS A 19 -15.04 4.09 6.88
N LYS A 20 -13.89 3.99 7.54
CA LYS A 20 -13.34 5.13 8.26
C LYS A 20 -11.82 5.11 8.24
N TRP A 21 -11.21 6.29 8.30
CA TRP A 21 -9.77 6.39 8.29
C TRP A 21 -9.15 5.52 9.37
N SER A 22 -8.09 4.80 9.01
CA SER A 22 -7.41 3.93 9.95
C SER A 22 -6.04 3.52 9.43
N GLU A 23 -5.19 3.06 10.32
CA GLU A 23 -3.84 2.65 9.94
C GLU A 23 -3.89 1.73 8.72
N GLU A 24 -4.90 0.87 8.68
CA GLU A 24 -5.04 -0.05 7.56
C GLU A 24 -5.41 0.71 6.28
N ILE A 25 -6.33 1.65 6.39
CA ILE A 25 -6.75 2.42 5.23
C ILE A 25 -5.65 3.36 4.79
N GLU A 26 -5.26 4.27 5.69
CA GLU A 26 -4.21 5.23 5.38
C GLU A 26 -3.10 4.57 4.59
N ASN A 27 -2.65 3.42 5.07
CA ASN A 27 -1.58 2.69 4.39
C ASN A 27 -2.00 2.29 2.98
N LEU A 28 -3.19 1.70 2.85
CA LEU A 28 -3.68 1.27 1.55
C LEU A 28 -3.76 2.43 0.60
N TYR A 29 -4.19 3.59 1.09
CA TYR A 29 -4.26 4.77 0.25
C TYR A 29 -2.89 5.09 -0.34
N ARG A 30 -1.87 5.15 0.52
CA ARG A 30 -0.52 5.45 0.05
C ARG A 30 -0.06 4.38 -0.93
N PHE A 31 -0.28 3.11 -0.58
CA PHE A 31 0.13 2.01 -1.45
C PHE A 31 -0.59 2.10 -2.79
N GLN A 32 -1.91 2.24 -2.74
CA GLN A 32 -2.70 2.33 -3.97
C GLN A 32 -2.22 3.49 -4.82
N GLN A 33 -1.90 4.61 -4.19
CA GLN A 33 -1.40 5.77 -4.91
C GLN A 33 -0.10 5.43 -5.62
N ALA A 34 0.78 4.70 -4.94
CA ALA A 34 2.06 4.31 -5.53
C ALA A 34 1.85 3.24 -6.60
N GLY A 35 0.69 2.59 -6.56
CA GLY A 35 0.39 1.54 -7.51
C GLY A 35 0.48 0.15 -6.86
N TYR A 36 0.81 0.14 -5.58
CA TYR A 36 0.93 -1.12 -4.85
C TYR A 36 -0.36 -1.44 -4.11
N ARG A 37 -0.64 -2.72 -3.96
CA ARG A 37 -1.84 -3.16 -3.27
C ARG A 37 -1.60 -3.27 -1.77
N ASP A 38 -0.42 -3.75 -1.40
CA ASP A 38 -0.07 -3.91 0.01
C ASP A 38 1.42 -4.16 0.17
N GLU A 39 1.88 -4.19 1.41
CA GLU A 39 3.30 -4.40 1.69
C GLU A 39 3.86 -5.52 0.83
N ILE A 40 3.01 -6.48 0.50
CA ILE A 40 3.45 -7.62 -0.31
C ILE A 40 4.04 -7.15 -1.63
N GLU A 41 3.32 -6.27 -2.32
CA GLU A 41 3.78 -5.78 -3.61
C GLU A 41 4.99 -4.88 -3.45
N TYR A 42 4.94 -4.00 -2.47
CA TYR A 42 6.02 -3.06 -2.26
C TYR A 42 7.34 -3.81 -1.97
N LYS A 43 7.29 -4.76 -1.04
CA LYS A 43 8.46 -5.51 -0.67
C LYS A 43 9.01 -6.27 -1.88
N GLN A 44 8.12 -6.80 -2.71
CA GLN A 44 8.54 -7.53 -3.89
C GLN A 44 9.27 -6.61 -4.86
N VAL A 45 8.77 -5.38 -4.99
CA VAL A 45 9.37 -4.41 -5.90
C VAL A 45 10.83 -4.17 -5.56
N LYS A 46 11.10 -3.98 -4.27
CA LYS A 46 12.46 -3.74 -3.81
C LYS A 46 13.06 -4.98 -3.19
N GLN A 47 12.28 -6.05 -3.15
CA GLN A 47 12.73 -7.31 -2.56
C GLN A 47 13.40 -7.06 -1.21
N VAL A 48 12.60 -6.64 -0.23
CA VAL A 48 13.12 -6.37 1.10
C VAL A 48 12.44 -7.26 2.13
N ALA A 49 12.57 -6.89 3.41
CA ALA A 49 11.96 -7.68 4.48
C ALA A 49 11.02 -6.81 5.31
N MET A 50 11.37 -5.53 5.46
CA MET A 50 10.55 -4.62 6.23
C MET A 50 10.36 -3.30 5.49
N VAL A 51 9.35 -2.54 5.88
CA VAL A 51 9.06 -1.25 5.24
C VAL A 51 9.50 -0.11 6.15
N ASP A 52 10.05 0.94 5.55
CA ASP A 52 10.50 2.11 6.31
C ASP A 52 9.31 2.93 6.79
N ARG A 53 9.18 3.04 8.11
CA ARG A 53 8.07 3.79 8.69
C ARG A 53 8.55 4.64 9.85
N TRP A 54 7.67 5.49 10.37
CA TRP A 54 8.03 6.35 11.48
C TRP A 54 7.48 5.81 12.80
N PRO A 55 8.22 5.94 13.87
CA PRO A 55 7.79 5.44 15.21
C PRO A 55 6.59 6.21 15.75
N GLU A 56 6.45 7.46 15.32
CA GLU A 56 5.36 8.29 15.81
C GLU A 56 4.02 7.61 15.60
N THR A 57 3.74 7.20 14.36
CA THR A 57 2.49 6.53 14.05
C THR A 57 2.74 5.18 13.40
N GLY A 58 3.82 5.09 12.63
CA GLY A 58 4.15 3.83 11.96
C GLY A 58 3.68 3.85 10.51
N TYR A 59 3.55 5.05 9.95
CA TYR A 59 3.12 5.19 8.56
C TYR A 59 4.30 5.07 7.62
N VAL A 60 4.00 4.81 6.34
CA VAL A 60 5.05 4.64 5.35
C VAL A 60 5.83 5.93 5.18
N LYS A 61 7.15 5.83 5.32
CA LYS A 61 8.01 7.00 5.18
C LYS A 61 8.24 7.33 3.71
N LYS A 62 8.63 6.31 2.94
CA LYS A 62 8.87 6.50 1.52
C LYS A 62 8.31 5.32 0.73
N LEU A 63 7.78 5.60 -0.46
CA LEU A 63 7.21 4.55 -1.28
C LEU A 63 7.38 4.87 -2.76
N GLN A 64 7.93 3.91 -3.50
CA GLN A 64 8.16 4.09 -4.93
C GLN A 64 6.87 3.84 -5.71
N ARG A 65 6.55 4.75 -6.63
CA ARG A 65 5.34 4.63 -7.42
C ARG A 65 5.53 3.58 -8.53
N ARG A 66 4.43 3.19 -9.15
CA ARG A 66 4.49 2.20 -10.22
C ARG A 66 5.24 2.76 -11.42
N ASP A 67 5.57 4.05 -11.36
CA ASP A 67 6.28 4.70 -12.44
C ASP A 67 7.76 4.79 -12.13
N ASN A 68 8.19 4.16 -11.04
CA ASN A 68 9.59 4.18 -10.65
C ASN A 68 9.95 5.50 -9.98
N THR A 69 8.98 6.41 -9.93
CA THR A 69 9.21 7.71 -9.30
C THR A 69 9.08 7.60 -7.80
N PHE A 70 10.11 8.08 -7.08
CA PHE A 70 10.09 8.02 -5.63
C PHE A 70 9.17 9.09 -5.06
N PHE A 71 8.25 8.67 -4.18
CA PHE A 71 7.31 9.61 -3.57
C PHE A 71 7.38 9.50 -2.05
N TYR A 72 7.78 10.59 -1.41
CA TYR A 72 7.88 10.60 0.05
C TYR A 72 6.51 10.86 0.67
N TYR A 73 6.21 10.14 1.75
CA TYR A 73 4.94 10.29 2.44
C TYR A 73 5.13 10.98 3.79
N ASN A 74 4.06 11.58 4.30
CA ASN A 74 4.12 12.26 5.59
C ASN A 74 3.57 11.38 6.69
N LYS A 75 4.24 11.40 7.84
CA LYS A 75 3.80 10.60 8.99
C LYS A 75 2.70 11.34 9.76
N GLU A 76 2.50 12.60 9.45
CA GLU A 76 1.50 13.40 10.13
C GLU A 76 0.14 13.21 9.50
N ARG A 77 -0.35 11.96 9.47
CA ARG A 77 -1.64 11.66 8.90
C ARG A 77 -1.93 12.54 7.69
N GLU A 78 -2.27 11.92 6.57
CA GLU A 78 -2.61 12.66 5.37
C GLU A 78 -3.96 12.25 4.81
N CYS A 79 -4.39 11.03 5.13
CA CYS A 79 -5.67 10.53 4.64
C CYS A 79 -6.83 11.07 5.46
N GLU A 80 -7.83 11.59 4.78
CA GLU A 80 -9.01 12.13 5.45
C GLU A 80 -10.25 11.33 5.09
N ASP A 81 -11.32 11.53 5.85
CA ASP A 81 -12.56 10.80 5.61
C ASP A 81 -12.89 10.80 4.11
N LYS A 82 -12.48 11.86 3.42
CA LYS A 82 -12.72 11.96 1.99
C LYS A 82 -11.98 10.87 1.23
N GLU A 83 -10.83 10.45 1.77
CA GLU A 83 -10.05 9.40 1.15
C GLU A 83 -10.64 8.04 1.45
N VAL A 84 -11.18 7.87 2.64
CA VAL A 84 -11.78 6.59 2.99
C VAL A 84 -12.87 6.22 1.99
N HIS A 85 -13.73 7.17 1.69
CA HIS A 85 -14.83 6.91 0.76
C HIS A 85 -14.32 6.53 -0.62
N LYS A 86 -13.37 7.30 -1.13
CA LYS A 86 -12.81 7.04 -2.46
C LYS A 86 -11.82 5.89 -2.44
N VAL A 87 -11.22 5.65 -1.27
CA VAL A 87 -10.24 4.59 -1.13
C VAL A 87 -10.91 3.22 -1.16
N LYS A 88 -10.34 2.32 -1.96
CA LYS A 88 -10.88 0.97 -2.07
C LYS A 88 -9.93 -0.02 -1.41
N VAL A 89 -10.45 -0.78 -0.45
CA VAL A 89 -9.61 -1.74 0.27
C VAL A 89 -9.75 -3.13 -0.35
N TYR A 90 -8.63 -3.68 -0.80
CA TYR A 90 -8.63 -5.01 -1.42
C TYR A 90 -8.62 -6.09 -0.35
N VAL A 91 -9.22 -7.23 -0.67
CA VAL A 91 -9.27 -8.35 0.27
C VAL A 91 -8.73 -9.62 -0.38
N TYR A 92 -7.93 -10.36 0.38
CA TYR A 92 -7.35 -11.61 -0.11
C TYR A 92 -8.01 -12.81 0.56
N GLY A 1 -12.03 -27.65 0.32
CA GLY A 1 -11.06 -27.21 -0.73
C GLY A 1 -10.25 -26.02 -0.21
N SER A 2 -10.43 -24.87 -0.83
CA SER A 2 -9.71 -23.67 -0.43
C SER A 2 -8.22 -23.80 -0.74
N HIS A 3 -7.81 -25.00 -1.14
CA HIS A 3 -6.42 -25.25 -1.47
C HIS A 3 -5.98 -24.39 -2.65
N MET A 4 -6.83 -24.32 -3.67
CA MET A 4 -6.52 -23.54 -4.86
C MET A 4 -5.90 -22.20 -4.48
N MET A 5 -4.62 -22.02 -4.84
CA MET A 5 -3.92 -20.79 -4.53
C MET A 5 -2.72 -20.60 -5.46
N ALA A 6 -2.26 -19.36 -5.59
CA ALA A 6 -1.12 -19.07 -6.45
C ALA A 6 0.12 -19.79 -5.94
N THR A 7 0.90 -20.34 -6.88
CA THR A 7 2.13 -21.06 -6.52
C THR A 7 2.50 -20.84 -5.07
N SER A 8 3.24 -19.77 -4.80
CA SER A 8 3.64 -19.45 -3.44
C SER A 8 3.38 -17.98 -3.13
N ASP A 9 2.31 -17.44 -3.73
CA ASP A 9 1.95 -16.04 -3.52
C ASP A 9 0.46 -15.90 -3.29
N VAL A 10 0.05 -14.73 -2.82
CA VAL A 10 -1.37 -14.47 -2.55
C VAL A 10 -1.88 -13.35 -3.46
N LYS A 11 -2.96 -13.64 -4.18
CA LYS A 11 -3.55 -12.65 -5.08
C LYS A 11 -4.91 -12.20 -4.56
N PRO A 12 -5.29 -10.98 -4.86
CA PRO A 12 -6.60 -10.42 -4.41
C PRO A 12 -7.78 -11.14 -5.05
N LYS A 13 -8.83 -11.35 -4.26
CA LYS A 13 -10.02 -12.03 -4.75
C LYS A 13 -11.14 -11.02 -5.00
N SER A 14 -11.09 -9.90 -4.31
CA SER A 14 -12.10 -8.86 -4.46
C SER A 14 -11.66 -7.56 -3.79
N ILE A 15 -12.45 -6.51 -3.97
CA ILE A 15 -12.15 -5.22 -3.38
C ILE A 15 -13.39 -4.60 -2.74
N SER A 16 -13.23 -4.06 -1.54
CA SER A 16 -14.34 -3.44 -0.82
C SER A 16 -14.09 -1.96 -0.63
N ARG A 17 -15.04 -1.28 -0.02
CA ARG A 17 -14.91 0.16 0.23
C ARG A 17 -14.76 0.44 1.71
N ALA A 18 -13.72 1.20 2.06
CA ALA A 18 -13.47 1.52 3.45
C ALA A 18 -14.61 2.38 4.01
N LYS A 19 -14.90 2.21 5.30
CA LYS A 19 -15.96 2.97 5.94
C LYS A 19 -15.37 4.07 6.81
N LYS A 20 -14.28 3.74 7.52
CA LYS A 20 -13.61 4.72 8.36
C LYS A 20 -12.12 4.79 8.00
N TRP A 21 -11.42 5.73 8.63
CA TRP A 21 -9.99 5.91 8.42
C TRP A 21 -9.17 5.18 9.48
N SER A 22 -8.17 4.43 9.02
CA SER A 22 -7.31 3.68 9.93
C SER A 22 -5.99 3.32 9.24
N GLU A 23 -4.98 3.02 10.05
CA GLU A 23 -3.67 2.67 9.51
C GLU A 23 -3.83 1.70 8.35
N GLU A 24 -4.90 0.92 8.36
CA GLU A 24 -5.16 -0.03 7.29
C GLU A 24 -5.50 0.72 6.00
N ILE A 25 -6.34 1.74 6.11
CA ILE A 25 -6.75 2.51 4.94
C ILE A 25 -5.59 3.38 4.47
N GLU A 26 -5.14 4.28 5.34
CA GLU A 26 -4.04 5.17 4.99
C GLU A 26 -2.98 4.41 4.21
N ASN A 27 -2.55 3.27 4.75
CA ASN A 27 -1.52 2.47 4.09
C ASN A 27 -1.96 2.07 2.69
N LEU A 28 -3.17 1.54 2.56
CA LEU A 28 -3.66 1.11 1.27
C LEU A 28 -3.67 2.27 0.30
N TYR A 29 -4.07 3.44 0.77
CA TYR A 29 -4.06 4.62 -0.09
C TYR A 29 -2.66 4.89 -0.60
N ARG A 30 -1.69 4.89 0.31
CA ARG A 30 -0.30 5.15 -0.09
C ARG A 30 0.17 4.07 -1.05
N PHE A 31 -0.09 2.80 -0.72
CA PHE A 31 0.31 1.70 -1.58
C PHE A 31 -0.36 1.81 -2.94
N GLN A 32 -1.68 1.99 -2.93
CA GLN A 32 -2.45 2.10 -4.18
C GLN A 32 -1.90 3.25 -5.02
N GLN A 33 -1.58 4.36 -4.37
CA GLN A 33 -1.02 5.51 -5.06
C GLN A 33 0.31 5.14 -5.72
N ALA A 34 1.12 4.35 -5.00
CA ALA A 34 2.41 3.93 -5.52
C ALA A 34 2.22 2.87 -6.59
N GLY A 35 1.03 2.27 -6.64
CA GLY A 35 0.74 1.23 -7.63
C GLY A 35 0.77 -0.16 -7.01
N TYR A 36 0.90 -0.19 -5.68
CA TYR A 36 0.95 -1.48 -4.97
C TYR A 36 -0.32 -1.69 -4.18
N ARG A 37 -0.68 -2.96 -3.99
CA ARG A 37 -1.89 -3.30 -3.25
C ARG A 37 -1.57 -3.38 -1.75
N ASP A 38 -0.40 -3.92 -1.42
CA ASP A 38 0.01 -4.07 -0.03
C ASP A 38 1.46 -4.51 0.05
N GLU A 39 1.96 -4.67 1.28
CA GLU A 39 3.35 -5.08 1.48
C GLU A 39 3.73 -6.15 0.49
N ILE A 40 2.80 -7.03 0.17
CA ILE A 40 3.07 -8.11 -0.77
C ILE A 40 3.77 -7.59 -2.02
N GLU A 41 3.09 -6.72 -2.76
CA GLU A 41 3.66 -6.18 -3.99
C GLU A 41 4.89 -5.33 -3.71
N TYR A 42 4.77 -4.43 -2.75
CA TYR A 42 5.87 -3.55 -2.45
C TYR A 42 7.15 -4.34 -2.19
N LYS A 43 7.07 -5.32 -1.30
CA LYS A 43 8.25 -6.12 -0.97
C LYS A 43 8.75 -6.87 -2.20
N GLN A 44 7.84 -7.41 -2.99
CA GLN A 44 8.21 -8.15 -4.18
C GLN A 44 8.93 -7.25 -5.17
N VAL A 45 8.45 -6.03 -5.31
CA VAL A 45 9.05 -5.09 -6.26
C VAL A 45 10.52 -4.83 -5.91
N LYS A 46 10.78 -4.58 -4.64
CA LYS A 46 12.14 -4.32 -4.19
C LYS A 46 12.72 -5.54 -3.49
N GLN A 47 11.99 -6.63 -3.52
CA GLN A 47 12.46 -7.86 -2.87
C GLN A 47 13.01 -7.56 -1.49
N VAL A 48 12.19 -6.91 -0.66
CA VAL A 48 12.60 -6.56 0.70
C VAL A 48 11.61 -7.10 1.72
N ALA A 49 11.77 -6.68 2.96
CA ALA A 49 10.88 -7.12 4.03
C ALA A 49 10.60 -6.01 5.02
N MET A 50 11.62 -5.19 5.28
CA MET A 50 11.48 -4.08 6.22
C MET A 50 11.14 -2.79 5.49
N VAL A 51 10.09 -2.11 5.96
CA VAL A 51 9.67 -0.86 5.35
C VAL A 51 10.01 0.31 6.27
N ASP A 52 10.56 1.38 5.70
CA ASP A 52 10.93 2.55 6.48
C ASP A 52 9.69 3.30 6.93
N ARG A 53 9.56 3.49 8.24
CA ARG A 53 8.40 4.19 8.79
C ARG A 53 8.83 5.07 9.96
N TRP A 54 7.95 5.99 10.34
CA TRP A 54 8.26 6.90 11.45
C TRP A 54 7.71 6.35 12.77
N PRO A 55 8.45 6.46 13.84
CA PRO A 55 8.02 5.95 15.17
C PRO A 55 6.79 6.68 15.71
N GLU A 56 6.64 7.94 15.32
CA GLU A 56 5.52 8.75 15.80
C GLU A 56 4.21 7.98 15.60
N THR A 57 3.99 7.49 14.40
CA THR A 57 2.77 6.73 14.11
C THR A 57 3.11 5.39 13.46
N GLY A 58 4.19 5.35 12.70
CA GLY A 58 4.59 4.12 12.03
C GLY A 58 4.11 4.08 10.60
N TYR A 59 3.88 5.26 10.02
CA TYR A 59 3.41 5.35 8.64
C TYR A 59 4.59 5.23 7.68
N VAL A 60 4.28 4.86 6.44
CA VAL A 60 5.33 4.69 5.43
C VAL A 60 6.07 6.01 5.24
N LYS A 61 7.39 5.97 5.40
CA LYS A 61 8.21 7.16 5.22
C LYS A 61 8.39 7.49 3.75
N LYS A 62 8.71 6.48 2.95
CA LYS A 62 8.90 6.68 1.51
C LYS A 62 8.43 5.46 0.75
N LEU A 63 7.88 5.68 -0.45
CA LEU A 63 7.39 4.58 -1.26
C LEU A 63 7.59 4.88 -2.74
N GLN A 64 8.23 3.95 -3.43
CA GLN A 64 8.50 4.12 -4.86
C GLN A 64 7.26 3.73 -5.68
N ARG A 65 6.90 4.58 -6.62
CA ARG A 65 5.72 4.32 -7.45
C ARG A 65 6.03 3.24 -8.48
N ARG A 66 4.99 2.80 -9.18
CA ARG A 66 5.14 1.79 -10.21
C ARG A 66 5.92 2.34 -11.40
N ASP A 67 6.11 3.66 -11.40
CA ASP A 67 6.82 4.32 -12.48
C ASP A 67 8.28 4.50 -12.13
N ASN A 68 8.70 3.90 -11.02
CA ASN A 68 10.09 3.98 -10.59
C ASN A 68 10.42 5.38 -10.09
N THR A 69 9.45 6.01 -9.41
CA THR A 69 9.64 7.35 -8.87
C THR A 69 9.52 7.35 -7.36
N PHE A 70 10.53 7.87 -6.68
CA PHE A 70 10.52 7.92 -5.22
C PHE A 70 9.55 8.99 -4.74
N PHE A 71 8.54 8.57 -3.96
CA PHE A 71 7.56 9.49 -3.44
C PHE A 71 7.57 9.47 -1.91
N TYR A 72 7.88 10.61 -1.31
CA TYR A 72 7.93 10.72 0.14
C TYR A 72 6.52 10.93 0.70
N TYR A 73 6.22 10.22 1.79
CA TYR A 73 4.92 10.34 2.43
C TYR A 73 5.03 11.09 3.76
N ASN A 74 3.94 11.75 4.14
CA ASN A 74 3.92 12.51 5.38
C ASN A 74 3.35 11.66 6.53
N LYS A 75 4.12 11.55 7.61
CA LYS A 75 3.68 10.79 8.77
C LYS A 75 2.49 11.48 9.45
N GLU A 76 2.47 12.80 9.41
CA GLU A 76 1.39 13.55 10.01
C GLU A 76 0.11 13.38 9.19
N ARG A 77 -0.32 12.13 9.02
CA ARG A 77 -1.51 11.84 8.25
C ARG A 77 -2.55 12.94 8.39
N GLU A 78 -3.18 13.30 7.27
CA GLU A 78 -4.21 14.33 7.28
C GLU A 78 -5.41 13.87 6.46
N CYS A 79 -5.73 12.59 6.59
CA CYS A 79 -6.86 12.02 5.85
C CYS A 79 -8.16 12.13 6.66
N GLU A 80 -9.28 12.26 5.95
CA GLU A 80 -10.58 12.38 6.57
C GLU A 80 -11.59 11.42 5.93
N ASP A 81 -12.81 11.41 6.46
CA ASP A 81 -13.84 10.53 5.93
C ASP A 81 -13.90 10.65 4.41
N LYS A 82 -13.39 11.76 3.88
CA LYS A 82 -13.38 11.98 2.45
C LYS A 82 -12.44 10.99 1.76
N GLU A 83 -11.35 10.63 2.43
CA GLU A 83 -10.38 9.70 1.87
C GLU A 83 -10.88 8.28 2.03
N VAL A 84 -11.59 8.01 3.10
CA VAL A 84 -12.11 6.67 3.33
C VAL A 84 -13.04 6.25 2.19
N HIS A 85 -13.93 7.15 1.81
CA HIS A 85 -14.90 6.84 0.76
C HIS A 85 -14.25 6.64 -0.60
N LYS A 86 -13.33 7.53 -0.96
CA LYS A 86 -12.64 7.44 -2.23
C LYS A 86 -11.60 6.34 -2.23
N VAL A 87 -11.17 5.95 -1.05
CA VAL A 87 -10.16 4.90 -0.92
C VAL A 87 -10.82 3.52 -0.84
N LYS A 88 -10.28 2.57 -1.59
CA LYS A 88 -10.82 1.21 -1.60
C LYS A 88 -9.92 0.28 -0.82
N VAL A 89 -10.46 -0.86 -0.39
CA VAL A 89 -9.69 -1.82 0.38
C VAL A 89 -9.72 -3.20 -0.28
N TYR A 90 -8.54 -3.68 -0.69
CA TYR A 90 -8.45 -4.99 -1.34
C TYR A 90 -8.60 -6.10 -0.32
N VAL A 91 -9.25 -7.19 -0.73
CA VAL A 91 -9.46 -8.33 0.16
C VAL A 91 -8.99 -9.62 -0.50
N TYR A 92 -8.14 -10.36 0.19
CA TYR A 92 -7.63 -11.62 -0.34
C TYR A 92 -8.74 -12.67 -0.35
N GLY A 1 1.15 -29.66 -6.23
CA GLY A 1 2.57 -30.12 -6.29
C GLY A 1 3.31 -29.65 -5.06
N SER A 2 2.99 -30.24 -3.91
CA SER A 2 3.64 -29.87 -2.66
C SER A 2 3.78 -28.35 -2.57
N HIS A 3 4.97 -27.90 -2.17
CA HIS A 3 5.22 -26.47 -2.04
C HIS A 3 5.50 -25.86 -3.40
N MET A 4 5.14 -24.58 -3.55
CA MET A 4 5.36 -23.88 -4.81
C MET A 4 6.14 -22.58 -4.58
N MET A 5 5.42 -21.50 -4.34
CA MET A 5 6.06 -20.21 -4.10
C MET A 5 5.45 -19.53 -2.87
N ALA A 6 6.21 -18.62 -2.27
CA ALA A 6 5.74 -17.92 -1.08
C ALA A 6 4.44 -17.19 -1.37
N THR A 7 3.43 -17.44 -0.53
CA THR A 7 2.13 -16.80 -0.69
C THR A 7 1.66 -16.93 -2.14
N SER A 8 2.35 -17.75 -2.92
CA SER A 8 1.99 -17.95 -4.32
C SER A 8 1.54 -16.64 -4.95
N ASP A 9 0.76 -16.74 -6.03
CA ASP A 9 0.26 -15.56 -6.71
C ASP A 9 -1.22 -15.74 -7.07
N VAL A 10 -2.09 -15.18 -6.24
CA VAL A 10 -3.52 -15.28 -6.47
C VAL A 10 -4.13 -13.90 -6.66
N LYS A 11 -4.91 -13.75 -7.73
CA LYS A 11 -5.55 -12.47 -8.02
C LYS A 11 -6.54 -12.10 -6.91
N PRO A 12 -6.79 -10.83 -6.73
CA PRO A 12 -7.72 -10.34 -5.68
C PRO A 12 -9.10 -10.98 -5.79
N LYS A 13 -9.79 -11.07 -4.65
CA LYS A 13 -11.11 -11.66 -4.61
C LYS A 13 -12.19 -10.61 -4.86
N SER A 14 -12.04 -9.46 -4.23
CA SER A 14 -13.01 -8.39 -4.38
C SER A 14 -12.42 -7.05 -3.90
N ILE A 15 -13.16 -5.97 -4.13
CA ILE A 15 -12.71 -4.65 -3.71
C ILE A 15 -13.85 -3.91 -3.01
N SER A 16 -13.62 -3.48 -1.77
CA SER A 16 -14.64 -2.76 -1.03
C SER A 16 -14.05 -1.55 -0.32
N ARG A 17 -14.75 -0.44 -0.37
CA ARG A 17 -14.25 0.78 0.26
C ARG A 17 -14.35 0.66 1.78
N ALA A 18 -13.47 1.38 2.46
CA ALA A 18 -13.42 1.35 3.92
C ALA A 18 -14.54 2.20 4.52
N LYS A 19 -14.87 1.94 5.79
CA LYS A 19 -15.92 2.70 6.47
C LYS A 19 -15.34 3.93 7.15
N LYS A 20 -14.16 3.75 7.77
CA LYS A 20 -13.50 4.85 8.47
C LYS A 20 -12.02 4.91 8.11
N TRP A 21 -11.30 5.79 8.78
CA TRP A 21 -9.86 5.94 8.54
C TRP A 21 -9.03 5.15 9.53
N SER A 22 -8.10 4.34 9.01
CA SER A 22 -7.24 3.54 9.86
C SER A 22 -5.93 3.21 9.14
N GLU A 23 -4.89 2.93 9.91
CA GLU A 23 -3.60 2.60 9.32
C GLU A 23 -3.77 1.60 8.19
N GLU A 24 -4.81 0.78 8.28
CA GLU A 24 -5.08 -0.20 7.23
C GLU A 24 -5.53 0.48 5.95
N ILE A 25 -6.43 1.44 6.08
CA ILE A 25 -6.95 2.14 4.90
C ILE A 25 -5.89 3.07 4.34
N GLU A 26 -5.48 4.03 5.15
CA GLU A 26 -4.50 5.00 4.71
C GLU A 26 -3.34 4.31 4.02
N ASN A 27 -2.84 3.24 4.62
CA ASN A 27 -1.73 2.51 4.05
C ASN A 27 -2.07 2.03 2.64
N LEU A 28 -3.23 1.40 2.48
CA LEU A 28 -3.62 0.91 1.18
C LEU A 28 -3.62 2.05 0.17
N TYR A 29 -4.08 3.21 0.58
CA TYR A 29 -4.08 4.38 -0.30
C TYR A 29 -2.65 4.76 -0.67
N ARG A 30 -1.77 4.81 0.34
CA ARG A 30 -0.39 5.19 0.11
C ARG A 30 0.28 4.19 -0.84
N PHE A 31 0.08 2.90 -0.59
CA PHE A 31 0.67 1.87 -1.46
C PHE A 31 -0.02 1.87 -2.82
N GLN A 32 -1.35 1.90 -2.81
CA GLN A 32 -2.12 1.89 -4.05
C GLN A 32 -1.64 2.98 -4.98
N GLN A 33 -1.53 4.20 -4.47
CA GLN A 33 -1.08 5.32 -5.29
C GLN A 33 0.29 5.00 -5.91
N ALA A 34 0.97 4.01 -5.33
CA ALA A 34 2.27 3.61 -5.82
C ALA A 34 2.13 2.52 -6.88
N GLY A 35 0.95 1.89 -6.90
CA GLY A 35 0.68 0.83 -7.86
C GLY A 35 0.70 -0.54 -7.20
N TYR A 36 0.88 -0.56 -5.88
CA TYR A 36 0.91 -1.82 -5.15
C TYR A 36 -0.37 -2.00 -4.36
N ARG A 37 -0.80 -3.25 -4.22
CA ARG A 37 -2.00 -3.57 -3.48
C ARG A 37 -1.71 -3.60 -1.98
N ASP A 38 -0.52 -4.06 -1.63
CA ASP A 38 -0.12 -4.14 -0.23
C ASP A 38 1.40 -4.15 -0.11
N GLU A 39 1.89 -3.94 1.12
CA GLU A 39 3.33 -3.92 1.35
C GLU A 39 3.99 -5.16 0.77
N ILE A 40 3.23 -6.25 0.69
CA ILE A 40 3.77 -7.50 0.18
C ILE A 40 4.29 -7.32 -1.24
N GLU A 41 3.49 -6.69 -2.09
CA GLU A 41 3.89 -6.47 -3.48
C GLU A 41 5.07 -5.52 -3.53
N TYR A 42 5.06 -4.51 -2.67
CA TYR A 42 6.15 -3.54 -2.64
C TYR A 42 7.48 -4.20 -2.31
N LYS A 43 7.48 -5.05 -1.28
CA LYS A 43 8.70 -5.73 -0.87
C LYS A 43 9.24 -6.59 -2.00
N GLN A 44 8.36 -7.25 -2.73
CA GLN A 44 8.79 -8.11 -3.83
C GLN A 44 9.52 -7.29 -4.89
N VAL A 45 8.99 -6.12 -5.19
CA VAL A 45 9.59 -5.25 -6.19
C VAL A 45 11.00 -4.82 -5.78
N LYS A 46 11.14 -4.47 -4.51
CA LYS A 46 12.43 -4.05 -3.98
C LYS A 46 13.16 -5.20 -3.31
N GLN A 47 12.53 -6.36 -3.30
CA GLN A 47 13.14 -7.53 -2.68
C GLN A 47 13.81 -7.15 -1.36
N VAL A 48 13.06 -6.47 -0.50
CA VAL A 48 13.59 -6.04 0.79
C VAL A 48 13.09 -6.95 1.90
N ALA A 49 12.26 -6.39 2.79
CA ALA A 49 11.72 -7.16 3.90
C ALA A 49 11.00 -6.23 4.88
N MET A 50 11.39 -4.96 4.89
CA MET A 50 10.77 -3.99 5.79
C MET A 50 10.62 -2.65 5.10
N VAL A 51 9.61 -1.87 5.51
CA VAL A 51 9.36 -0.57 4.92
C VAL A 51 9.72 0.54 5.91
N ASP A 52 10.39 1.58 5.41
CA ASP A 52 10.79 2.69 6.26
C ASP A 52 9.57 3.38 6.85
N ARG A 53 9.58 3.57 8.17
CA ARG A 53 8.46 4.20 8.85
C ARG A 53 8.95 5.13 9.95
N TRP A 54 8.09 6.07 10.34
CA TRP A 54 8.46 7.01 11.39
C TRP A 54 8.02 6.49 12.77
N PRO A 55 8.83 6.62 13.77
CA PRO A 55 8.49 6.13 15.15
C PRO A 55 7.30 6.87 15.74
N GLU A 56 7.17 8.15 15.41
CA GLU A 56 6.09 8.96 15.95
C GLU A 56 4.73 8.28 15.77
N THR A 57 4.45 7.86 14.54
CA THR A 57 3.19 7.18 14.24
C THR A 57 3.43 5.80 13.65
N GLY A 58 4.54 5.65 12.93
CA GLY A 58 4.85 4.36 12.31
C GLY A 58 4.25 4.27 10.91
N TYR A 59 3.97 5.42 10.31
CA TYR A 59 3.41 5.45 8.97
C TYR A 59 4.50 5.26 7.93
N VAL A 60 4.10 4.93 6.70
CA VAL A 60 5.06 4.71 5.62
C VAL A 60 5.86 5.98 5.38
N LYS A 61 7.18 5.86 5.46
CA LYS A 61 8.06 7.01 5.25
C LYS A 61 8.19 7.32 3.77
N LYS A 62 8.49 6.29 2.98
CA LYS A 62 8.66 6.46 1.54
C LYS A 62 8.28 5.19 0.81
N LEU A 63 7.77 5.35 -0.42
CA LEU A 63 7.39 4.20 -1.22
C LEU A 63 7.61 4.48 -2.71
N GLN A 64 8.29 3.57 -3.38
CA GLN A 64 8.55 3.73 -4.80
C GLN A 64 7.32 3.35 -5.62
N ARG A 65 6.98 4.19 -6.59
CA ARG A 65 5.81 3.92 -7.42
C ARG A 65 6.13 2.87 -8.48
N ARG A 66 5.09 2.45 -9.20
CA ARG A 66 5.26 1.46 -10.26
C ARG A 66 6.04 2.06 -11.43
N ASP A 67 6.22 3.38 -11.40
CA ASP A 67 6.96 4.06 -12.44
C ASP A 67 8.41 4.27 -12.05
N ASN A 68 8.84 3.60 -10.98
CA ASN A 68 10.21 3.72 -10.52
C ASN A 68 10.51 5.13 -10.03
N THR A 69 9.51 5.74 -9.37
CA THR A 69 9.69 7.09 -8.84
C THR A 69 9.55 7.09 -7.32
N PHE A 70 10.54 7.63 -6.64
CA PHE A 70 10.51 7.67 -5.18
C PHE A 70 9.48 8.70 -4.70
N PHE A 71 8.53 8.22 -3.89
CA PHE A 71 7.50 9.11 -3.37
C PHE A 71 7.54 9.12 -1.85
N TYR A 72 7.93 10.26 -1.28
CA TYR A 72 8.01 10.39 0.17
C TYR A 72 6.64 10.69 0.77
N TYR A 73 6.30 10.01 1.86
CA TYR A 73 5.03 10.22 2.51
C TYR A 73 5.22 10.99 3.82
N ASN A 74 4.18 11.71 4.23
CA ASN A 74 4.25 12.50 5.45
C ASN A 74 3.69 11.72 6.62
N LYS A 75 4.56 11.36 7.57
CA LYS A 75 4.13 10.60 8.73
C LYS A 75 2.82 11.15 9.28
N GLU A 76 2.67 12.47 9.23
CA GLU A 76 1.46 13.10 9.72
C GLU A 76 0.33 12.76 8.76
N ARG A 77 -0.88 12.73 9.29
CA ARG A 77 -2.05 12.41 8.49
C ARG A 77 -3.16 13.43 8.64
N GLU A 78 -3.84 13.73 7.53
CA GLU A 78 -4.96 14.68 7.54
C GLU A 78 -6.11 14.10 6.72
N CYS A 79 -6.32 12.80 6.83
CA CYS A 79 -7.40 12.14 6.09
C CYS A 79 -8.71 12.16 6.87
N GLU A 80 -9.82 12.20 6.14
CA GLU A 80 -11.14 12.22 6.75
C GLU A 80 -12.05 11.18 6.11
N ASP A 81 -13.25 11.03 6.67
CA ASP A 81 -14.20 10.05 6.14
C ASP A 81 -14.42 10.27 4.64
N LYS A 82 -14.08 11.46 4.17
CA LYS A 82 -14.22 11.78 2.76
C LYS A 82 -13.24 10.97 1.91
N GLU A 83 -12.04 10.76 2.44
CA GLU A 83 -11.03 10.00 1.72
C GLU A 83 -11.26 8.51 1.92
N VAL A 84 -11.78 8.14 3.09
CA VAL A 84 -12.03 6.74 3.39
C VAL A 84 -12.96 6.15 2.35
N HIS A 85 -13.97 6.93 1.96
CA HIS A 85 -14.93 6.48 0.95
C HIS A 85 -14.31 6.49 -0.44
N LYS A 86 -13.51 7.50 -0.72
CA LYS A 86 -12.84 7.61 -2.02
C LYS A 86 -11.76 6.55 -2.16
N VAL A 87 -11.29 6.03 -1.04
CA VAL A 87 -10.25 5.00 -1.04
C VAL A 87 -10.87 3.62 -1.15
N LYS A 88 -10.25 2.76 -1.97
CA LYS A 88 -10.74 1.40 -2.16
C LYS A 88 -9.83 0.40 -1.49
N VAL A 89 -10.42 -0.64 -0.89
CA VAL A 89 -9.62 -1.67 -0.22
C VAL A 89 -9.80 -3.01 -0.91
N TYR A 90 -8.69 -3.60 -1.34
CA TYR A 90 -8.73 -4.89 -2.02
C TYR A 90 -8.64 -6.03 -1.01
N VAL A 91 -9.33 -7.13 -1.30
CA VAL A 91 -9.31 -8.28 -0.40
C VAL A 91 -8.94 -9.55 -1.16
N TYR A 92 -7.91 -10.24 -0.67
CA TYR A 92 -7.47 -11.48 -1.31
C TYR A 92 -8.64 -12.45 -1.46
N GLY A 1 9.88 -12.27 -25.54
CA GLY A 1 9.52 -11.95 -24.12
C GLY A 1 8.80 -13.15 -23.50
N SER A 2 9.56 -13.99 -22.80
CA SER A 2 8.99 -15.18 -22.17
C SER A 2 8.03 -14.77 -21.05
N HIS A 3 6.93 -15.51 -20.93
CA HIS A 3 5.94 -15.22 -19.91
C HIS A 3 6.01 -16.26 -18.78
N MET A 4 7.01 -17.14 -18.87
CA MET A 4 7.19 -18.18 -17.86
C MET A 4 7.66 -17.59 -16.54
N MET A 5 6.73 -17.39 -15.61
CA MET A 5 7.05 -16.84 -14.30
C MET A 5 6.49 -17.72 -13.19
N ALA A 6 7.36 -18.14 -12.28
CA ALA A 6 6.95 -18.99 -11.16
C ALA A 6 6.49 -18.14 -9.99
N THR A 7 5.41 -18.56 -9.34
CA THR A 7 4.88 -17.84 -8.19
C THR A 7 4.93 -16.33 -8.44
N SER A 8 4.89 -15.56 -7.36
CA SER A 8 4.94 -14.11 -7.47
C SER A 8 3.86 -13.62 -8.43
N ASP A 9 2.70 -14.25 -8.40
CA ASP A 9 1.60 -13.86 -9.27
C ASP A 9 0.27 -14.21 -8.63
N VAL A 10 -0.17 -13.38 -7.68
CA VAL A 10 -1.43 -13.60 -6.98
C VAL A 10 -2.40 -12.45 -7.25
N LYS A 11 -3.60 -12.80 -7.67
CA LYS A 11 -4.61 -11.78 -7.97
C LYS A 11 -5.60 -11.64 -6.80
N PRO A 12 -6.24 -10.50 -6.69
CA PRO A 12 -7.23 -10.24 -5.60
C PRO A 12 -8.52 -11.04 -5.79
N LYS A 13 -9.24 -11.26 -4.68
CA LYS A 13 -10.49 -11.99 -4.74
C LYS A 13 -11.66 -11.02 -4.87
N SER A 14 -11.64 -9.94 -4.10
CA SER A 14 -12.71 -8.96 -4.14
C SER A 14 -12.23 -7.61 -3.62
N ILE A 15 -13.01 -6.56 -3.89
CA ILE A 15 -12.65 -5.22 -3.44
C ILE A 15 -13.82 -4.60 -2.66
N SER A 16 -13.51 -4.04 -1.50
CA SER A 16 -14.52 -3.42 -0.65
C SER A 16 -14.16 -1.96 -0.37
N ARG A 17 -15.04 -1.28 0.36
CA ARG A 17 -14.82 0.12 0.71
C ARG A 17 -14.70 0.29 2.21
N ALA A 18 -13.67 1.02 2.62
CA ALA A 18 -13.44 1.27 4.03
C ALA A 18 -14.55 2.13 4.63
N LYS A 19 -14.78 1.97 5.92
CA LYS A 19 -15.82 2.74 6.59
C LYS A 19 -15.24 3.98 7.24
N LYS A 20 -14.04 3.84 7.80
CA LYS A 20 -13.36 4.96 8.46
C LYS A 20 -11.89 5.02 8.09
N TRP A 21 -11.15 5.88 8.76
CA TRP A 21 -9.72 6.02 8.52
C TRP A 21 -8.92 5.21 9.53
N SER A 22 -8.01 4.38 9.02
CA SER A 22 -7.18 3.56 9.88
C SER A 22 -5.88 3.19 9.17
N GLU A 23 -4.86 2.88 9.96
CA GLU A 23 -3.57 2.52 9.39
C GLU A 23 -3.75 1.57 8.22
N GLU A 24 -4.81 0.77 8.27
CA GLU A 24 -5.09 -0.17 7.19
C GLU A 24 -5.45 0.59 5.91
N ILE A 25 -6.26 1.63 6.04
CA ILE A 25 -6.67 2.41 4.88
C ILE A 25 -5.51 3.26 4.39
N GLU A 26 -4.99 4.11 5.27
CA GLU A 26 -3.89 4.98 4.90
C GLU A 26 -2.86 4.20 4.13
N ASN A 27 -2.44 3.08 4.68
CA ASN A 27 -1.44 2.26 4.01
C ASN A 27 -1.92 1.85 2.63
N LEU A 28 -3.13 1.35 2.54
CA LEU A 28 -3.65 0.92 1.25
C LEU A 28 -3.62 2.07 0.27
N TYR A 29 -4.01 3.26 0.73
CA TYR A 29 -3.98 4.42 -0.12
C TYR A 29 -2.57 4.70 -0.61
N ARG A 30 -1.61 4.71 0.32
CA ARG A 30 -0.22 4.98 -0.05
C ARG A 30 0.30 3.91 -1.01
N PHE A 31 0.04 2.65 -0.71
CA PHE A 31 0.52 1.58 -1.57
C PHE A 31 -0.18 1.64 -2.93
N GLN A 32 -1.50 1.78 -2.90
CA GLN A 32 -2.29 1.83 -4.12
C GLN A 32 -1.86 2.99 -5.01
N GLN A 33 -1.65 4.16 -4.41
CA GLN A 33 -1.24 5.30 -5.19
C GLN A 33 0.19 5.11 -5.69
N ALA A 34 0.93 4.24 -4.99
CA ALA A 34 2.31 3.95 -5.37
C ALA A 34 2.36 2.88 -6.46
N GLY A 35 1.25 2.16 -6.63
CA GLY A 35 1.19 1.12 -7.65
C GLY A 35 1.20 -0.27 -7.01
N TYR A 36 1.27 -0.32 -5.69
CA TYR A 36 1.28 -1.59 -4.97
C TYR A 36 -0.02 -1.76 -4.21
N ARG A 37 -0.44 -3.00 -4.06
CA ARG A 37 -1.68 -3.30 -3.34
C ARG A 37 -1.43 -3.43 -1.85
N ASP A 38 -0.27 -3.99 -1.49
CA ASP A 38 0.10 -4.18 -0.09
C ASP A 38 1.55 -4.65 0.02
N GLU A 39 1.98 -4.88 1.26
CA GLU A 39 3.37 -5.29 1.52
C GLU A 39 3.80 -6.37 0.53
N ILE A 40 2.91 -7.32 0.26
CA ILE A 40 3.21 -8.39 -0.63
C ILE A 40 3.84 -7.88 -1.93
N GLU A 41 3.08 -7.10 -2.69
CA GLU A 41 3.56 -6.58 -3.96
C GLU A 41 4.75 -5.66 -3.76
N TYR A 42 4.68 -4.82 -2.73
CA TYR A 42 5.75 -3.87 -2.48
C TYR A 42 7.08 -4.61 -2.27
N LYS A 43 7.06 -5.58 -1.36
CA LYS A 43 8.26 -6.33 -1.05
C LYS A 43 8.83 -6.98 -2.29
N GLN A 44 7.96 -7.50 -3.14
CA GLN A 44 8.41 -8.14 -4.36
C GLN A 44 9.18 -7.16 -5.23
N VAL A 45 8.68 -5.93 -5.33
CA VAL A 45 9.32 -4.92 -6.17
C VAL A 45 10.75 -4.64 -5.72
N LYS A 46 10.94 -4.48 -4.42
CA LYS A 46 12.27 -4.22 -3.89
C LYS A 46 12.87 -5.47 -3.25
N GLN A 47 12.15 -6.58 -3.36
CA GLN A 47 12.65 -7.83 -2.78
C GLN A 47 13.12 -7.60 -1.35
N VAL A 48 12.28 -6.99 -0.53
CA VAL A 48 12.62 -6.71 0.87
C VAL A 48 11.57 -7.30 1.80
N ALA A 49 11.68 -6.98 3.09
CA ALA A 49 10.74 -7.49 4.08
C ALA A 49 10.30 -6.39 5.03
N MET A 50 11.21 -5.48 5.35
CA MET A 50 10.91 -4.38 6.26
C MET A 50 10.57 -3.11 5.48
N VAL A 51 9.69 -2.29 6.06
CA VAL A 51 9.28 -1.04 5.43
C VAL A 51 9.71 0.12 6.30
N ASP A 52 10.29 1.16 5.68
CA ASP A 52 10.74 2.32 6.42
C ASP A 52 9.55 3.15 6.89
N ARG A 53 9.44 3.37 8.20
CA ARG A 53 8.34 4.14 8.75
C ARG A 53 8.83 5.04 9.88
N TRP A 54 8.03 6.03 10.25
CA TRP A 54 8.43 6.93 11.32
C TRP A 54 7.96 6.41 12.68
N PRO A 55 8.75 6.52 13.73
CA PRO A 55 8.37 6.03 15.08
C PRO A 55 7.19 6.81 15.68
N GLU A 56 7.06 8.07 15.29
CA GLU A 56 6.00 8.90 15.84
C GLU A 56 4.64 8.28 15.58
N THR A 57 4.39 7.91 14.33
CA THR A 57 3.11 7.32 13.98
C THR A 57 3.27 5.91 13.42
N GLY A 58 4.41 5.63 12.80
CA GLY A 58 4.64 4.30 12.23
C GLY A 58 4.19 4.26 10.77
N TYR A 59 3.95 5.43 10.18
CA TYR A 59 3.51 5.47 8.78
C TYR A 59 4.70 5.41 7.83
N VAL A 60 4.42 4.97 6.60
CA VAL A 60 5.47 4.85 5.59
C VAL A 60 6.15 6.18 5.37
N LYS A 61 7.48 6.17 5.49
CA LYS A 61 8.26 7.38 5.29
C LYS A 61 8.40 7.71 3.81
N LYS A 62 8.83 6.72 3.04
CA LYS A 62 9.01 6.92 1.61
C LYS A 62 8.61 5.67 0.85
N LEU A 63 8.04 5.85 -0.33
CA LEU A 63 7.63 4.72 -1.14
C LEU A 63 7.80 5.04 -2.62
N GLN A 64 8.46 4.13 -3.33
CA GLN A 64 8.69 4.32 -4.76
C GLN A 64 7.45 3.94 -5.56
N ARG A 65 7.09 4.79 -6.51
CA ARG A 65 5.92 4.54 -7.33
C ARG A 65 6.20 3.48 -8.38
N ARG A 66 5.15 3.04 -9.06
CA ARG A 66 5.29 2.03 -10.11
C ARG A 66 6.07 2.61 -11.29
N ASP A 67 6.27 3.92 -11.25
CA ASP A 67 6.98 4.59 -12.33
C ASP A 67 8.45 4.80 -11.96
N ASN A 68 8.92 4.12 -10.92
CA ASN A 68 10.30 4.24 -10.47
C ASN A 68 10.60 5.65 -9.98
N THR A 69 9.64 6.25 -9.30
CA THR A 69 9.81 7.59 -8.76
C THR A 69 9.64 7.58 -7.25
N PHE A 70 10.60 8.19 -6.54
CA PHE A 70 10.54 8.23 -5.09
C PHE A 70 9.46 9.21 -4.63
N PHE A 71 8.50 8.71 -3.88
CA PHE A 71 7.42 9.55 -3.38
C PHE A 71 7.42 9.56 -1.86
N TYR A 72 7.70 10.71 -1.27
CA TYR A 72 7.73 10.83 0.17
C TYR A 72 6.32 11.02 0.73
N TYR A 73 6.02 10.30 1.80
CA TYR A 73 4.72 10.40 2.44
C TYR A 73 4.81 11.18 3.74
N ASN A 74 3.70 11.84 4.09
CA ASN A 74 3.65 12.62 5.32
C ASN A 74 3.09 11.81 6.48
N LYS A 75 3.92 11.63 7.50
CA LYS A 75 3.48 10.87 8.67
C LYS A 75 2.26 11.52 9.31
N GLU A 76 2.20 12.84 9.26
CA GLU A 76 1.07 13.54 9.84
C GLU A 76 -0.14 13.39 8.94
N ARG A 77 -0.53 12.13 8.70
CA ARG A 77 -1.68 11.84 7.83
C ARG A 77 -2.74 12.94 7.91
N GLU A 78 -3.19 13.40 6.74
CA GLU A 78 -4.21 14.43 6.66
C GLU A 78 -5.44 13.90 5.92
N CYS A 79 -5.74 12.63 6.13
CA CYS A 79 -6.87 12.00 5.49
C CYS A 79 -8.14 12.15 6.33
N GLU A 80 -9.28 12.31 5.65
CA GLU A 80 -10.56 12.47 6.32
C GLU A 80 -11.56 11.45 5.79
N ASP A 81 -12.72 11.39 6.42
CA ASP A 81 -13.77 10.45 6.02
C ASP A 81 -14.02 10.55 4.52
N LYS A 82 -13.69 11.70 3.95
CA LYS A 82 -13.85 11.92 2.53
C LYS A 82 -12.91 11.04 1.72
N GLU A 83 -11.72 10.79 2.27
CA GLU A 83 -10.75 9.95 1.58
C GLU A 83 -11.04 8.48 1.83
N VAL A 84 -11.62 8.18 2.99
CA VAL A 84 -11.93 6.80 3.33
C VAL A 84 -12.89 6.24 2.28
N HIS A 85 -13.91 7.02 1.96
CA HIS A 85 -14.89 6.59 0.96
C HIS A 85 -14.27 6.52 -0.43
N LYS A 86 -13.42 7.50 -0.75
CA LYS A 86 -12.76 7.52 -2.05
C LYS A 86 -11.73 6.40 -2.16
N VAL A 87 -11.19 6.00 -1.01
CA VAL A 87 -10.19 4.93 -0.98
C VAL A 87 -10.85 3.57 -0.92
N LYS A 88 -10.34 2.64 -1.73
CA LYS A 88 -10.89 1.29 -1.76
C LYS A 88 -9.96 0.32 -1.03
N VAL A 89 -10.50 -0.80 -0.58
CA VAL A 89 -9.70 -1.79 0.14
C VAL A 89 -9.81 -3.15 -0.55
N TYR A 90 -8.68 -3.68 -0.98
CA TYR A 90 -8.69 -4.98 -1.67
C TYR A 90 -8.55 -6.12 -0.67
N VAL A 91 -9.18 -7.26 -0.97
CA VAL A 91 -9.12 -8.42 -0.09
C VAL A 91 -8.71 -9.66 -0.88
N TYR A 92 -7.67 -10.35 -0.41
CA TYR A 92 -7.19 -11.55 -1.07
C TYR A 92 -8.28 -12.61 -1.08
N GLY A 1 0.28 -9.10 -18.78
CA GLY A 1 1.20 -7.99 -18.38
C GLY A 1 2.51 -8.58 -17.87
N SER A 2 2.50 -9.87 -17.56
CA SER A 2 3.69 -10.54 -17.06
C SER A 2 4.27 -9.79 -15.87
N HIS A 3 5.48 -10.16 -15.46
CA HIS A 3 6.13 -9.52 -14.33
C HIS A 3 5.28 -9.65 -13.07
N MET A 4 4.66 -10.82 -12.91
CA MET A 4 3.81 -11.07 -11.75
C MET A 4 4.52 -12.03 -10.78
N MET A 5 3.75 -12.93 -10.20
CA MET A 5 4.31 -13.90 -9.25
C MET A 5 4.31 -15.30 -9.86
N ALA A 6 5.51 -15.84 -10.08
CA ALA A 6 5.64 -17.17 -10.67
C ALA A 6 5.22 -18.23 -9.66
N THR A 7 4.63 -19.32 -10.16
CA THR A 7 4.19 -20.40 -9.29
C THR A 7 3.38 -19.85 -8.12
N SER A 8 2.65 -18.78 -8.35
CA SER A 8 1.83 -18.16 -7.31
C SER A 8 0.60 -17.49 -7.91
N ASP A 9 0.83 -16.38 -8.62
CA ASP A 9 -0.28 -15.65 -9.23
C ASP A 9 -1.38 -15.37 -8.21
N VAL A 10 -0.99 -14.80 -7.08
CA VAL A 10 -1.97 -14.49 -6.04
C VAL A 10 -2.77 -13.24 -6.41
N LYS A 11 -4.05 -13.43 -6.67
CA LYS A 11 -4.92 -12.32 -7.04
C LYS A 11 -6.05 -12.15 -6.03
N PRO A 12 -6.57 -10.96 -5.88
CA PRO A 12 -7.69 -10.67 -4.93
C PRO A 12 -8.98 -11.36 -5.35
N LYS A 13 -9.88 -11.55 -4.40
CA LYS A 13 -11.14 -12.20 -4.67
C LYS A 13 -12.27 -11.19 -4.75
N SER A 14 -12.13 -10.11 -4.00
CA SER A 14 -13.16 -9.07 -4.00
C SER A 14 -12.59 -7.75 -3.50
N ILE A 15 -13.33 -6.67 -3.73
CA ILE A 15 -12.90 -5.35 -3.29
C ILE A 15 -14.02 -4.65 -2.52
N SER A 16 -13.69 -4.11 -1.36
CA SER A 16 -14.67 -3.42 -0.53
C SER A 16 -14.26 -1.96 -0.30
N ARG A 17 -15.12 -1.22 0.39
CA ARG A 17 -14.85 0.19 0.67
C ARG A 17 -14.69 0.40 2.17
N ALA A 18 -13.62 1.10 2.55
CA ALA A 18 -13.35 1.36 3.94
C ALA A 18 -14.46 2.20 4.56
N LYS A 19 -14.75 1.96 5.84
CA LYS A 19 -15.80 2.71 6.51
C LYS A 19 -15.25 3.98 7.16
N LYS A 20 -14.06 3.89 7.74
CA LYS A 20 -13.44 5.04 8.39
C LYS A 20 -11.93 4.97 8.28
N TRP A 21 -11.29 6.14 8.28
CA TRP A 21 -9.84 6.21 8.16
C TRP A 21 -9.17 5.38 9.23
N SER A 22 -8.16 4.61 8.82
CA SER A 22 -7.43 3.77 9.74
C SER A 22 -6.07 3.40 9.17
N GLU A 23 -5.16 3.00 10.03
CA GLU A 23 -3.81 2.65 9.60
C GLU A 23 -3.87 1.72 8.39
N GLU A 24 -4.91 0.90 8.34
CA GLU A 24 -5.08 -0.01 7.22
C GLU A 24 -5.44 0.75 5.95
N ILE A 25 -6.27 1.78 6.10
CA ILE A 25 -6.70 2.57 4.95
C ILE A 25 -5.52 3.39 4.44
N GLU A 26 -4.98 4.22 5.31
CA GLU A 26 -3.87 5.08 4.92
C GLU A 26 -2.87 4.28 4.12
N ASN A 27 -2.46 3.14 4.66
CA ASN A 27 -1.49 2.31 3.98
C ASN A 27 -1.98 1.92 2.60
N LEU A 28 -3.20 1.43 2.52
CA LEU A 28 -3.73 1.02 1.23
C LEU A 28 -3.74 2.19 0.27
N TYR A 29 -4.11 3.37 0.76
CA TYR A 29 -4.11 4.55 -0.08
C TYR A 29 -2.70 4.84 -0.59
N ARG A 30 -1.73 4.84 0.32
CA ARG A 30 -0.36 5.11 -0.06
C ARG A 30 0.13 4.05 -1.04
N PHE A 31 -0.17 2.79 -0.75
CA PHE A 31 0.26 1.72 -1.64
C PHE A 31 -0.43 1.84 -3.00
N GLN A 32 -1.75 1.99 -2.96
CA GLN A 32 -2.55 2.10 -4.18
C GLN A 32 -2.11 3.29 -5.03
N GLN A 33 -1.93 4.43 -4.38
CA GLN A 33 -1.50 5.62 -5.11
C GLN A 33 -0.09 5.43 -5.63
N ALA A 34 0.64 4.50 -5.01
CA ALA A 34 2.02 4.23 -5.42
C ALA A 34 2.05 3.14 -6.50
N GLY A 35 0.93 2.46 -6.67
CA GLY A 35 0.82 1.40 -7.67
C GLY A 35 0.90 0.01 -7.02
N TYR A 36 1.14 -0.01 -5.72
CA TYR A 36 1.24 -1.26 -4.99
C TYR A 36 -0.06 -1.55 -4.27
N ARG A 37 -0.35 -2.83 -4.09
CA ARG A 37 -1.57 -3.25 -3.42
C ARG A 37 -1.38 -3.30 -1.91
N ASP A 38 -0.19 -3.77 -1.50
CA ASP A 38 0.13 -3.89 -0.08
C ASP A 38 1.62 -4.18 0.11
N GLU A 39 2.05 -4.26 1.37
CA GLU A 39 3.46 -4.51 1.70
C GLU A 39 4.02 -5.64 0.87
N ILE A 40 3.16 -6.60 0.53
CA ILE A 40 3.62 -7.74 -0.26
C ILE A 40 4.22 -7.29 -1.58
N GLU A 41 3.51 -6.42 -2.29
CA GLU A 41 4.02 -5.92 -3.58
C GLU A 41 5.23 -5.03 -3.40
N TYR A 42 5.18 -4.16 -2.41
CA TYR A 42 6.29 -3.25 -2.21
C TYR A 42 7.59 -4.03 -1.97
N LYS A 43 7.53 -4.98 -1.05
CA LYS A 43 8.70 -5.79 -0.72
C LYS A 43 9.21 -6.53 -1.96
N GLN A 44 8.28 -7.04 -2.76
CA GLN A 44 8.66 -7.75 -3.97
C GLN A 44 9.39 -6.83 -4.93
N VAL A 45 8.92 -5.59 -5.04
CA VAL A 45 9.55 -4.63 -5.95
C VAL A 45 11.01 -4.43 -5.60
N LYS A 46 11.30 -4.25 -4.33
CA LYS A 46 12.68 -4.06 -3.89
C LYS A 46 13.25 -5.35 -3.33
N GLN A 47 12.50 -6.43 -3.42
CA GLN A 47 12.95 -7.72 -2.90
C GLN A 47 13.53 -7.56 -1.50
N VAL A 48 12.75 -6.96 -0.61
CA VAL A 48 13.19 -6.74 0.77
C VAL A 48 12.18 -7.32 1.75
N ALA A 49 12.38 -7.05 3.03
CA ALA A 49 11.49 -7.56 4.06
C ALA A 49 11.34 -6.56 5.19
N MET A 50 11.46 -5.28 4.86
CA MET A 50 11.35 -4.23 5.87
C MET A 50 11.02 -2.89 5.23
N VAL A 51 9.99 -2.23 5.74
CA VAL A 51 9.58 -0.93 5.21
C VAL A 51 9.91 0.18 6.20
N ASP A 52 10.57 1.23 5.71
CA ASP A 52 10.94 2.34 6.58
C ASP A 52 9.70 3.13 6.97
N ARG A 53 9.49 3.31 8.28
CA ARG A 53 8.35 4.05 8.77
C ARG A 53 8.75 4.96 9.91
N TRP A 54 7.84 5.84 10.33
CA TRP A 54 8.14 6.75 11.43
C TRP A 54 7.55 6.23 12.75
N PRO A 55 8.25 6.39 13.86
CA PRO A 55 7.76 5.92 15.18
C PRO A 55 6.52 6.69 15.66
N GLU A 56 6.36 7.89 15.16
CA GLU A 56 5.24 8.73 15.59
C GLU A 56 3.93 7.96 15.45
N THR A 57 3.69 7.41 14.26
CA THR A 57 2.47 6.65 14.01
C THR A 57 2.78 5.31 13.37
N GLY A 58 3.89 5.23 12.64
CA GLY A 58 4.27 3.98 11.98
C GLY A 58 3.84 3.97 10.52
N TYR A 59 3.74 5.15 9.91
CA TYR A 59 3.32 5.22 8.52
C TYR A 59 4.53 5.13 7.59
N VAL A 60 4.25 4.75 6.34
CA VAL A 60 5.31 4.59 5.36
C VAL A 60 6.06 5.89 5.18
N LYS A 61 7.38 5.83 5.32
CA LYS A 61 8.20 7.01 5.16
C LYS A 61 8.44 7.31 3.69
N LYS A 62 8.86 6.29 2.95
CA LYS A 62 9.12 6.47 1.53
C LYS A 62 8.61 5.27 0.75
N LEU A 63 8.05 5.52 -0.42
CA LEU A 63 7.53 4.44 -1.24
C LEU A 63 7.70 4.76 -2.72
N GLN A 64 8.28 3.81 -3.45
CA GLN A 64 8.51 4.00 -4.87
C GLN A 64 7.24 3.75 -5.67
N ARG A 65 6.95 4.65 -6.60
CA ARG A 65 5.74 4.51 -7.41
C ARG A 65 5.94 3.45 -8.48
N ARG A 66 4.83 3.08 -9.13
CA ARG A 66 4.89 2.09 -10.20
C ARG A 66 5.66 2.63 -11.38
N ASP A 67 5.98 3.93 -11.32
CA ASP A 67 6.72 4.57 -12.39
C ASP A 67 8.20 4.66 -12.06
N ASN A 68 8.62 3.93 -11.02
CA ASN A 68 10.03 3.94 -10.60
C ASN A 68 10.45 5.30 -10.09
N THR A 69 9.54 5.97 -9.38
CA THR A 69 9.83 7.28 -8.81
C THR A 69 9.68 7.24 -7.30
N PHE A 70 10.67 7.78 -6.59
CA PHE A 70 10.63 7.79 -5.14
C PHE A 70 9.69 8.88 -4.65
N PHE A 71 8.66 8.48 -3.90
CA PHE A 71 7.69 9.42 -3.37
C PHE A 71 7.68 9.38 -1.84
N TYR A 72 8.05 10.49 -1.22
CA TYR A 72 8.06 10.56 0.22
C TYR A 72 6.68 10.85 0.75
N TYR A 73 6.26 10.08 1.75
CA TYR A 73 4.94 10.27 2.35
C TYR A 73 5.04 11.06 3.65
N ASN A 74 3.94 11.70 4.03
CA ASN A 74 3.90 12.50 5.24
C ASN A 74 3.38 11.68 6.43
N LYS A 75 4.25 11.49 7.42
CA LYS A 75 3.86 10.73 8.60
C LYS A 75 2.69 11.42 9.31
N GLU A 76 2.53 12.71 9.06
CA GLU A 76 1.43 13.45 9.68
C GLU A 76 0.15 13.21 8.89
N ARG A 77 -0.23 11.93 8.78
CA ARG A 77 -1.43 11.55 8.03
C ARG A 77 -2.50 12.63 8.12
N GLU A 78 -2.96 13.09 6.97
CA GLU A 78 -3.99 14.13 6.91
C GLU A 78 -5.21 13.62 6.12
N CYS A 79 -5.48 12.33 6.28
CA CYS A 79 -6.62 11.72 5.60
C CYS A 79 -7.88 11.85 6.44
N GLU A 80 -9.01 12.00 5.76
CA GLU A 80 -10.31 12.14 6.43
C GLU A 80 -11.35 11.22 5.80
N ASP A 81 -12.53 11.19 6.41
CA ASP A 81 -13.61 10.33 5.91
C ASP A 81 -13.74 10.49 4.40
N LYS A 82 -13.27 11.63 3.89
CA LYS A 82 -13.32 11.91 2.46
C LYS A 82 -12.43 10.94 1.69
N GLU A 83 -11.31 10.57 2.30
CA GLU A 83 -10.38 9.64 1.66
C GLU A 83 -10.90 8.22 1.79
N VAL A 84 -11.55 7.92 2.89
CA VAL A 84 -12.08 6.58 3.06
C VAL A 84 -13.10 6.24 1.98
N HIS A 85 -13.99 7.19 1.72
CA HIS A 85 -15.04 6.99 0.72
C HIS A 85 -14.46 6.79 -0.69
N LYS A 86 -13.49 7.63 -1.06
CA LYS A 86 -12.90 7.50 -2.39
C LYS A 86 -11.86 6.38 -2.42
N VAL A 87 -11.34 6.03 -1.25
CA VAL A 87 -10.34 4.95 -1.16
C VAL A 87 -11.01 3.60 -1.08
N LYS A 88 -10.48 2.64 -1.83
CA LYS A 88 -11.04 1.28 -1.85
C LYS A 88 -10.06 0.33 -1.16
N VAL A 89 -10.59 -0.73 -0.57
CA VAL A 89 -9.75 -1.71 0.12
C VAL A 89 -9.92 -3.09 -0.52
N TYR A 90 -8.84 -3.67 -1.01
CA TYR A 90 -8.91 -4.97 -1.65
C TYR A 90 -8.86 -6.08 -0.59
N VAL A 91 -9.61 -7.15 -0.82
CA VAL A 91 -9.63 -8.28 0.11
C VAL A 91 -9.33 -9.58 -0.62
N TYR A 92 -8.41 -10.36 -0.05
CA TYR A 92 -8.04 -11.64 -0.65
C TYR A 92 -8.68 -12.79 0.13
N GLY A 1 8.38 -7.16 -17.97
CA GLY A 1 9.56 -7.79 -17.30
C GLY A 1 9.35 -9.30 -17.23
N SER A 2 9.89 -10.02 -18.20
CA SER A 2 9.76 -11.48 -18.22
C SER A 2 10.54 -12.11 -17.07
N HIS A 3 10.04 -13.23 -16.57
CA HIS A 3 10.70 -13.93 -15.47
C HIS A 3 10.90 -15.41 -15.82
N MET A 4 12.01 -15.97 -15.35
CA MET A 4 12.32 -17.37 -15.62
C MET A 4 11.24 -18.26 -15.03
N MET A 5 10.73 -17.89 -13.85
CA MET A 5 9.70 -18.68 -13.19
C MET A 5 8.32 -18.25 -13.70
N ALA A 6 7.43 -19.23 -13.88
CA ALA A 6 6.09 -18.95 -14.36
C ALA A 6 5.32 -18.13 -13.33
N THR A 7 4.51 -17.19 -13.81
CA THR A 7 3.73 -16.34 -12.93
C THR A 7 2.63 -17.15 -12.25
N SER A 8 2.59 -17.08 -10.92
CA SER A 8 1.58 -17.81 -10.16
C SER A 8 1.08 -16.96 -8.98
N ASP A 9 1.32 -15.66 -9.06
CA ASP A 9 0.90 -14.76 -7.99
C ASP A 9 -0.62 -14.83 -7.81
N VAL A 10 -1.05 -14.93 -6.55
CA VAL A 10 -2.48 -14.99 -6.26
C VAL A 10 -3.07 -13.60 -6.15
N LYS A 11 -4.10 -13.34 -6.95
CA LYS A 11 -4.75 -12.04 -6.92
C LYS A 11 -5.86 -11.98 -5.88
N PRO A 12 -6.18 -10.82 -5.34
CA PRO A 12 -7.26 -10.68 -4.33
C PRO A 12 -8.53 -11.42 -4.73
N LYS A 13 -9.41 -11.65 -3.75
CA LYS A 13 -10.66 -12.32 -4.01
C LYS A 13 -11.76 -11.32 -4.30
N SER A 14 -11.69 -10.14 -3.68
CA SER A 14 -12.68 -9.11 -3.89
C SER A 14 -12.19 -7.75 -3.41
N ILE A 15 -12.95 -6.70 -3.71
CA ILE A 15 -12.58 -5.35 -3.30
C ILE A 15 -13.75 -4.65 -2.60
N SER A 16 -13.45 -4.00 -1.47
CA SER A 16 -14.46 -3.30 -0.70
C SER A 16 -14.10 -1.82 -0.56
N ARG A 17 -14.97 -1.07 0.11
CA ARG A 17 -14.73 0.35 0.32
C ARG A 17 -14.54 0.67 1.79
N ALA A 18 -13.49 1.44 2.09
CA ALA A 18 -13.21 1.80 3.48
C ALA A 18 -14.35 2.60 4.07
N LYS A 19 -14.63 2.39 5.35
CA LYS A 19 -15.71 3.10 6.01
C LYS A 19 -15.19 4.33 6.77
N LYS A 20 -14.05 4.16 7.43
CA LYS A 20 -13.45 5.25 8.19
C LYS A 20 -11.93 5.18 8.15
N TRP A 21 -11.29 6.34 8.20
CA TRP A 21 -9.83 6.41 8.18
C TRP A 21 -9.24 5.53 9.27
N SER A 22 -8.19 4.80 8.90
CA SER A 22 -7.52 3.93 9.86
C SER A 22 -6.13 3.57 9.34
N GLU A 23 -5.30 3.07 10.23
CA GLU A 23 -3.93 2.72 9.87
C GLU A 23 -3.93 1.83 8.64
N GLU A 24 -4.94 0.97 8.54
CA GLU A 24 -5.06 0.08 7.39
C GLU A 24 -5.36 0.87 6.12
N ILE A 25 -6.26 1.86 6.25
CA ILE A 25 -6.64 2.67 5.09
C ILE A 25 -5.50 3.58 4.69
N GLU A 26 -5.05 4.42 5.62
CA GLU A 26 -3.99 5.35 5.32
C GLU A 26 -2.88 4.66 4.55
N ASN A 27 -2.47 3.49 5.03
CA ASN A 27 -1.43 2.74 4.36
C ASN A 27 -1.88 2.34 2.95
N LEU A 28 -3.07 1.79 2.85
CA LEU A 28 -3.59 1.37 1.55
C LEU A 28 -3.64 2.53 0.59
N TYR A 29 -4.03 3.70 1.07
CA TYR A 29 -4.09 4.87 0.22
C TYR A 29 -2.71 5.14 -0.38
N ARG A 30 -1.68 5.16 0.47
CA ARG A 30 -0.34 5.43 -0.01
C ARG A 30 0.10 4.36 -1.00
N PHE A 31 -0.15 3.09 -0.65
CA PHE A 31 0.23 1.99 -1.51
C PHE A 31 -0.53 2.05 -2.85
N GLN A 32 -1.84 2.20 -2.76
CA GLN A 32 -2.68 2.26 -3.96
C GLN A 32 -2.20 3.38 -4.86
N GLN A 33 -1.84 4.51 -4.26
CA GLN A 33 -1.34 5.63 -5.05
C GLN A 33 -0.05 5.24 -5.76
N ALA A 34 0.81 4.50 -5.07
CA ALA A 34 2.07 4.08 -5.65
C ALA A 34 1.83 2.97 -6.69
N GLY A 35 0.68 2.32 -6.61
CA GLY A 35 0.35 1.26 -7.55
C GLY A 35 0.44 -0.11 -6.89
N TYR A 36 0.62 -0.12 -5.57
CA TYR A 36 0.73 -1.37 -4.83
C TYR A 36 -0.52 -1.60 -3.98
N ARG A 37 -0.83 -2.88 -3.78
CA ARG A 37 -2.01 -3.25 -3.01
C ARG A 37 -1.67 -3.35 -1.52
N ASP A 38 -0.48 -3.86 -1.23
CA ASP A 38 -0.03 -4.02 0.15
C ASP A 38 1.47 -4.27 0.22
N GLU A 39 2.00 -4.31 1.44
CA GLU A 39 3.44 -4.51 1.65
C GLU A 39 3.97 -5.64 0.79
N ILE A 40 3.16 -6.66 0.59
CA ILE A 40 3.58 -7.82 -0.17
C ILE A 40 4.14 -7.39 -1.54
N GLU A 41 3.38 -6.55 -2.24
CA GLU A 41 3.80 -6.08 -3.55
C GLU A 41 5.02 -5.17 -3.44
N TYR A 42 5.01 -4.30 -2.44
CA TYR A 42 6.13 -3.39 -2.23
C TYR A 42 7.42 -4.14 -2.00
N LYS A 43 7.38 -5.14 -1.13
CA LYS A 43 8.58 -5.90 -0.83
C LYS A 43 9.13 -6.56 -2.09
N GLN A 44 8.24 -7.11 -2.90
CA GLN A 44 8.69 -7.77 -4.12
C GLN A 44 9.40 -6.78 -5.05
N VAL A 45 8.85 -5.59 -5.17
CA VAL A 45 9.45 -4.57 -6.04
C VAL A 45 10.85 -4.19 -5.55
N LYS A 46 10.98 -4.00 -4.25
CA LYS A 46 12.27 -3.63 -3.68
C LYS A 46 13.02 -4.86 -3.19
N GLN A 47 12.43 -6.04 -3.42
CA GLN A 47 13.07 -7.28 -3.00
C GLN A 47 13.62 -7.15 -1.58
N VAL A 48 12.78 -6.71 -0.66
CA VAL A 48 13.20 -6.55 0.74
C VAL A 48 12.18 -7.21 1.67
N ALA A 49 12.43 -7.11 2.97
CA ALA A 49 11.54 -7.70 3.96
C ALA A 49 11.23 -6.70 5.08
N MET A 50 11.42 -5.43 4.80
CA MET A 50 11.15 -4.38 5.78
C MET A 50 10.83 -3.06 5.09
N VAL A 51 9.82 -2.37 5.61
CA VAL A 51 9.41 -1.08 5.05
C VAL A 51 9.76 0.05 6.00
N ASP A 52 10.33 1.12 5.47
CA ASP A 52 10.71 2.26 6.29
C ASP A 52 9.47 3.00 6.78
N ARG A 53 9.36 3.15 8.10
CA ARG A 53 8.21 3.85 8.69
C ARG A 53 8.65 4.70 9.87
N TRP A 54 7.78 5.61 10.31
CA TRP A 54 8.13 6.46 11.45
C TRP A 54 7.64 5.88 12.77
N PRO A 55 8.38 5.98 13.83
CA PRO A 55 7.98 5.43 15.16
C PRO A 55 6.76 6.14 15.75
N GLU A 56 6.58 7.39 15.37
CA GLU A 56 5.48 8.18 15.90
C GLU A 56 4.17 7.44 15.68
N THR A 57 3.93 6.99 14.46
CA THR A 57 2.71 6.28 14.14
C THR A 57 3.00 4.94 13.44
N GLY A 58 4.14 4.86 12.75
CA GLY A 58 4.47 3.63 12.04
C GLY A 58 3.99 3.68 10.61
N TYR A 59 3.71 4.88 10.09
CA TYR A 59 3.23 5.00 8.71
C TYR A 59 4.40 4.99 7.74
N VAL A 60 4.07 4.71 6.47
CA VAL A 60 5.07 4.63 5.42
C VAL A 60 5.76 5.97 5.24
N LYS A 61 7.08 5.97 5.38
CA LYS A 61 7.86 7.20 5.23
C LYS A 61 8.00 7.55 3.76
N LYS A 62 8.39 6.57 2.95
CA LYS A 62 8.56 6.80 1.52
C LYS A 62 8.11 5.57 0.75
N LEU A 63 7.52 5.78 -0.43
CA LEU A 63 7.05 4.67 -1.23
C LEU A 63 7.21 4.98 -2.72
N GLN A 64 7.87 4.08 -3.43
CA GLN A 64 8.10 4.27 -4.86
C GLN A 64 6.90 3.81 -5.68
N ARG A 65 6.49 4.65 -6.63
CA ARG A 65 5.37 4.32 -7.47
C ARG A 65 5.75 3.28 -8.53
N ARG A 66 4.74 2.81 -9.26
CA ARG A 66 4.98 1.85 -10.32
C ARG A 66 5.71 2.50 -11.49
N ASP A 67 5.84 3.83 -11.42
CA ASP A 67 6.51 4.57 -12.48
C ASP A 67 7.97 4.82 -12.11
N ASN A 68 8.42 4.24 -11.00
CA ASN A 68 9.80 4.39 -10.55
C ASN A 68 10.03 5.80 -9.99
N THR A 69 9.02 6.32 -9.29
CA THR A 69 9.12 7.65 -8.69
C THR A 69 8.99 7.55 -7.18
N PHE A 70 9.97 8.11 -6.46
CA PHE A 70 9.94 8.08 -5.01
C PHE A 70 9.00 9.13 -4.48
N PHE A 71 7.97 8.70 -3.75
CA PHE A 71 7.02 9.63 -3.18
C PHE A 71 7.13 9.68 -1.66
N TYR A 72 7.37 10.89 -1.17
CA TYR A 72 7.49 11.12 0.26
C TYR A 72 6.10 11.31 0.84
N TYR A 73 5.80 10.60 1.92
CA TYR A 73 4.50 10.68 2.55
C TYR A 73 4.62 11.34 3.92
N ASN A 74 3.53 11.93 4.38
CA ASN A 74 3.50 12.61 5.67
C ASN A 74 3.08 11.66 6.78
N LYS A 75 3.97 11.46 7.73
CA LYS A 75 3.68 10.59 8.87
C LYS A 75 2.57 11.17 9.74
N GLU A 76 2.36 12.47 9.63
CA GLU A 76 1.31 13.13 10.40
C GLU A 76 -0.02 12.98 9.70
N ARG A 77 -0.50 11.73 9.60
CA ARG A 77 -1.76 11.42 8.96
C ARG A 77 -2.04 12.35 7.77
N GLU A 78 -2.28 11.75 6.61
CA GLU A 78 -2.57 12.54 5.42
C GLU A 78 -3.92 12.17 4.80
N CYS A 79 -4.38 10.97 5.09
CA CYS A 79 -5.66 10.51 4.55
C CYS A 79 -6.83 11.02 5.36
N GLU A 80 -7.83 11.55 4.67
CA GLU A 80 -9.02 12.09 5.33
C GLU A 80 -10.25 11.28 4.95
N ASP A 81 -11.35 11.51 5.66
CA ASP A 81 -12.59 10.76 5.40
C ASP A 81 -12.90 10.81 3.90
N LYS A 82 -12.57 11.92 3.27
CA LYS A 82 -12.80 12.06 1.85
C LYS A 82 -12.05 10.97 1.08
N GLU A 83 -10.90 10.56 1.61
CA GLU A 83 -10.11 9.53 0.97
C GLU A 83 -10.66 8.15 1.31
N VAL A 84 -11.28 8.03 2.49
CA VAL A 84 -11.83 6.74 2.88
C VAL A 84 -12.83 6.27 1.84
N HIS A 85 -13.76 7.15 1.48
CA HIS A 85 -14.76 6.78 0.49
C HIS A 85 -14.10 6.52 -0.86
N LYS A 86 -13.14 7.36 -1.22
CA LYS A 86 -12.44 7.21 -2.50
C LYS A 86 -11.49 6.02 -2.46
N VAL A 87 -11.03 5.68 -1.26
CA VAL A 87 -10.10 4.58 -1.09
C VAL A 87 -10.83 3.24 -1.01
N LYS A 88 -10.39 2.31 -1.85
CA LYS A 88 -10.98 0.98 -1.88
C LYS A 88 -10.02 -0.01 -1.23
N VAL A 89 -10.52 -0.76 -0.24
CA VAL A 89 -9.68 -1.71 0.46
C VAL A 89 -9.85 -3.10 -0.15
N TYR A 90 -8.75 -3.67 -0.62
CA TYR A 90 -8.81 -4.99 -1.23
C TYR A 90 -8.86 -6.07 -0.16
N VAL A 91 -9.55 -7.17 -0.45
CA VAL A 91 -9.66 -8.28 0.50
C VAL A 91 -9.22 -9.58 -0.15
N TYR A 92 -8.38 -10.32 0.56
CA TYR A 92 -7.87 -11.59 0.05
C TYR A 92 -9.00 -12.60 -0.11
N GLY A 1 -5.79 -22.03 8.73
CA GLY A 1 -5.54 -23.39 9.26
C GLY A 1 -5.05 -24.30 8.14
N SER A 2 -5.79 -24.32 7.04
CA SER A 2 -5.43 -25.15 5.89
C SER A 2 -4.17 -24.60 5.22
N HIS A 3 -3.43 -25.48 4.55
CA HIS A 3 -2.20 -25.07 3.86
C HIS A 3 -2.52 -24.09 2.74
N MET A 4 -1.62 -23.12 2.54
CA MET A 4 -1.82 -22.12 1.50
C MET A 4 -0.51 -21.85 0.77
N MET A 5 0.43 -21.22 1.47
CA MET A 5 1.72 -20.89 0.88
C MET A 5 1.55 -19.98 -0.33
N ALA A 6 1.99 -18.74 -0.19
CA ALA A 6 1.87 -17.78 -1.28
C ALA A 6 2.70 -18.22 -2.48
N THR A 7 2.12 -18.10 -3.67
CA THR A 7 2.82 -18.48 -4.89
C THR A 7 2.60 -17.42 -5.97
N SER A 8 3.52 -17.38 -6.94
CA SER A 8 3.42 -16.42 -8.03
C SER A 8 2.83 -15.10 -7.55
N ASP A 9 1.58 -14.85 -7.90
CA ASP A 9 0.90 -13.62 -7.48
C ASP A 9 -0.58 -13.91 -7.17
N VAL A 10 -0.93 -13.80 -5.90
CA VAL A 10 -2.31 -14.05 -5.48
C VAL A 10 -3.22 -12.94 -5.96
N LYS A 11 -4.33 -13.30 -6.60
CA LYS A 11 -5.26 -12.31 -7.11
C LYS A 11 -6.35 -12.02 -6.07
N PRO A 12 -6.90 -10.83 -6.08
CA PRO A 12 -7.98 -10.44 -5.13
C PRO A 12 -9.29 -11.18 -5.40
N LYS A 13 -10.07 -11.38 -4.35
CA LYS A 13 -11.34 -12.07 -4.46
C LYS A 13 -12.50 -11.07 -4.47
N SER A 14 -12.36 -10.02 -3.68
CA SER A 14 -13.39 -9.00 -3.61
C SER A 14 -12.80 -7.67 -3.15
N ILE A 15 -13.55 -6.59 -3.37
CA ILE A 15 -13.10 -5.26 -2.98
C ILE A 15 -14.21 -4.52 -2.22
N SER A 16 -13.84 -3.92 -1.09
CA SER A 16 -14.79 -3.18 -0.27
C SER A 16 -14.32 -1.74 -0.06
N ARG A 17 -15.13 -0.95 0.63
CA ARG A 17 -14.79 0.44 0.89
C ARG A 17 -14.62 0.70 2.37
N ALA A 18 -13.55 1.39 2.73
CA ALA A 18 -13.27 1.70 4.11
C ALA A 18 -14.34 2.63 4.69
N LYS A 19 -14.51 2.58 6.00
CA LYS A 19 -15.53 3.40 6.65
C LYS A 19 -14.91 4.66 7.26
N LYS A 20 -13.72 4.52 7.82
CA LYS A 20 -13.05 5.65 8.44
C LYS A 20 -11.54 5.49 8.38
N TRP A 21 -10.82 6.60 8.40
CA TRP A 21 -9.36 6.56 8.35
C TRP A 21 -8.81 5.59 9.37
N SER A 22 -7.88 4.75 8.93
CA SER A 22 -7.27 3.77 9.82
C SER A 22 -5.94 3.32 9.25
N GLU A 23 -5.09 2.79 10.12
CA GLU A 23 -3.76 2.35 9.70
C GLU A 23 -3.86 1.43 8.50
N GLU A 24 -4.90 0.61 8.47
CA GLU A 24 -5.11 -0.31 7.36
C GLU A 24 -5.48 0.44 6.09
N ILE A 25 -6.36 1.44 6.23
CA ILE A 25 -6.81 2.21 5.07
C ILE A 25 -5.68 3.08 4.56
N GLU A 26 -5.16 3.93 5.44
CA GLU A 26 -4.11 4.84 5.05
C GLU A 26 -3.04 4.11 4.26
N ASN A 27 -2.63 2.96 4.78
CA ASN A 27 -1.61 2.17 4.11
C ASN A 27 -2.06 1.78 2.70
N LEU A 28 -3.26 1.24 2.59
CA LEU A 28 -3.73 0.83 1.28
C LEU A 28 -3.72 2.00 0.30
N TYR A 29 -4.14 3.15 0.77
CA TYR A 29 -4.13 4.33 -0.08
C TYR A 29 -2.73 4.67 -0.58
N ARG A 30 -1.78 4.72 0.34
CA ARG A 30 -0.41 5.05 -0.03
C ARG A 30 0.17 4.01 -0.98
N PHE A 31 0.01 2.73 -0.65
CA PHE A 31 0.53 1.68 -1.51
C PHE A 31 -0.20 1.66 -2.86
N GLN A 32 -1.52 1.71 -2.81
CA GLN A 32 -2.33 1.70 -4.02
C GLN A 32 -1.91 2.83 -4.94
N GLN A 33 -1.68 4.00 -4.35
CA GLN A 33 -1.24 5.14 -5.14
C GLN A 33 0.10 4.85 -5.78
N ALA A 34 0.98 4.16 -5.05
CA ALA A 34 2.30 3.83 -5.56
C ALA A 34 2.19 2.82 -6.69
N GLY A 35 1.02 2.18 -6.81
CA GLY A 35 0.80 1.19 -7.85
C GLY A 35 0.84 -0.22 -7.29
N TYR A 36 1.03 -0.34 -5.98
CA TYR A 36 1.10 -1.64 -5.33
C TYR A 36 -0.20 -1.95 -4.62
N ARG A 37 -0.57 -3.22 -4.62
CA ARG A 37 -1.81 -3.64 -3.97
C ARG A 37 -1.63 -3.65 -2.46
N ASP A 38 -0.45 -4.02 -2.00
CA ASP A 38 -0.15 -4.06 -0.58
C ASP A 38 1.36 -4.14 -0.35
N GLU A 39 1.75 -4.08 0.92
CA GLU A 39 3.16 -4.12 1.27
C GLU A 39 3.82 -5.34 0.65
N ILE A 40 3.04 -6.38 0.42
CA ILE A 40 3.60 -7.61 -0.15
C ILE A 40 4.21 -7.32 -1.53
N GLU A 41 3.46 -6.63 -2.39
CA GLU A 41 3.95 -6.32 -3.72
C GLU A 41 5.15 -5.37 -3.65
N TYR A 42 5.06 -4.41 -2.75
CA TYR A 42 6.14 -3.43 -2.59
C TYR A 42 7.45 -4.11 -2.22
N LYS A 43 7.38 -5.02 -1.26
CA LYS A 43 8.58 -5.72 -0.82
C LYS A 43 9.18 -6.52 -1.96
N GLN A 44 8.33 -7.13 -2.77
CA GLN A 44 8.81 -7.92 -3.90
C GLN A 44 9.55 -7.04 -4.91
N VAL A 45 8.99 -5.86 -5.17
CA VAL A 45 9.59 -4.93 -6.12
C VAL A 45 10.97 -4.47 -5.65
N LYS A 46 11.07 -4.14 -4.38
CA LYS A 46 12.33 -3.69 -3.81
C LYS A 46 13.07 -4.85 -3.16
N GLN A 47 12.46 -6.03 -3.19
CA GLN A 47 13.10 -7.19 -2.59
C GLN A 47 13.69 -6.84 -1.23
N VAL A 48 12.86 -6.33 -0.34
CA VAL A 48 13.31 -5.96 1.01
C VAL A 48 12.72 -6.92 2.04
N ALA A 49 12.86 -6.56 3.31
CA ALA A 49 12.34 -7.39 4.39
C ALA A 49 11.32 -6.63 5.23
N MET A 50 11.41 -5.30 5.21
CA MET A 50 10.48 -4.46 5.97
C MET A 50 10.35 -3.08 5.33
N VAL A 51 9.30 -2.36 5.72
CA VAL A 51 9.08 -1.02 5.18
C VAL A 51 9.46 0.02 6.21
N ASP A 52 10.17 1.06 5.76
CA ASP A 52 10.60 2.12 6.67
C ASP A 52 9.41 2.98 7.09
N ARG A 53 9.30 3.23 8.40
CA ARG A 53 8.20 4.03 8.92
C ARG A 53 8.68 4.90 10.06
N TRP A 54 7.83 5.84 10.49
CA TRP A 54 8.22 6.73 11.60
C TRP A 54 7.66 6.25 12.93
N PRO A 55 8.39 6.41 14.01
CA PRO A 55 7.91 5.98 15.35
C PRO A 55 6.72 6.81 15.84
N GLU A 56 6.57 7.99 15.26
CA GLU A 56 5.47 8.87 15.67
C GLU A 56 4.13 8.18 15.47
N THR A 57 3.89 7.70 14.25
CA THR A 57 2.64 7.02 13.95
C THR A 57 2.92 5.63 13.34
N GLY A 58 4.12 5.45 12.79
CA GLY A 58 4.47 4.17 12.17
C GLY A 58 3.98 4.09 10.74
N TYR A 59 3.80 5.23 10.10
CA TYR A 59 3.33 5.24 8.72
C TYR A 59 4.50 5.23 7.76
N VAL A 60 4.21 4.83 6.53
CA VAL A 60 5.24 4.73 5.51
C VAL A 60 5.95 6.06 5.34
N LYS A 61 7.26 6.05 5.50
CA LYS A 61 8.06 7.25 5.35
C LYS A 61 8.16 7.65 3.89
N LYS A 62 8.56 6.69 3.06
CA LYS A 62 8.70 6.95 1.63
C LYS A 62 8.30 5.72 0.85
N LEU A 63 7.78 5.93 -0.35
CA LEU A 63 7.36 4.80 -1.18
C LEU A 63 7.58 5.12 -2.66
N GLN A 64 8.09 4.14 -3.39
CA GLN A 64 8.36 4.32 -4.81
C GLN A 64 7.13 3.96 -5.65
N ARG A 65 6.78 4.84 -6.57
CA ARG A 65 5.63 4.60 -7.42
C ARG A 65 5.97 3.64 -8.55
N ARG A 66 4.96 3.33 -9.37
CA ARG A 66 5.17 2.41 -10.49
C ARG A 66 5.99 3.10 -11.57
N ASP A 67 6.15 4.40 -11.43
CA ASP A 67 6.92 5.17 -12.40
C ASP A 67 8.38 5.30 -11.98
N ASN A 68 8.77 4.54 -10.95
CA ASN A 68 10.13 4.58 -10.43
C ASN A 68 10.46 5.94 -9.82
N THR A 69 9.45 6.55 -9.20
CA THR A 69 9.63 7.85 -8.56
C THR A 69 9.35 7.76 -7.07
N PHE A 70 10.27 8.28 -6.26
CA PHE A 70 10.10 8.24 -4.81
C PHE A 70 9.06 9.27 -4.37
N PHE A 71 8.06 8.80 -3.64
CA PHE A 71 7.00 9.68 -3.16
C PHE A 71 7.01 9.75 -1.64
N TYR A 72 7.18 10.95 -1.11
CA TYR A 72 7.21 11.14 0.33
C TYR A 72 5.79 11.20 0.89
N TYR A 73 5.55 10.47 1.97
CA TYR A 73 4.24 10.43 2.60
C TYR A 73 4.26 11.14 3.95
N ASN A 74 3.09 11.64 4.37
CA ASN A 74 2.98 12.34 5.64
C ASN A 74 2.89 11.35 6.79
N LYS A 75 3.87 11.40 7.67
CA LYS A 75 3.88 10.51 8.81
C LYS A 75 2.79 10.89 9.80
N GLU A 76 2.19 12.06 9.59
CA GLU A 76 1.17 12.51 10.52
C GLU A 76 -0.20 12.05 10.15
N ARG A 77 -0.32 11.76 8.87
CA ARG A 77 -1.52 11.30 8.19
C ARG A 77 -1.80 12.14 6.93
N GLU A 78 -2.08 11.46 5.79
CA GLU A 78 -2.40 12.16 4.54
C GLU A 78 -3.81 11.80 4.03
N CYS A 79 -4.31 10.64 4.47
CA CYS A 79 -5.65 10.19 4.08
C CYS A 79 -6.75 10.88 4.88
N GLU A 80 -7.59 11.64 4.19
CA GLU A 80 -8.69 12.33 4.84
C GLU A 80 -9.97 11.51 4.78
N ASP A 81 -10.91 11.82 5.66
CA ASP A 81 -12.16 11.06 5.70
C ASP A 81 -12.75 10.96 4.30
N LYS A 82 -12.67 12.04 3.54
CA LYS A 82 -13.17 12.06 2.17
C LYS A 82 -12.43 11.04 1.33
N GLU A 83 -11.23 10.67 1.77
CA GLU A 83 -10.43 9.70 1.04
C GLU A 83 -10.87 8.28 1.40
N VAL A 84 -11.28 8.08 2.65
CA VAL A 84 -11.72 6.76 3.06
C VAL A 84 -12.85 6.29 2.17
N HIS A 85 -13.84 7.14 2.00
CA HIS A 85 -14.98 6.79 1.16
C HIS A 85 -14.53 6.55 -0.28
N LYS A 86 -13.66 7.43 -0.78
CA LYS A 86 -13.16 7.31 -2.14
C LYS A 86 -12.19 6.14 -2.26
N VAL A 87 -11.51 5.84 -1.16
CA VAL A 87 -10.54 4.75 -1.12
C VAL A 87 -11.23 3.40 -1.05
N LYS A 88 -10.71 2.44 -1.80
CA LYS A 88 -11.27 1.09 -1.81
C LYS A 88 -10.27 0.11 -1.19
N VAL A 89 -10.78 -0.85 -0.43
CA VAL A 89 -9.92 -1.83 0.22
C VAL A 89 -10.07 -3.19 -0.45
N TYR A 90 -8.94 -3.76 -0.87
CA TYR A 90 -8.97 -5.06 -1.53
C TYR A 90 -8.83 -6.17 -0.50
N VAL A 91 -9.59 -7.26 -0.69
CA VAL A 91 -9.55 -8.39 0.21
C VAL A 91 -9.31 -9.70 -0.56
N TYR A 92 -8.32 -10.46 -0.12
CA TYR A 92 -8.00 -11.72 -0.78
C TYR A 92 -8.70 -12.87 -0.05
#